data_2OMJ
#
_entry.id   2OMJ
#
_entity_poly.entity_id   1
_entity_poly.type   'polypeptide(L)'
_entity_poly.pdbx_seq_one_letter_code
;GSHMGLVQRCVIIQKDDNGFGLTVSGDNPVFVQSVKEDGAAMRAGVQTGDRIIKVNGTLVTHSNHLEVVKLIKSGSYVAL
TVQGRPPGS
;
_entity_poly.pdbx_strand_id   A
#
# COMPACT_ATOMS: atom_id res chain seq x y z
N GLY A 1 -10.97 20.09 8.62
CA GLY A 1 -11.19 18.92 7.74
C GLY A 1 -10.99 17.60 8.46
N SER A 2 -10.45 16.62 7.75
CA SER A 2 -10.20 15.31 8.33
C SER A 2 -8.71 15.01 8.41
N HIS A 3 -8.34 14.07 9.27
CA HIS A 3 -6.94 13.69 9.44
C HIS A 3 -6.12 14.90 9.92
N MET A 4 -4.89 14.63 10.36
CA MET A 4 -4.00 15.67 10.83
C MET A 4 -3.09 16.16 9.72
N GLY A 5 -2.08 15.36 9.39
CA GLY A 5 -1.16 15.73 8.34
C GLY A 5 -1.82 15.86 6.99
N LEU A 6 -2.69 14.90 6.67
CA LEU A 6 -3.40 14.90 5.40
C LEU A 6 -2.42 14.85 4.23
N VAL A 7 -1.28 14.20 4.44
CA VAL A 7 -0.26 14.08 3.41
C VAL A 7 -0.26 12.68 2.81
N GLN A 8 -0.28 12.61 1.48
CA GLN A 8 -0.28 11.33 0.78
C GLN A 8 0.86 11.26 -0.23
N ARG A 9 1.41 10.06 -0.41
CA ARG A 9 2.50 9.86 -1.35
C ARG A 9 2.21 8.69 -2.29
N CYS A 10 2.38 8.93 -3.59
CA CYS A 10 2.12 7.91 -4.59
C CYS A 10 3.31 6.96 -4.70
N VAL A 11 3.02 5.66 -4.64
CA VAL A 11 4.06 4.64 -4.74
C VAL A 11 3.58 3.44 -5.55
N ILE A 12 4.06 3.33 -6.79
CA ILE A 12 3.68 2.24 -7.67
C ILE A 12 4.54 1.00 -7.39
N ILE A 13 3.87 -0.12 -7.16
CA ILE A 13 4.56 -1.38 -6.89
C ILE A 13 4.66 -2.24 -8.15
N GLN A 14 5.81 -2.88 -8.33
CA GLN A 14 6.03 -3.74 -9.49
C GLN A 14 6.14 -5.21 -9.07
N LYS A 15 5.35 -6.06 -9.71
CA LYS A 15 5.36 -7.48 -9.40
C LYS A 15 6.59 -8.16 -9.99
N ASP A 16 7.16 -9.09 -9.24
CA ASP A 16 8.35 -9.81 -9.69
C ASP A 16 8.04 -11.29 -9.89
N ASP A 17 9.09 -12.08 -10.13
CA ASP A 17 8.94 -13.52 -10.32
C ASP A 17 8.32 -14.17 -9.10
N ASN A 18 8.60 -13.62 -7.93
CA ASN A 18 8.08 -14.14 -6.67
C ASN A 18 6.75 -13.49 -6.32
N GLY A 19 6.64 -12.19 -6.60
CA GLY A 19 5.42 -11.48 -6.31
C GLY A 19 5.63 -10.34 -5.34
N PHE A 20 4.57 -9.60 -5.04
CA PHE A 20 4.65 -8.48 -4.11
C PHE A 20 5.10 -8.94 -2.73
N GLY A 21 6.19 -8.35 -2.23
CA GLY A 21 6.70 -8.73 -0.94
C GLY A 21 5.91 -8.09 0.20
N LEU A 22 5.64 -6.80 0.08
CA LEU A 22 4.89 -6.08 1.11
C LEU A 22 3.52 -6.72 1.33
N THR A 23 3.09 -6.76 2.59
CA THR A 23 1.80 -7.35 2.95
C THR A 23 0.94 -6.35 3.71
N VAL A 24 -0.36 -6.40 3.48
CA VAL A 24 -1.30 -5.51 4.15
C VAL A 24 -2.35 -6.29 4.93
N SER A 25 -2.93 -5.65 5.93
CA SER A 25 -3.95 -6.30 6.75
C SER A 25 -4.96 -5.27 7.28
N GLY A 26 -6.25 -5.58 7.15
CA GLY A 26 -7.28 -4.67 7.61
C GLY A 26 -8.65 -5.06 7.12
N ASP A 27 -9.58 -5.25 8.05
CA ASP A 27 -10.95 -5.62 7.70
C ASP A 27 -11.59 -4.56 6.82
N ASN A 28 -12.04 -3.47 7.46
CA ASN A 28 -12.68 -2.38 6.73
C ASN A 28 -11.63 -1.55 5.98
N PRO A 29 -10.67 -0.95 6.70
CA PRO A 29 -9.62 -0.13 6.11
C PRO A 29 -8.55 -0.98 5.43
N VAL A 30 -7.43 -0.36 5.08
CA VAL A 30 -6.33 -1.06 4.42
C VAL A 30 -5.00 -0.38 4.71
N PHE A 31 -4.15 -1.06 5.49
CA PHE A 31 -2.84 -0.51 5.83
C PHE A 31 -1.76 -1.58 5.70
N VAL A 32 -0.59 -1.18 5.22
CA VAL A 32 0.53 -2.10 5.05
C VAL A 32 1.20 -2.39 6.37
N GLN A 33 1.31 -3.67 6.72
CA GLN A 33 1.92 -4.09 7.97
C GLN A 33 3.40 -4.42 7.75
N SER A 34 3.69 -5.12 6.67
CA SER A 34 5.06 -5.51 6.35
C SER A 34 5.47 -4.99 4.97
N VAL A 35 6.77 -4.77 4.78
CA VAL A 35 7.28 -4.27 3.51
C VAL A 35 8.55 -5.03 3.10
N LYS A 36 8.68 -5.28 1.80
CA LYS A 36 9.84 -5.99 1.28
C LYS A 36 11.11 -5.15 1.41
N GLU A 37 11.89 -5.43 2.44
CA GLU A 37 13.13 -4.70 2.67
C GLU A 37 14.17 -5.02 1.60
N ASP A 38 14.74 -3.99 1.01
CA ASP A 38 15.75 -4.16 -0.03
C ASP A 38 15.17 -4.92 -1.22
N GLY A 39 13.89 -4.72 -1.47
CA GLY A 39 13.24 -5.39 -2.58
C GLY A 39 12.36 -4.46 -3.40
N ALA A 40 11.33 -5.01 -4.02
CA ALA A 40 10.41 -4.21 -4.84
C ALA A 40 9.72 -3.14 -4.00
N ALA A 41 9.38 -3.48 -2.76
CA ALA A 41 8.71 -2.55 -1.87
C ALA A 41 9.64 -1.41 -1.48
N MET A 42 10.87 -1.75 -1.10
CA MET A 42 11.85 -0.75 -0.70
C MET A 42 12.17 0.18 -1.87
N ARG A 43 12.20 -0.37 -3.07
CA ARG A 43 12.50 0.42 -4.26
C ARG A 43 11.31 1.30 -4.65
N ALA A 44 10.10 0.83 -4.34
CA ALA A 44 8.89 1.57 -4.65
C ALA A 44 8.65 2.69 -3.63
N GLY A 45 9.34 2.62 -2.51
CA GLY A 45 9.18 3.63 -1.47
C GLY A 45 8.02 3.35 -0.55
N VAL A 46 7.98 2.14 0.00
CA VAL A 46 6.92 1.74 0.91
C VAL A 46 7.41 1.76 2.36
N GLN A 47 6.50 2.08 3.28
CA GLN A 47 6.84 2.14 4.69
C GLN A 47 5.99 1.15 5.50
N THR A 48 6.57 0.64 6.58
CA THR A 48 5.87 -0.32 7.44
C THR A 48 4.78 0.36 8.25
N GLY A 49 3.57 -0.18 8.19
CA GLY A 49 2.46 0.39 8.93
C GLY A 49 1.90 1.64 8.26
N ASP A 50 1.90 1.64 6.93
CA ASP A 50 1.38 2.77 6.17
C ASP A 50 -0.10 2.59 5.87
N ARG A 51 -0.82 3.71 5.75
CA ARG A 51 -2.25 3.68 5.46
C ARG A 51 -2.50 3.71 3.96
N ILE A 52 -3.43 2.88 3.50
CA ILE A 52 -3.76 2.81 2.07
C ILE A 52 -5.01 3.64 1.77
N ILE A 53 -4.87 4.61 0.89
CA ILE A 53 -5.98 5.47 0.51
C ILE A 53 -6.77 4.87 -0.65
N LYS A 54 -6.05 4.45 -1.69
CA LYS A 54 -6.67 3.86 -2.86
C LYS A 54 -5.66 3.04 -3.67
N VAL A 55 -6.16 2.16 -4.52
CA VAL A 55 -5.30 1.32 -5.35
C VAL A 55 -5.57 1.55 -6.84
N ASN A 56 -4.60 2.15 -7.51
CA ASN A 56 -4.72 2.43 -8.95
C ASN A 56 -5.92 3.35 -9.21
N GLY A 57 -6.09 4.35 -8.36
CA GLY A 57 -7.19 5.28 -8.52
C GLY A 57 -8.54 4.63 -8.26
N THR A 58 -8.55 3.61 -7.41
CA THR A 58 -9.78 2.89 -7.08
C THR A 58 -9.88 2.66 -5.58
N LEU A 59 -10.88 3.28 -4.95
CA LEU A 59 -11.08 3.14 -3.51
C LEU A 59 -11.35 1.68 -3.15
N VAL A 60 -10.93 1.29 -1.94
CA VAL A 60 -11.14 -0.08 -1.48
C VAL A 60 -12.22 -0.14 -0.41
N THR A 61 -13.34 -0.76 -0.75
CA THR A 61 -14.46 -0.89 0.19
C THR A 61 -14.69 -2.35 0.56
N HIS A 62 -15.68 -2.58 1.41
CA HIS A 62 -16.01 -3.95 1.84
C HIS A 62 -14.83 -4.58 2.57
N SER A 63 -15.13 -5.50 3.47
CA SER A 63 -14.10 -6.20 4.24
C SER A 63 -13.75 -7.54 3.60
N ASN A 64 -12.57 -7.61 3.00
CA ASN A 64 -12.11 -8.84 2.35
C ASN A 64 -10.67 -8.69 1.85
N HIS A 65 -9.74 -9.29 2.57
CA HIS A 65 -8.33 -9.23 2.20
C HIS A 65 -8.11 -9.83 0.81
N LEU A 66 -8.83 -10.91 0.52
CA LEU A 66 -8.72 -11.58 -0.77
C LEU A 66 -8.97 -10.61 -1.90
N GLU A 67 -9.99 -9.76 -1.73
CA GLU A 67 -10.33 -8.78 -2.74
C GLU A 67 -9.18 -7.80 -2.94
N VAL A 68 -8.61 -7.35 -1.83
CA VAL A 68 -7.48 -6.43 -1.88
C VAL A 68 -6.29 -7.09 -2.56
N VAL A 69 -6.00 -8.32 -2.15
CA VAL A 69 -4.90 -9.08 -2.72
C VAL A 69 -5.13 -9.28 -4.21
N LYS A 70 -6.36 -9.67 -4.56
CA LYS A 70 -6.71 -9.90 -5.96
C LYS A 70 -6.63 -8.58 -6.74
N LEU A 71 -7.05 -7.50 -6.08
CA LEU A 71 -7.01 -6.19 -6.70
C LEU A 71 -5.57 -5.75 -6.96
N ILE A 72 -4.71 -5.96 -5.96
CA ILE A 72 -3.30 -5.61 -6.09
C ILE A 72 -2.60 -6.51 -7.09
N LYS A 73 -2.90 -7.81 -7.02
CA LYS A 73 -2.30 -8.77 -7.94
C LYS A 73 -2.92 -8.68 -9.32
N SER A 74 -4.04 -7.98 -9.44
CA SER A 74 -4.73 -7.82 -10.72
C SER A 74 -3.75 -7.51 -11.85
N GLY A 75 -2.65 -6.84 -11.52
CA GLY A 75 -1.65 -6.52 -12.53
C GLY A 75 -0.26 -6.37 -11.94
N SER A 76 0.75 -6.55 -12.79
CA SER A 76 2.14 -6.43 -12.35
C SER A 76 2.40 -5.06 -11.72
N TYR A 77 2.13 -4.01 -12.48
CA TYR A 77 2.34 -2.65 -12.00
C TYR A 77 1.02 -2.03 -11.58
N VAL A 78 0.86 -1.79 -10.28
CA VAL A 78 -0.36 -1.20 -9.75
C VAL A 78 -0.04 -0.08 -8.77
N ALA A 79 -0.66 1.08 -8.98
CA ALA A 79 -0.44 2.23 -8.11
C ALA A 79 -1.09 2.01 -6.75
N LEU A 80 -0.44 2.51 -5.70
CA LEU A 80 -0.95 2.36 -4.35
C LEU A 80 -0.82 3.66 -3.57
N THR A 81 -1.87 4.47 -3.58
CA THR A 81 -1.88 5.73 -2.86
C THR A 81 -1.98 5.49 -1.36
N VAL A 82 -0.89 5.78 -0.64
CA VAL A 82 -0.86 5.59 0.80
C VAL A 82 -0.76 6.92 1.53
N GLN A 83 -0.86 6.87 2.85
CA GLN A 83 -0.78 8.07 3.67
C GLN A 83 0.10 7.84 4.89
N GLY A 84 0.92 8.84 5.22
CA GLY A 84 1.80 8.71 6.37
C GLY A 84 2.73 9.90 6.51
N ARG A 85 2.87 10.40 7.73
CA ARG A 85 3.73 11.54 8.00
C ARG A 85 5.01 11.10 8.70
N PRO A 86 6.18 11.28 8.05
CA PRO A 86 7.47 10.89 8.63
C PRO A 86 7.68 11.48 10.03
N PRO A 87 8.74 11.05 10.73
CA PRO A 87 9.05 11.53 12.07
C PRO A 87 9.09 13.05 12.15
N GLY A 88 9.27 13.58 13.35
CA GLY A 88 9.32 15.02 13.54
C GLY A 88 10.49 15.45 14.40
N SER A 89 11.57 14.66 14.37
CA SER A 89 12.76 14.96 15.15
C SER A 89 12.43 15.04 16.64
N GLY A 1 3.56 14.96 19.72
CA GLY A 1 4.36 16.18 19.37
C GLY A 1 3.84 16.87 18.12
N SER A 2 4.47 17.98 17.75
CA SER A 2 4.07 18.73 16.59
C SER A 2 4.19 17.88 15.31
N HIS A 3 3.08 17.24 14.94
CA HIS A 3 3.07 16.40 13.75
C HIS A 3 1.65 16.28 13.20
N MET A 4 1.40 16.94 12.07
CA MET A 4 0.08 16.90 11.44
C MET A 4 -0.19 15.52 10.84
N GLY A 5 0.71 15.07 9.97
CA GLY A 5 0.55 13.77 9.35
C GLY A 5 -0.61 13.74 8.37
N LEU A 6 -0.60 14.66 7.41
CA LEU A 6 -1.66 14.74 6.41
C LEU A 6 -1.08 14.76 5.01
N VAL A 7 -0.01 14.02 4.80
CA VAL A 7 0.65 13.95 3.50
C VAL A 7 0.42 12.60 2.83
N GLN A 8 0.32 12.61 1.51
CA GLN A 8 0.09 11.38 0.76
C GLN A 8 1.17 11.19 -0.31
N ARG A 9 1.41 9.94 -0.69
CA ARG A 9 2.42 9.63 -1.70
C ARG A 9 1.99 8.43 -2.54
N CYS A 10 2.06 8.59 -3.86
CA CYS A 10 1.68 7.51 -4.78
C CYS A 10 2.81 6.50 -4.94
N VAL A 11 2.68 5.36 -4.29
CA VAL A 11 3.69 4.32 -4.36
C VAL A 11 3.32 3.25 -5.39
N ILE A 12 4.10 3.15 -6.45
CA ILE A 12 3.84 2.18 -7.51
C ILE A 12 4.79 0.99 -7.39
N ILE A 13 4.29 -0.11 -6.83
CA ILE A 13 5.08 -1.32 -6.66
C ILE A 13 4.94 -2.25 -7.85
N GLN A 14 6.06 -2.76 -8.34
CA GLN A 14 6.06 -3.66 -9.49
C GLN A 14 6.35 -5.09 -9.05
N LYS A 15 5.44 -6.00 -9.40
CA LYS A 15 5.61 -7.41 -9.03
C LYS A 15 6.79 -8.03 -9.77
N ASP A 16 7.57 -8.83 -9.06
CA ASP A 16 8.73 -9.48 -9.63
C ASP A 16 8.57 -11.00 -9.63
N ASP A 17 9.64 -11.71 -9.98
CA ASP A 17 9.61 -13.17 -10.01
C ASP A 17 9.27 -13.74 -8.64
N ASN A 18 9.70 -13.03 -7.59
CA ASN A 18 9.44 -13.47 -6.23
C ASN A 18 8.04 -13.08 -5.77
N GLY A 19 7.58 -11.90 -6.22
CA GLY A 19 6.26 -11.44 -5.86
C GLY A 19 6.30 -10.32 -4.83
N PHE A 20 5.17 -9.65 -4.65
CA PHE A 20 5.07 -8.54 -3.70
C PHE A 20 5.39 -9.02 -2.29
N GLY A 21 6.54 -8.61 -1.77
CA GLY A 21 6.95 -9.00 -0.43
C GLY A 21 6.14 -8.28 0.64
N LEU A 22 5.70 -7.07 0.34
CA LEU A 22 4.93 -6.27 1.29
C LEU A 22 3.56 -6.91 1.52
N THR A 23 3.24 -7.15 2.79
CA THR A 23 1.95 -7.75 3.15
C THR A 23 0.98 -6.69 3.69
N VAL A 24 -0.27 -6.80 3.29
CA VAL A 24 -1.30 -5.85 3.72
C VAL A 24 -2.41 -6.56 4.48
N SER A 25 -2.83 -5.97 5.60
CA SER A 25 -3.87 -6.55 6.42
C SER A 25 -4.68 -5.46 7.13
N GLY A 26 -6.00 -5.57 7.06
CA GLY A 26 -6.85 -4.58 7.70
C GLY A 26 -8.32 -4.95 7.61
N ASP A 27 -8.98 -5.02 8.76
CA ASP A 27 -10.40 -5.37 8.81
C ASP A 27 -11.22 -4.39 7.97
N ASN A 28 -11.45 -3.20 8.53
CA ASN A 28 -12.22 -2.17 7.84
C ASN A 28 -11.35 -1.44 6.82
N PRO A 29 -10.27 -0.79 7.27
CA PRO A 29 -9.37 -0.05 6.39
C PRO A 29 -8.40 -0.97 5.65
N VAL A 30 -7.38 -0.38 5.02
CA VAL A 30 -6.39 -1.15 4.29
C VAL A 30 -5.02 -0.49 4.38
N PHE A 31 -4.20 -0.98 5.31
CA PHE A 31 -2.86 -0.44 5.50
C PHE A 31 -1.82 -1.55 5.43
N VAL A 32 -0.65 -1.22 4.89
CA VAL A 32 0.44 -2.17 4.76
C VAL A 32 1.13 -2.41 6.10
N GLN A 33 1.12 -3.65 6.56
CA GLN A 33 1.75 -4.01 7.83
C GLN A 33 3.23 -4.30 7.64
N SER A 34 3.55 -5.12 6.65
CA SER A 34 4.93 -5.48 6.37
C SER A 34 5.32 -5.04 4.96
N VAL A 35 6.57 -4.61 4.81
CA VAL A 35 7.07 -4.16 3.51
C VAL A 35 8.46 -4.71 3.23
N LYS A 36 8.67 -5.17 2.01
CA LYS A 36 9.97 -5.72 1.61
C LYS A 36 11.04 -4.63 1.63
N GLU A 37 12.01 -4.78 2.53
CA GLU A 37 13.09 -3.80 2.65
C GLU A 37 14.32 -4.26 1.88
N ASP A 38 14.10 -4.82 0.70
CA ASP A 38 15.19 -5.30 -0.13
C ASP A 38 14.66 -5.82 -1.47
N GLY A 39 13.61 -5.17 -1.97
CA GLY A 39 13.03 -5.59 -3.23
C GLY A 39 12.12 -4.52 -3.82
N ALA A 40 10.99 -4.96 -4.38
CA ALA A 40 10.04 -4.04 -4.99
C ALA A 40 9.50 -3.04 -3.97
N ALA A 41 9.12 -3.56 -2.80
CA ALA A 41 8.59 -2.71 -1.74
C ALA A 41 9.59 -1.63 -1.33
N MET A 42 10.84 -2.04 -1.12
CA MET A 42 11.89 -1.12 -0.72
C MET A 42 12.17 -0.11 -1.83
N ARG A 43 12.19 -0.59 -3.07
CA ARG A 43 12.43 0.27 -4.22
C ARG A 43 11.23 1.17 -4.50
N ALA A 44 10.05 0.68 -4.16
CA ALA A 44 8.82 1.44 -4.37
C ALA A 44 8.71 2.59 -3.39
N GLY A 45 9.51 2.55 -2.32
CA GLY A 45 9.48 3.61 -1.33
C GLY A 45 8.31 3.46 -0.36
N VAL A 46 7.94 2.23 -0.06
CA VAL A 46 6.84 1.97 0.85
C VAL A 46 7.33 1.86 2.29
N GLN A 47 6.49 2.27 3.24
CA GLN A 47 6.85 2.24 4.65
C GLN A 47 6.00 1.20 5.39
N THR A 48 6.46 0.82 6.59
CA THR A 48 5.74 -0.15 7.40
C THR A 48 4.59 0.50 8.15
N GLY A 49 3.39 -0.06 7.99
CA GLY A 49 2.22 0.49 8.65
C GLY A 49 1.62 1.65 7.88
N ASP A 50 1.78 1.64 6.56
CA ASP A 50 1.25 2.69 5.71
C ASP A 50 -0.24 2.49 5.45
N ARG A 51 -0.99 3.58 5.44
CA ARG A 51 -2.43 3.51 5.20
C ARG A 51 -2.74 3.72 3.72
N ILE A 52 -3.62 2.89 3.18
CA ILE A 52 -3.99 2.99 1.77
C ILE A 52 -5.35 3.66 1.61
N ILE A 53 -5.37 4.81 0.92
CA ILE A 53 -6.60 5.54 0.70
C ILE A 53 -7.33 5.02 -0.54
N LYS A 54 -6.57 4.79 -1.61
CA LYS A 54 -7.15 4.29 -2.85
C LYS A 54 -6.14 3.46 -3.62
N VAL A 55 -6.63 2.46 -4.35
CA VAL A 55 -5.77 1.58 -5.14
C VAL A 55 -6.20 1.55 -6.59
N ASN A 56 -5.31 1.97 -7.48
CA ASN A 56 -5.60 1.99 -8.91
C ASN A 56 -6.84 2.83 -9.21
N GLY A 57 -6.89 4.03 -8.64
CA GLY A 57 -8.03 4.90 -8.86
C GLY A 57 -9.32 4.33 -8.31
N THR A 58 -9.19 3.50 -7.27
CA THR A 58 -10.36 2.88 -6.65
C THR A 58 -10.28 2.98 -5.13
N LEU A 59 -11.06 3.89 -4.55
CA LEU A 59 -11.08 4.08 -3.11
C LEU A 59 -11.55 2.82 -2.40
N VAL A 60 -11.41 2.80 -1.08
CA VAL A 60 -11.82 1.65 -0.27
C VAL A 60 -13.15 1.91 0.43
N THR A 61 -13.95 0.87 0.59
CA THR A 61 -15.25 0.99 1.25
C THR A 61 -15.69 -0.35 1.83
N HIS A 62 -15.58 -1.40 1.03
CA HIS A 62 -15.96 -2.73 1.47
C HIS A 62 -15.03 -3.79 0.88
N SER A 63 -13.78 -3.41 0.66
CA SER A 63 -12.79 -4.33 0.10
C SER A 63 -12.08 -5.10 1.20
N ASN A 64 -12.07 -6.43 1.08
CA ASN A 64 -11.42 -7.28 2.07
C ASN A 64 -10.01 -7.66 1.62
N HIS A 65 -9.38 -8.54 2.37
CA HIS A 65 -8.02 -9.01 2.04
C HIS A 65 -7.98 -9.60 0.65
N LEU A 66 -8.86 -10.56 0.38
CA LEU A 66 -8.93 -11.22 -0.92
C LEU A 66 -9.11 -10.19 -2.03
N GLU A 67 -9.99 -9.23 -1.80
CA GLU A 67 -10.25 -8.18 -2.78
C GLU A 67 -8.98 -7.37 -3.04
N VAL A 68 -8.29 -7.02 -1.97
CA VAL A 68 -7.05 -6.27 -2.08
C VAL A 68 -5.99 -7.08 -2.82
N VAL A 69 -5.86 -8.34 -2.42
CA VAL A 69 -4.90 -9.24 -3.06
C VAL A 69 -5.24 -9.41 -4.54
N LYS A 70 -6.52 -9.57 -4.83
CA LYS A 70 -6.97 -9.71 -6.21
C LYS A 70 -6.74 -8.43 -6.98
N LEU A 71 -6.98 -7.29 -6.32
CA LEU A 71 -6.78 -5.99 -6.94
C LEU A 71 -5.30 -5.77 -7.25
N ILE A 72 -4.45 -6.04 -6.27
CA ILE A 72 -3.01 -5.88 -6.44
C ILE A 72 -2.47 -6.92 -7.42
N LYS A 73 -2.96 -8.15 -7.30
CA LYS A 73 -2.54 -9.24 -8.17
C LYS A 73 -3.13 -9.10 -9.57
N SER A 74 -4.20 -8.32 -9.68
CA SER A 74 -4.87 -8.11 -10.96
C SER A 74 -3.87 -7.69 -12.04
N GLY A 75 -2.80 -7.03 -11.62
CA GLY A 75 -1.80 -6.59 -12.59
C GLY A 75 -0.41 -6.51 -11.97
N SER A 76 0.61 -6.56 -12.82
CA SER A 76 1.99 -6.51 -12.36
C SER A 76 2.28 -5.16 -11.70
N TYR A 77 1.88 -4.08 -12.36
CA TYR A 77 2.10 -2.73 -11.85
C TYR A 77 0.87 -2.24 -11.09
N VAL A 78 1.01 -2.07 -9.78
CA VAL A 78 -0.08 -1.60 -8.95
C VAL A 78 0.24 -0.25 -8.31
N ALA A 79 -0.61 0.73 -8.56
CA ALA A 79 -0.42 2.07 -8.01
C ALA A 79 -1.57 2.45 -7.07
N LEU A 80 -1.26 2.54 -5.78
CA LEU A 80 -2.26 2.89 -4.78
C LEU A 80 -1.80 4.07 -3.93
N THR A 81 -2.69 5.03 -3.73
CA THR A 81 -2.38 6.21 -2.94
C THR A 81 -2.47 5.91 -1.45
N VAL A 82 -1.34 6.01 -0.76
CA VAL A 82 -1.29 5.74 0.67
C VAL A 82 -0.98 7.00 1.47
N GLN A 83 -1.00 6.88 2.79
CA GLN A 83 -0.72 8.01 3.67
C GLN A 83 0.27 7.61 4.76
N GLY A 84 1.31 8.43 4.94
CA GLY A 84 2.31 8.16 5.95
C GLY A 84 3.64 8.81 5.63
N ARG A 85 4.50 8.91 6.63
CA ARG A 85 5.82 9.52 6.46
C ARG A 85 6.92 8.48 6.65
N PRO A 86 8.02 8.59 5.87
CA PRO A 86 9.15 7.66 5.97
C PRO A 86 10.00 7.90 7.22
N PRO A 87 10.28 6.84 8.00
CA PRO A 87 11.09 6.96 9.22
C PRO A 87 12.56 7.22 8.93
N GLY A 88 13.13 8.19 9.62
CA GLY A 88 14.53 8.53 9.42
C GLY A 88 15.44 7.81 10.40
N SER A 89 15.16 6.54 10.66
CA SER A 89 15.96 5.75 11.59
C SER A 89 16.34 4.41 10.97
N GLY A 1 5.11 17.32 19.67
CA GLY A 1 6.07 16.78 18.67
C GLY A 1 5.59 16.96 17.24
N SER A 2 4.66 16.10 16.82
CA SER A 2 4.13 16.18 15.47
C SER A 2 2.78 16.90 15.46
N HIS A 3 2.20 17.04 14.27
CA HIS A 3 0.92 17.72 14.12
C HIS A 3 -0.14 16.77 13.56
N MET A 4 0.26 15.94 12.60
CA MET A 4 -0.65 14.98 11.99
C MET A 4 -1.82 15.70 11.32
N GLY A 5 -1.59 16.18 10.10
CA GLY A 5 -2.64 16.87 9.38
C GLY A 5 -3.21 16.03 8.25
N LEU A 6 -2.60 16.13 7.07
CA LEU A 6 -3.05 15.38 5.91
C LEU A 6 -1.99 15.36 4.82
N VAL A 7 -1.17 14.31 4.81
CA VAL A 7 -0.12 14.18 3.82
C VAL A 7 -0.09 12.78 3.22
N GLN A 8 -0.31 12.70 1.91
CA GLN A 8 -0.33 11.42 1.22
C GLN A 8 0.76 11.37 0.14
N ARG A 9 1.20 10.17 -0.20
CA ARG A 9 2.23 9.98 -1.21
C ARG A 9 1.92 8.79 -2.10
N CYS A 10 2.08 8.98 -3.41
CA CYS A 10 1.81 7.92 -4.37
C CYS A 10 3.04 7.02 -4.56
N VAL A 11 2.82 5.72 -4.57
CA VAL A 11 3.89 4.76 -4.74
C VAL A 11 3.53 3.70 -5.76
N ILE A 12 4.50 3.28 -6.57
CA ILE A 12 4.28 2.27 -7.59
C ILE A 12 5.15 1.05 -7.34
N ILE A 13 4.49 -0.08 -7.03
CA ILE A 13 5.21 -1.32 -6.77
C ILE A 13 5.08 -2.29 -7.94
N GLN A 14 6.16 -3.03 -8.21
CA GLN A 14 6.17 -3.99 -9.31
C GLN A 14 6.08 -5.42 -8.79
N LYS A 15 5.36 -6.27 -9.51
CA LYS A 15 5.20 -7.66 -9.11
C LYS A 15 6.40 -8.50 -9.56
N ASP A 16 6.84 -9.39 -8.69
CA ASP A 16 7.98 -10.25 -8.99
C ASP A 16 7.52 -11.66 -9.35
N ASP A 17 8.46 -12.60 -9.43
CA ASP A 17 8.15 -13.98 -9.76
C ASP A 17 7.16 -14.57 -8.77
N ASN A 18 7.26 -14.16 -7.51
CA ASN A 18 6.37 -14.64 -6.46
C ASN A 18 5.20 -13.69 -6.26
N GLY A 19 5.45 -12.40 -6.41
CA GLY A 19 4.41 -11.41 -6.24
C GLY A 19 4.91 -10.15 -5.55
N PHE A 20 4.47 -9.95 -4.32
CA PHE A 20 4.87 -8.78 -3.54
C PHE A 20 5.48 -9.19 -2.20
N GLY A 21 6.62 -8.60 -1.87
CA GLY A 21 7.29 -8.92 -0.62
C GLY A 21 6.59 -8.30 0.59
N LEU A 22 6.13 -7.06 0.43
CA LEU A 22 5.44 -6.36 1.50
C LEU A 22 4.17 -7.09 1.91
N THR A 23 3.92 -7.14 3.22
CA THR A 23 2.74 -7.81 3.74
C THR A 23 1.67 -6.80 4.15
N VAL A 24 0.45 -7.02 3.70
CA VAL A 24 -0.66 -6.12 4.01
C VAL A 24 -1.76 -6.84 4.78
N SER A 25 -2.34 -6.17 5.75
CA SER A 25 -3.41 -6.75 6.55
C SER A 25 -4.37 -5.67 7.04
N GLY A 26 -5.67 -5.92 6.86
CA GLY A 26 -6.68 -4.95 7.29
C GLY A 26 -8.08 -5.42 7.01
N ASP A 27 -8.83 -5.68 8.08
CA ASP A 27 -10.22 -6.13 7.94
C ASP A 27 -11.05 -5.09 7.20
N ASN A 28 -11.38 -4.00 7.88
CA ASN A 28 -12.17 -2.93 7.29
C ASN A 28 -11.29 -2.03 6.42
N PRO A 29 -10.29 -1.38 7.01
CA PRO A 29 -9.37 -0.49 6.28
C PRO A 29 -8.33 -1.26 5.49
N VAL A 30 -7.34 -0.55 4.97
CA VAL A 30 -6.27 -1.16 4.18
C VAL A 30 -4.93 -0.47 4.46
N PHE A 31 -4.09 -1.13 5.24
CA PHE A 31 -2.77 -0.57 5.57
C PHE A 31 -1.70 -1.66 5.52
N VAL A 32 -0.48 -1.27 5.17
CA VAL A 32 0.63 -2.20 5.09
C VAL A 32 1.29 -2.38 6.45
N GLN A 33 1.53 -3.63 6.83
CA GLN A 33 2.14 -3.94 8.11
C GLN A 33 3.66 -4.08 7.96
N SER A 34 4.09 -4.62 6.83
CA SER A 34 5.52 -4.81 6.57
C SER A 34 5.85 -4.55 5.10
N VAL A 35 7.07 -4.14 4.83
CA VAL A 35 7.51 -3.87 3.47
C VAL A 35 8.90 -4.45 3.21
N LYS A 36 9.07 -5.10 2.05
CA LYS A 36 10.35 -5.69 1.70
C LYS A 36 11.43 -4.62 1.64
N GLU A 37 12.40 -4.71 2.54
CA GLU A 37 13.50 -3.75 2.58
C GLU A 37 14.68 -4.24 1.77
N ASP A 38 14.40 -4.77 0.58
CA ASP A 38 15.45 -5.26 -0.31
C ASP A 38 14.84 -5.74 -1.63
N GLY A 39 13.81 -5.03 -2.08
CA GLY A 39 13.16 -5.39 -3.33
C GLY A 39 12.28 -4.28 -3.86
N ALA A 40 11.21 -4.67 -4.55
CA ALA A 40 10.27 -3.70 -5.12
C ALA A 40 9.64 -2.84 -4.03
N ALA A 41 9.37 -3.45 -2.88
CA ALA A 41 8.75 -2.74 -1.76
C ALA A 41 9.62 -1.57 -1.31
N MET A 42 10.91 -1.83 -1.14
CA MET A 42 11.85 -0.80 -0.71
C MET A 42 12.06 0.24 -1.81
N ARG A 43 12.37 -0.25 -3.01
CA ARG A 43 12.61 0.63 -4.15
C ARG A 43 11.36 1.45 -4.47
N ALA A 44 10.19 0.88 -4.20
CA ALA A 44 8.93 1.55 -4.46
C ALA A 44 8.69 2.70 -3.49
N GLY A 45 9.45 2.72 -2.40
CA GLY A 45 9.31 3.78 -1.42
C GLY A 45 8.20 3.49 -0.43
N VAL A 46 7.93 2.22 -0.18
CA VAL A 46 6.88 1.82 0.75
C VAL A 46 7.40 1.80 2.19
N GLN A 47 6.50 2.04 3.14
CA GLN A 47 6.88 2.05 4.55
C GLN A 47 5.98 1.14 5.36
N THR A 48 6.55 0.50 6.38
CA THR A 48 5.80 -0.40 7.25
C THR A 48 4.80 0.37 8.09
N GLY A 49 3.56 -0.10 8.11
CA GLY A 49 2.53 0.54 8.89
C GLY A 49 1.93 1.74 8.18
N ASP A 50 1.90 1.67 6.85
CA ASP A 50 1.34 2.76 6.05
C ASP A 50 -0.12 2.50 5.71
N ARG A 51 -0.89 3.57 5.58
CA ARG A 51 -2.31 3.45 5.27
C ARG A 51 -2.55 3.61 3.76
N ILE A 52 -3.49 2.83 3.24
CA ILE A 52 -3.82 2.88 1.82
C ILE A 52 -5.16 3.57 1.58
N ILE A 53 -5.15 4.60 0.73
CA ILE A 53 -6.37 5.35 0.43
C ILE A 53 -7.05 4.77 -0.81
N LYS A 54 -6.28 4.57 -1.87
CA LYS A 54 -6.83 4.03 -3.11
C LYS A 54 -5.77 3.25 -3.87
N VAL A 55 -6.21 2.34 -4.74
CA VAL A 55 -5.30 1.52 -5.53
C VAL A 55 -5.66 1.58 -7.01
N ASN A 56 -4.78 2.16 -7.81
CA ASN A 56 -5.00 2.28 -9.25
C ASN A 56 -6.28 3.07 -9.54
N GLY A 57 -6.38 4.25 -8.96
CA GLY A 57 -7.56 5.08 -9.16
C GLY A 57 -8.83 4.39 -8.74
N THR A 58 -8.72 3.47 -7.78
CA THR A 58 -9.88 2.73 -7.29
C THR A 58 -9.64 2.24 -5.87
N LEU A 59 -10.59 2.53 -4.99
CA LEU A 59 -10.49 2.10 -3.59
C LEU A 59 -10.39 0.58 -3.48
N VAL A 60 -10.48 0.07 -2.26
CA VAL A 60 -10.39 -1.36 -2.02
C VAL A 60 -11.78 -1.98 -1.89
N THR A 61 -12.73 -1.44 -2.64
CA THR A 61 -14.11 -1.94 -2.61
C THR A 61 -14.76 -1.64 -1.26
N HIS A 62 -14.32 -2.34 -0.22
CA HIS A 62 -14.85 -2.16 1.12
C HIS A 62 -14.12 -3.02 2.14
N SER A 63 -14.25 -4.33 2.00
CA SER A 63 -13.59 -5.26 2.90
C SER A 63 -13.08 -6.49 2.15
N ASN A 64 -12.78 -7.57 2.89
CA ASN A 64 -12.29 -8.80 2.30
C ASN A 64 -10.87 -8.62 1.76
N HIS A 65 -9.91 -9.28 2.40
CA HIS A 65 -8.52 -9.19 1.99
C HIS A 65 -8.31 -9.80 0.60
N LEU A 66 -9.05 -10.87 0.32
CA LEU A 66 -8.95 -11.55 -0.97
C LEU A 66 -9.19 -10.57 -2.11
N GLU A 67 -10.16 -9.68 -1.93
CA GLU A 67 -10.47 -8.68 -2.94
C GLU A 67 -9.29 -7.74 -3.11
N VAL A 68 -8.69 -7.35 -1.98
CA VAL A 68 -7.54 -6.46 -2.01
C VAL A 68 -6.37 -7.13 -2.70
N VAL A 69 -6.12 -8.38 -2.33
CA VAL A 69 -5.03 -9.15 -2.92
C VAL A 69 -5.28 -9.35 -4.41
N LYS A 70 -6.51 -9.70 -4.76
CA LYS A 70 -6.88 -9.92 -6.16
C LYS A 70 -6.78 -8.62 -6.94
N LEU A 71 -7.19 -7.52 -6.30
CA LEU A 71 -7.14 -6.22 -6.94
C LEU A 71 -5.70 -5.76 -7.13
N ILE A 72 -4.89 -5.94 -6.09
CA ILE A 72 -3.48 -5.55 -6.16
C ILE A 72 -2.71 -6.48 -7.09
N LYS A 73 -3.08 -7.75 -7.09
CA LYS A 73 -2.42 -8.73 -7.94
C LYS A 73 -2.82 -8.54 -9.40
N SER A 74 -4.02 -8.03 -9.63
CA SER A 74 -4.51 -7.80 -10.98
C SER A 74 -3.68 -6.74 -11.69
N GLY A 75 -2.53 -7.15 -12.20
CA GLY A 75 -1.65 -6.23 -12.90
C GLY A 75 -0.24 -6.24 -12.35
N SER A 76 0.74 -6.07 -13.22
CA SER A 76 2.14 -6.07 -12.83
C SER A 76 2.47 -4.81 -12.02
N TYR A 77 2.17 -3.65 -12.59
CA TYR A 77 2.43 -2.37 -11.93
C TYR A 77 1.16 -1.85 -11.26
N VAL A 78 1.22 -1.68 -9.95
CA VAL A 78 0.08 -1.18 -9.20
C VAL A 78 0.45 0.06 -8.38
N ALA A 79 -0.16 1.20 -8.73
CA ALA A 79 0.11 2.44 -8.03
C ALA A 79 -1.06 2.82 -7.12
N LEU A 80 -0.86 2.64 -5.81
CA LEU A 80 -1.90 2.96 -4.84
C LEU A 80 -1.48 4.16 -3.98
N THR A 81 -2.45 5.03 -3.69
CA THR A 81 -2.19 6.21 -2.88
C THR A 81 -2.30 5.89 -1.39
N VAL A 82 -1.22 6.10 -0.66
CA VAL A 82 -1.18 5.83 0.77
C VAL A 82 -1.02 7.12 1.57
N GLN A 83 -1.09 6.99 2.90
CA GLN A 83 -0.95 8.14 3.78
C GLN A 83 -0.08 7.80 4.99
N GLY A 84 0.61 8.81 5.52
CA GLY A 84 1.47 8.59 6.66
C GLY A 84 2.31 9.82 7.00
N ARG A 85 2.38 10.14 8.29
CA ARG A 85 3.16 11.29 8.74
C ARG A 85 4.33 10.85 9.62
N PRO A 86 5.55 11.30 9.30
CA PRO A 86 6.75 10.95 10.07
C PRO A 86 6.58 11.23 11.57
N PRO A 87 6.44 10.17 12.38
CA PRO A 87 6.27 10.31 13.84
C PRO A 87 7.34 11.22 14.45
N GLY A 88 8.60 10.81 14.32
CA GLY A 88 9.69 11.60 14.87
C GLY A 88 9.87 11.38 16.36
N SER A 89 9.63 10.15 16.80
CA SER A 89 9.78 9.81 18.22
C SER A 89 8.84 10.64 19.08
N GLY A 1 4.25 17.06 0.82
CA GLY A 1 4.08 16.30 2.10
C GLY A 1 5.03 16.78 3.18
N SER A 2 4.51 17.60 4.10
CA SER A 2 5.32 18.12 5.19
C SER A 2 4.69 17.80 6.54
N HIS A 3 5.51 17.75 7.57
CA HIS A 3 5.03 17.45 8.92
C HIS A 3 4.26 18.63 9.49
N MET A 4 3.11 18.94 8.88
CA MET A 4 2.28 20.05 9.33
C MET A 4 0.94 19.53 9.86
N GLY A 5 0.43 18.49 9.24
CA GLY A 5 -0.83 17.92 9.67
C GLY A 5 -1.36 16.87 8.71
N LEU A 6 -1.06 17.05 7.42
CA LEU A 6 -1.51 16.10 6.40
C LEU A 6 -0.36 15.72 5.48
N VAL A 7 0.06 14.45 5.56
CA VAL A 7 1.15 13.95 4.75
C VAL A 7 0.69 12.77 3.88
N GLN A 8 0.65 12.98 2.57
CA GLN A 8 0.23 11.93 1.65
C GLN A 8 1.34 11.65 0.62
N ARG A 9 1.46 10.38 0.24
CA ARG A 9 2.47 9.97 -0.73
C ARG A 9 1.98 8.79 -1.56
N CYS A 10 2.40 8.75 -2.81
CA CYS A 10 2.01 7.66 -3.71
C CYS A 10 3.17 6.72 -3.98
N VAL A 11 2.90 5.43 -3.96
CA VAL A 11 3.93 4.42 -4.20
C VAL A 11 3.41 3.31 -5.12
N ILE A 12 4.14 3.07 -6.20
CA ILE A 12 3.76 2.04 -7.16
C ILE A 12 4.61 0.79 -6.98
N ILE A 13 4.00 -0.28 -6.46
CA ILE A 13 4.71 -1.53 -6.24
C ILE A 13 4.66 -2.42 -7.49
N GLN A 14 5.78 -3.04 -7.82
CA GLN A 14 5.86 -3.91 -8.98
C GLN A 14 6.01 -5.37 -8.55
N LYS A 15 5.32 -6.25 -9.27
CA LYS A 15 5.37 -7.67 -8.96
C LYS A 15 6.71 -8.28 -9.38
N ASP A 16 7.20 -9.21 -8.57
CA ASP A 16 8.48 -9.87 -8.86
C ASP A 16 8.27 -11.32 -9.25
N ASP A 17 9.37 -12.06 -9.36
CA ASP A 17 9.31 -13.47 -9.73
C ASP A 17 8.53 -14.27 -8.69
N ASN A 18 8.60 -13.83 -7.44
CA ASN A 18 7.90 -14.51 -6.35
C ASN A 18 6.56 -13.84 -6.07
N GLY A 19 6.52 -12.52 -6.21
CA GLY A 19 5.30 -11.78 -5.97
C GLY A 19 5.48 -10.66 -4.96
N PHE A 20 4.41 -9.92 -4.70
CA PHE A 20 4.46 -8.82 -3.75
C PHE A 20 4.84 -9.32 -2.35
N GLY A 21 6.05 -8.97 -1.92
CA GLY A 21 6.52 -9.38 -0.62
C GLY A 21 5.80 -8.68 0.51
N LEU A 22 5.49 -7.39 0.31
CA LEU A 22 4.79 -6.60 1.31
C LEU A 22 3.45 -7.23 1.66
N THR A 23 3.17 -7.35 2.95
CA THR A 23 1.91 -7.92 3.41
C THR A 23 0.97 -6.84 3.94
N VAL A 24 -0.29 -6.90 3.53
CA VAL A 24 -1.28 -5.92 3.97
C VAL A 24 -2.37 -6.58 4.81
N SER A 25 -2.91 -5.84 5.76
CA SER A 25 -3.96 -6.34 6.63
C SER A 25 -4.92 -5.23 7.05
N GLY A 26 -6.21 -5.53 7.06
CA GLY A 26 -7.20 -4.54 7.44
C GLY A 26 -8.62 -4.97 7.10
N ASP A 27 -9.44 -5.16 8.12
CA ASP A 27 -10.82 -5.58 7.92
C ASP A 27 -11.58 -4.56 7.06
N ASN A 28 -11.85 -3.39 7.64
CA ASN A 28 -12.56 -2.34 6.93
C ASN A 28 -11.61 -1.57 6.00
N PRO A 29 -10.57 -0.95 6.57
CA PRO A 29 -9.59 -0.20 5.79
C PRO A 29 -8.57 -1.09 5.09
N VAL A 30 -7.51 -0.49 4.57
CA VAL A 30 -6.48 -1.24 3.86
C VAL A 30 -5.11 -0.57 4.04
N PHE A 31 -4.35 -1.04 5.02
CA PHE A 31 -3.03 -0.48 5.29
C PHE A 31 -1.96 -1.57 5.24
N VAL A 32 -0.76 -1.19 4.82
CA VAL A 32 0.35 -2.13 4.71
C VAL A 32 1.14 -2.18 6.02
N GLN A 33 1.31 -3.38 6.55
CA GLN A 33 2.05 -3.58 7.79
C GLN A 33 3.51 -3.92 7.52
N SER A 34 3.74 -4.80 6.54
CA SER A 34 5.09 -5.20 6.18
C SER A 34 5.41 -4.84 4.74
N VAL A 35 6.66 -4.49 4.48
CA VAL A 35 7.09 -4.12 3.14
C VAL A 35 8.37 -4.86 2.75
N LYS A 36 8.48 -5.22 1.47
CA LYS A 36 9.64 -5.93 0.98
C LYS A 36 10.89 -5.06 1.06
N GLU A 37 11.84 -5.45 1.89
CA GLU A 37 13.08 -4.71 2.06
C GLU A 37 14.09 -5.08 0.97
N ASP A 38 14.78 -4.07 0.46
CA ASP A 38 15.77 -4.29 -0.59
C ASP A 38 15.13 -4.91 -1.82
N GLY A 39 13.86 -4.60 -2.04
CA GLY A 39 13.15 -5.15 -3.19
C GLY A 39 12.35 -4.09 -3.93
N ALA A 40 11.35 -4.53 -4.69
CA ALA A 40 10.51 -3.62 -5.45
C ALA A 40 9.78 -2.64 -4.53
N ALA A 41 9.35 -3.15 -3.38
CA ALA A 41 8.62 -2.33 -2.41
C ALA A 41 9.54 -1.28 -1.80
N MET A 42 10.73 -1.71 -1.37
CA MET A 42 11.70 -0.81 -0.77
C MET A 42 12.17 0.24 -1.76
N ARG A 43 12.54 -0.22 -2.96
CA ARG A 43 13.01 0.68 -4.01
C ARG A 43 11.92 1.66 -4.41
N ALA A 44 10.67 1.24 -4.30
CA ALA A 44 9.54 2.08 -4.65
C ALA A 44 9.35 3.21 -3.64
N GLY A 45 9.98 3.09 -2.47
CA GLY A 45 9.86 4.10 -1.45
C GLY A 45 8.65 3.90 -0.56
N VAL A 46 8.30 2.64 -0.32
CA VAL A 46 7.16 2.32 0.53
C VAL A 46 7.52 2.43 2.01
N GLN A 47 6.49 2.59 2.84
CA GLN A 47 6.69 2.72 4.28
C GLN A 47 5.86 1.68 5.04
N THR A 48 6.46 1.09 6.06
CA THR A 48 5.77 0.08 6.86
C THR A 48 4.69 0.71 7.72
N GLY A 49 3.50 0.13 7.66
CA GLY A 49 2.39 0.65 8.43
C GLY A 49 1.70 1.84 7.76
N ASP A 50 1.78 1.89 6.44
CA ASP A 50 1.17 2.97 5.68
C ASP A 50 -0.28 2.64 5.33
N ARG A 51 -1.16 3.62 5.45
CA ARG A 51 -2.57 3.43 5.14
C ARG A 51 -2.86 3.74 3.67
N ILE A 52 -3.63 2.87 3.04
CA ILE A 52 -3.97 3.05 1.63
C ILE A 52 -5.30 3.78 1.48
N ILE A 53 -5.29 4.88 0.73
CA ILE A 53 -6.50 5.66 0.49
C ILE A 53 -7.13 5.31 -0.86
N LYS A 54 -6.29 5.02 -1.84
CA LYS A 54 -6.75 4.68 -3.17
C LYS A 54 -5.88 3.60 -3.79
N VAL A 55 -6.50 2.67 -4.52
CA VAL A 55 -5.78 1.59 -5.16
C VAL A 55 -6.07 1.55 -6.67
N ASN A 56 -5.04 1.75 -7.47
CA ASN A 56 -5.17 1.74 -8.92
C ASN A 56 -6.17 2.80 -9.37
N GLY A 57 -6.24 3.90 -8.62
CA GLY A 57 -7.15 4.97 -8.98
C GLY A 57 -8.61 4.53 -8.96
N THR A 58 -8.91 3.52 -8.15
CA THR A 58 -10.27 3.00 -8.05
C THR A 58 -10.79 3.11 -6.62
N LEU A 59 -10.21 4.01 -5.85
CA LEU A 59 -10.62 4.21 -4.45
C LEU A 59 -10.68 2.88 -3.70
N VAL A 60 -11.26 2.91 -2.51
CA VAL A 60 -11.38 1.72 -1.69
C VAL A 60 -12.49 1.89 -0.64
N THR A 61 -13.54 1.08 -0.76
CA THR A 61 -14.66 1.14 0.17
C THR A 61 -14.53 0.07 1.25
N HIS A 62 -14.64 -1.18 0.85
CA HIS A 62 -14.54 -2.30 1.78
C HIS A 62 -14.26 -3.61 1.03
N SER A 63 -13.25 -4.35 1.50
CA SER A 63 -12.89 -5.61 0.88
C SER A 63 -12.03 -6.44 1.82
N ASN A 64 -12.02 -7.75 1.62
CA ASN A 64 -11.23 -8.66 2.46
C ASN A 64 -9.81 -8.78 1.92
N HIS A 65 -8.99 -9.57 2.61
CA HIS A 65 -7.60 -9.77 2.21
C HIS A 65 -7.52 -10.36 0.81
N LEU A 66 -8.28 -11.44 0.59
CA LEU A 66 -8.30 -12.10 -0.71
C LEU A 66 -8.65 -11.12 -1.82
N GLU A 67 -9.65 -10.28 -1.56
CA GLU A 67 -10.08 -9.30 -2.53
C GLU A 67 -8.97 -8.32 -2.83
N VAL A 68 -8.29 -7.86 -1.78
CA VAL A 68 -7.17 -6.93 -1.93
C VAL A 68 -6.04 -7.60 -2.71
N VAL A 69 -5.71 -8.82 -2.31
CA VAL A 69 -4.65 -9.58 -2.98
C VAL A 69 -5.01 -9.79 -4.44
N LYS A 70 -6.27 -10.13 -4.69
CA LYS A 70 -6.75 -10.36 -6.05
C LYS A 70 -6.72 -9.04 -6.83
N LEU A 71 -7.06 -7.95 -6.16
CA LEU A 71 -7.06 -6.64 -6.78
C LEU A 71 -5.63 -6.21 -7.13
N ILE A 72 -4.72 -6.44 -6.19
CA ILE A 72 -3.32 -6.08 -6.40
C ILE A 72 -2.67 -7.01 -7.43
N LYS A 73 -3.07 -8.28 -7.40
CA LYS A 73 -2.53 -9.27 -8.33
C LYS A 73 -3.11 -9.08 -9.73
N SER A 74 -4.26 -8.40 -9.80
CA SER A 74 -4.92 -8.16 -11.08
C SER A 74 -3.94 -7.59 -12.11
N GLY A 75 -2.92 -6.89 -11.64
CA GLY A 75 -1.93 -6.31 -12.52
C GLY A 75 -0.54 -6.30 -11.93
N SER A 76 0.47 -6.44 -12.78
CA SER A 76 1.85 -6.45 -12.33
C SER A 76 2.20 -5.15 -11.62
N TYR A 77 1.77 -4.03 -12.20
CA TYR A 77 2.03 -2.73 -11.61
C TYR A 77 0.79 -2.18 -10.90
N VAL A 78 0.88 -2.02 -9.59
CA VAL A 78 -0.23 -1.52 -8.80
C VAL A 78 0.10 -0.16 -8.18
N ALA A 79 -0.60 0.87 -8.62
CA ALA A 79 -0.38 2.23 -8.11
C ALA A 79 -1.48 2.62 -7.13
N LEU A 80 -1.16 2.60 -5.85
CA LEU A 80 -2.12 2.96 -4.81
C LEU A 80 -1.60 4.11 -3.94
N THR A 81 -2.46 5.09 -3.70
CA THR A 81 -2.08 6.24 -2.89
C THR A 81 -2.27 5.94 -1.40
N VAL A 82 -1.19 6.08 -0.64
CA VAL A 82 -1.24 5.82 0.79
C VAL A 82 -0.93 7.08 1.59
N GLN A 83 -1.16 7.02 2.90
CA GLN A 83 -0.91 8.14 3.79
C GLN A 83 -0.19 7.70 5.05
N GLY A 84 0.82 8.44 5.45
CA GLY A 84 1.58 8.11 6.64
C GLY A 84 0.82 8.41 7.91
N ARG A 85 0.32 9.65 8.02
CA ARG A 85 -0.43 10.08 9.20
C ARG A 85 0.44 10.02 10.45
N PRO A 86 0.27 10.99 11.36
CA PRO A 86 1.06 11.05 12.60
C PRO A 86 0.98 9.76 13.42
N PRO A 87 -0.24 9.24 13.66
CA PRO A 87 -0.43 8.00 14.42
C PRO A 87 -0.07 6.75 13.62
N GLY A 88 -0.32 5.59 14.21
CA GLY A 88 -0.03 4.34 13.53
C GLY A 88 -1.25 3.71 12.91
N SER A 89 -2.39 3.80 13.62
CA SER A 89 -3.64 3.23 13.13
C SER A 89 -3.51 1.72 12.95
N GLY A 1 1.40 27.03 8.24
CA GLY A 1 2.01 25.69 7.97
C GLY A 1 2.23 25.45 6.50
N SER A 2 3.09 24.47 6.19
CA SER A 2 3.39 24.13 4.81
C SER A 2 3.49 22.62 4.64
N HIS A 3 2.45 22.03 4.04
CA HIS A 3 2.43 20.59 3.81
C HIS A 3 2.50 19.82 5.13
N MET A 4 1.93 20.40 6.17
CA MET A 4 1.93 19.78 7.49
C MET A 4 0.51 19.45 7.93
N GLY A 5 0.12 18.18 7.78
CA GLY A 5 -1.21 17.77 8.17
C GLY A 5 -1.69 16.56 7.39
N LEU A 6 -1.86 16.74 6.08
CA LEU A 6 -2.31 15.65 5.22
C LEU A 6 -1.32 15.41 4.08
N VAL A 7 -0.33 14.57 4.33
CA VAL A 7 0.69 14.26 3.33
C VAL A 7 0.50 12.85 2.78
N GLN A 8 0.36 12.75 1.46
CA GLN A 8 0.18 11.46 0.80
C GLN A 8 1.26 11.22 -0.24
N ARG A 9 1.54 9.95 -0.52
CA ARG A 9 2.57 9.59 -1.49
C ARG A 9 2.11 8.42 -2.35
N CYS A 10 2.23 8.57 -3.67
CA CYS A 10 1.83 7.52 -4.59
C CYS A 10 2.99 6.57 -4.87
N VAL A 11 2.89 5.35 -4.32
CA VAL A 11 3.93 4.35 -4.50
C VAL A 11 3.58 3.39 -5.64
N ILE A 12 4.59 2.98 -6.39
CA ILE A 12 4.40 2.06 -7.51
C ILE A 12 5.17 0.76 -7.30
N ILE A 13 4.48 -0.25 -6.76
CA ILE A 13 5.10 -1.54 -6.50
C ILE A 13 5.05 -2.44 -7.74
N GLN A 14 6.19 -3.00 -8.11
CA GLN A 14 6.27 -3.87 -9.27
C GLN A 14 6.34 -5.34 -8.84
N LYS A 15 5.45 -6.15 -9.40
CA LYS A 15 5.41 -7.58 -9.07
C LYS A 15 6.68 -8.28 -9.55
N ASP A 16 7.28 -9.06 -8.66
CA ASP A 16 8.49 -9.80 -8.98
C ASP A 16 8.19 -11.26 -9.26
N ASP A 17 9.24 -12.07 -9.36
CA ASP A 17 9.08 -13.50 -9.62
C ASP A 17 8.24 -14.16 -8.54
N ASN A 18 8.30 -13.63 -7.33
CA ASN A 18 7.54 -14.17 -6.21
C ASN A 18 6.19 -13.46 -6.06
N GLY A 19 6.16 -12.19 -6.45
CA GLY A 19 4.92 -11.42 -6.36
C GLY A 19 5.11 -10.14 -5.57
N PHE A 20 4.38 -10.01 -4.48
CA PHE A 20 4.46 -8.82 -3.63
C PHE A 20 5.00 -9.16 -2.25
N GLY A 21 6.17 -8.63 -1.92
CA GLY A 21 6.78 -8.90 -0.63
C GLY A 21 6.00 -8.27 0.51
N LEU A 22 5.60 -7.02 0.33
CA LEU A 22 4.85 -6.30 1.36
C LEU A 22 3.55 -7.01 1.68
N THR A 23 3.20 -7.06 2.96
CA THR A 23 1.98 -7.71 3.42
C THR A 23 0.98 -6.71 3.96
N VAL A 24 -0.29 -6.87 3.59
CA VAL A 24 -1.34 -5.96 4.05
C VAL A 24 -2.52 -6.74 4.64
N SER A 25 -3.10 -6.19 5.71
CA SER A 25 -4.23 -6.83 6.35
C SER A 25 -5.16 -5.80 6.98
N GLY A 26 -6.45 -5.93 6.72
CA GLY A 26 -7.42 -5.00 7.27
C GLY A 26 -8.85 -5.34 6.88
N ASP A 27 -9.78 -5.17 7.83
CA ASP A 27 -11.17 -5.47 7.57
C ASP A 27 -11.80 -4.40 6.69
N ASN A 28 -12.05 -3.22 7.27
CA ASN A 28 -12.65 -2.12 6.52
C ASN A 28 -11.59 -1.38 5.72
N PRO A 29 -10.53 -0.88 6.39
CA PRO A 29 -9.45 -0.17 5.73
C PRO A 29 -8.42 -1.11 5.11
N VAL A 30 -7.28 -0.55 4.70
CA VAL A 30 -6.22 -1.35 4.09
C VAL A 30 -4.86 -0.68 4.26
N PHE A 31 -4.04 -1.23 5.15
CA PHE A 31 -2.71 -0.67 5.41
C PHE A 31 -1.65 -1.76 5.28
N VAL A 32 -0.42 -1.34 4.98
CA VAL A 32 0.68 -2.28 4.83
C VAL A 32 1.42 -2.47 6.15
N GLN A 33 1.44 -3.71 6.64
CA GLN A 33 2.11 -4.02 7.90
C GLN A 33 3.59 -4.38 7.66
N SER A 34 3.87 -4.95 6.50
CA SER A 34 5.24 -5.33 6.15
C SER A 34 5.59 -4.86 4.75
N VAL A 35 6.84 -4.46 4.56
CA VAL A 35 7.32 -3.99 3.26
C VAL A 35 8.63 -4.64 2.88
N LYS A 36 8.76 -5.01 1.61
CA LYS A 36 9.98 -5.64 1.11
C LYS A 36 11.18 -4.72 1.26
N GLU A 37 12.06 -5.04 2.22
CA GLU A 37 13.24 -4.23 2.46
C GLU A 37 14.28 -4.43 1.35
N ASP A 38 14.79 -3.33 0.81
CA ASP A 38 15.77 -3.38 -0.26
C ASP A 38 15.23 -4.12 -1.48
N GLY A 39 13.91 -4.03 -1.68
CA GLY A 39 13.29 -4.70 -2.81
C GLY A 39 12.37 -3.77 -3.57
N ALA A 40 11.42 -4.36 -4.30
CA ALA A 40 10.47 -3.58 -5.10
C ALA A 40 9.65 -2.66 -4.20
N ALA A 41 9.25 -3.16 -3.04
CA ALA A 41 8.45 -2.39 -2.10
C ALA A 41 9.24 -1.20 -1.56
N MET A 42 10.47 -1.46 -1.13
CA MET A 42 11.33 -0.41 -0.59
C MET A 42 11.75 0.57 -1.68
N ARG A 43 12.09 0.02 -2.85
CA ARG A 43 12.51 0.85 -3.98
C ARG A 43 11.35 1.69 -4.50
N ALA A 44 10.15 1.17 -4.36
CA ALA A 44 8.95 1.86 -4.83
C ALA A 44 8.59 3.03 -3.89
N GLY A 45 9.15 3.01 -2.69
CA GLY A 45 8.87 4.07 -1.73
C GLY A 45 7.75 3.70 -0.78
N VAL A 46 7.81 2.48 -0.24
CA VAL A 46 6.80 2.02 0.70
C VAL A 46 7.33 1.97 2.12
N GLN A 47 6.47 2.30 3.09
CA GLN A 47 6.87 2.30 4.49
C GLN A 47 6.20 1.16 5.24
N THR A 48 6.72 0.84 6.42
CA THR A 48 6.18 -0.24 7.24
C THR A 48 5.07 0.29 8.15
N GLY A 49 3.86 -0.22 7.96
CA GLY A 49 2.73 0.20 8.77
C GLY A 49 2.09 1.48 8.26
N ASP A 50 2.03 1.63 6.94
CA ASP A 50 1.43 2.81 6.33
C ASP A 50 -0.01 2.55 5.94
N ARG A 51 -0.81 3.61 5.89
CA ARG A 51 -2.22 3.49 5.53
C ARG A 51 -2.43 3.76 4.04
N ILE A 52 -3.26 2.94 3.41
CA ILE A 52 -3.55 3.10 1.98
C ILE A 52 -4.87 3.82 1.76
N ILE A 53 -4.80 4.99 1.13
CA ILE A 53 -6.00 5.78 0.86
C ILE A 53 -6.76 5.22 -0.34
N LYS A 54 -6.03 4.86 -1.39
CA LYS A 54 -6.63 4.32 -2.60
C LYS A 54 -5.72 3.28 -3.25
N VAL A 55 -6.33 2.28 -3.88
CA VAL A 55 -5.57 1.23 -4.54
C VAL A 55 -5.88 1.18 -6.03
N ASN A 56 -4.89 1.55 -6.84
CA ASN A 56 -5.05 1.56 -8.29
C ASN A 56 -6.19 2.48 -8.71
N GLY A 57 -6.25 3.65 -8.07
CA GLY A 57 -7.29 4.61 -8.39
C GLY A 57 -8.67 4.11 -8.00
N THR A 58 -8.73 3.27 -6.98
CA THR A 58 -10.01 2.72 -6.52
C THR A 58 -10.16 2.92 -5.01
N LEU A 59 -10.78 4.05 -4.64
CA LEU A 59 -10.99 4.37 -3.23
C LEU A 59 -12.21 3.64 -2.69
N VAL A 60 -13.32 3.73 -3.42
CA VAL A 60 -14.56 3.07 -3.01
C VAL A 60 -14.49 1.56 -3.25
N THR A 61 -15.59 0.88 -2.95
CA THR A 61 -15.65 -0.57 -3.13
C THR A 61 -14.64 -1.28 -2.23
N HIS A 62 -14.40 -2.55 -2.52
CA HIS A 62 -13.45 -3.35 -1.74
C HIS A 62 -13.91 -3.46 -0.29
N SER A 63 -13.52 -4.56 0.37
CA SER A 63 -13.89 -4.78 1.75
C SER A 63 -13.10 -5.96 2.34
N ASN A 64 -12.99 -7.03 1.56
CA ASN A 64 -12.27 -8.23 2.00
C ASN A 64 -10.85 -8.23 1.45
N HIS A 65 -9.95 -8.92 2.14
CA HIS A 65 -8.56 -9.02 1.73
C HIS A 65 -8.44 -9.70 0.38
N LEU A 66 -9.29 -10.70 0.15
CA LEU A 66 -9.28 -11.44 -1.11
C LEU A 66 -9.42 -10.49 -2.30
N GLU A 67 -10.33 -9.53 -2.17
CA GLU A 67 -10.56 -8.55 -3.22
C GLU A 67 -9.30 -7.73 -3.45
N VAL A 68 -8.67 -7.31 -2.37
CA VAL A 68 -7.44 -6.54 -2.45
C VAL A 68 -6.34 -7.36 -3.11
N VAL A 69 -6.20 -8.60 -2.67
CA VAL A 69 -5.20 -9.50 -3.23
C VAL A 69 -5.47 -9.75 -4.71
N LYS A 70 -6.74 -9.97 -5.05
CA LYS A 70 -7.12 -10.21 -6.43
C LYS A 70 -6.90 -8.96 -7.27
N LEU A 71 -7.21 -7.80 -6.69
CA LEU A 71 -7.03 -6.54 -7.39
C LEU A 71 -5.55 -6.23 -7.60
N ILE A 72 -4.76 -6.43 -6.56
CA ILE A 72 -3.33 -6.17 -6.64
C ILE A 72 -2.66 -7.22 -7.53
N LYS A 73 -3.15 -8.45 -7.48
CA LYS A 73 -2.60 -9.52 -8.30
C LYS A 73 -2.93 -9.31 -9.78
N SER A 74 -4.09 -8.72 -10.03
CA SER A 74 -4.53 -8.47 -11.40
C SER A 74 -3.70 -7.35 -12.03
N GLY A 75 -2.46 -7.66 -12.38
CA GLY A 75 -1.58 -6.68 -12.98
C GLY A 75 -0.19 -6.70 -12.39
N SER A 76 0.82 -6.45 -13.22
CA SER A 76 2.20 -6.44 -12.77
C SER A 76 2.51 -5.16 -11.99
N TYR A 77 1.83 -4.08 -12.35
CA TYR A 77 2.04 -2.80 -11.70
C TYR A 77 0.83 -2.43 -10.82
N VAL A 78 1.11 -2.01 -9.59
CA VAL A 78 0.04 -1.64 -8.67
C VAL A 78 0.33 -0.27 -8.04
N ALA A 79 -0.50 0.72 -8.39
CA ALA A 79 -0.34 2.07 -7.87
C ALA A 79 -1.36 2.36 -6.78
N LEU A 80 -0.93 2.34 -5.53
CA LEU A 80 -1.80 2.59 -4.40
C LEU A 80 -1.30 3.78 -3.58
N THR A 81 -2.17 4.77 -3.40
CA THR A 81 -1.82 5.96 -2.62
C THR A 81 -1.90 5.68 -1.13
N VAL A 82 -0.82 5.98 -0.41
CA VAL A 82 -0.78 5.76 1.03
C VAL A 82 -0.56 7.07 1.78
N GLN A 83 -0.72 7.01 3.11
CA GLN A 83 -0.54 8.18 3.94
C GLN A 83 0.12 7.81 5.26
N GLY A 84 0.97 8.70 5.77
CA GLY A 84 1.65 8.45 7.02
C GLY A 84 2.28 9.70 7.60
N ARG A 85 1.82 10.10 8.78
CA ARG A 85 2.34 11.29 9.44
C ARG A 85 3.46 10.93 10.43
N PRO A 86 3.18 10.01 11.37
CA PRO A 86 4.17 9.58 12.37
C PRO A 86 5.45 9.03 11.74
N PRO A 87 5.31 8.12 10.74
CA PRO A 87 6.47 7.52 10.07
C PRO A 87 7.06 8.44 8.99
N GLY A 88 8.14 7.99 8.38
CA GLY A 88 8.78 8.77 7.35
C GLY A 88 10.27 8.50 7.24
N SER A 89 10.96 8.51 8.37
CA SER A 89 12.39 8.25 8.40
C SER A 89 12.81 7.64 9.73
N GLY A 1 6.38 16.78 16.67
CA GLY A 1 5.97 17.28 15.32
C GLY A 1 4.49 17.58 15.24
N SER A 2 4.13 18.60 14.47
CA SER A 2 2.75 19.00 14.30
C SER A 2 2.44 19.31 12.85
N HIS A 3 3.12 18.63 11.94
CA HIS A 3 2.93 18.84 10.51
C HIS A 3 3.19 17.55 9.73
N MET A 4 2.90 16.42 10.35
CA MET A 4 3.11 15.12 9.72
C MET A 4 1.85 14.28 9.80
N GLY A 5 1.75 13.28 8.91
CA GLY A 5 0.59 12.41 8.90
C GLY A 5 -0.45 12.84 7.88
N LEU A 6 -0.44 14.13 7.54
CA LEU A 6 -1.39 14.67 6.56
C LEU A 6 -0.76 14.75 5.17
N VAL A 7 0.18 13.85 4.89
CA VAL A 7 0.86 13.83 3.60
C VAL A 7 0.69 12.47 2.92
N GLN A 8 0.01 12.46 1.79
CA GLN A 8 -0.22 11.23 1.03
C GLN A 8 0.70 11.16 -0.18
N ARG A 9 1.37 10.03 -0.33
CA ARG A 9 2.29 9.82 -1.45
C ARG A 9 1.98 8.52 -2.17
N CYS A 10 2.02 8.56 -3.50
CA CYS A 10 1.73 7.39 -4.32
C CYS A 10 2.96 6.49 -4.41
N VAL A 11 2.74 5.18 -4.41
CA VAL A 11 3.82 4.21 -4.50
C VAL A 11 3.52 3.13 -5.53
N ILE A 12 4.43 2.94 -6.47
CA ILE A 12 4.26 1.93 -7.52
C ILE A 12 5.20 0.76 -7.30
N ILE A 13 4.65 -0.38 -6.88
CA ILE A 13 5.45 -1.57 -6.65
C ILE A 13 5.45 -2.47 -7.88
N GLN A 14 6.62 -3.04 -8.18
CA GLN A 14 6.76 -3.93 -9.33
C GLN A 14 6.79 -5.38 -8.90
N LYS A 15 5.89 -6.18 -9.46
CA LYS A 15 5.81 -7.61 -9.13
C LYS A 15 6.99 -8.37 -9.71
N ASP A 16 7.61 -9.21 -8.89
CA ASP A 16 8.75 -10.00 -9.32
C ASP A 16 8.33 -11.42 -9.68
N ASP A 17 9.31 -12.29 -9.90
CA ASP A 17 9.04 -13.68 -10.26
C ASP A 17 8.22 -14.37 -9.17
N ASN A 18 8.44 -13.96 -7.93
CA ASN A 18 7.72 -14.53 -6.79
C ASN A 18 6.41 -13.80 -6.54
N GLY A 19 6.46 -12.48 -6.59
CA GLY A 19 5.27 -11.68 -6.36
C GLY A 19 5.50 -10.54 -5.39
N PHE A 20 4.43 -10.04 -4.79
CA PHE A 20 4.53 -8.95 -3.84
C PHE A 20 4.79 -9.48 -2.43
N GLY A 21 5.94 -9.09 -1.87
CA GLY A 21 6.30 -9.54 -0.53
C GLY A 21 5.57 -8.76 0.55
N LEU A 22 5.19 -7.53 0.25
CA LEU A 22 4.49 -6.69 1.20
C LEU A 22 3.19 -7.34 1.66
N THR A 23 2.90 -7.23 2.95
CA THR A 23 1.69 -7.83 3.51
C THR A 23 0.67 -6.75 3.85
N VAL A 24 -0.59 -6.99 3.48
CA VAL A 24 -1.65 -6.03 3.75
C VAL A 24 -2.70 -6.63 4.69
N SER A 25 -3.11 -5.84 5.67
CA SER A 25 -4.11 -6.29 6.64
C SER A 25 -4.95 -5.11 7.13
N GLY A 26 -6.27 -5.30 7.14
CA GLY A 26 -7.16 -4.25 7.59
C GLY A 26 -8.62 -4.64 7.48
N ASP A 27 -9.35 -4.55 8.59
CA ASP A 27 -10.76 -4.89 8.62
C ASP A 27 -11.58 -3.91 7.77
N ASN A 28 -11.86 -2.74 8.33
CA ASN A 28 -12.63 -1.72 7.63
C ASN A 28 -11.74 -0.96 6.64
N PRO A 29 -10.69 -0.29 7.14
CA PRO A 29 -9.77 0.47 6.28
C PRO A 29 -8.79 -0.44 5.53
N VAL A 30 -7.78 0.17 4.94
CA VAL A 30 -6.78 -0.59 4.19
C VAL A 30 -5.37 -0.02 4.42
N PHE A 31 -4.54 -0.79 5.12
CA PHE A 31 -3.18 -0.36 5.41
C PHE A 31 -2.19 -1.50 5.20
N VAL A 32 -0.97 -1.17 4.83
CA VAL A 32 0.06 -2.17 4.61
C VAL A 32 0.86 -2.44 5.88
N GLN A 33 0.83 -3.69 6.33
CA GLN A 33 1.55 -4.08 7.53
C GLN A 33 3.05 -4.12 7.29
N SER A 34 3.48 -4.94 6.34
CA SER A 34 4.89 -5.06 6.00
C SER A 34 5.14 -4.74 4.54
N VAL A 35 6.38 -4.37 4.21
CA VAL A 35 6.74 -4.04 2.83
C VAL A 35 8.07 -4.71 2.45
N LYS A 36 8.17 -5.09 1.19
CA LYS A 36 9.39 -5.74 0.69
C LYS A 36 10.60 -4.84 0.91
N GLU A 37 11.35 -5.12 1.98
CA GLU A 37 12.55 -4.35 2.31
C GLU A 37 13.65 -4.60 1.28
N ASP A 38 14.37 -3.54 0.91
CA ASP A 38 15.45 -3.65 -0.06
C ASP A 38 14.95 -4.28 -1.36
N GLY A 39 13.68 -4.05 -1.67
CA GLY A 39 13.10 -4.60 -2.88
C GLY A 39 12.23 -3.60 -3.62
N ALA A 40 11.36 -4.10 -4.49
CA ALA A 40 10.47 -3.24 -5.27
C ALA A 40 9.54 -2.43 -4.36
N ALA A 41 9.24 -2.97 -3.19
CA ALA A 41 8.36 -2.29 -2.25
C ALA A 41 9.01 -1.05 -1.65
N MET A 42 10.25 -1.19 -1.20
CA MET A 42 10.97 -0.07 -0.61
C MET A 42 11.36 0.96 -1.68
N ARG A 43 11.65 0.47 -2.88
CA ARG A 43 12.03 1.34 -3.99
C ARG A 43 10.84 2.16 -4.47
N ALA A 44 9.65 1.58 -4.35
CA ALA A 44 8.43 2.26 -4.78
C ALA A 44 8.08 3.40 -3.83
N GLY A 45 8.68 3.41 -2.65
CA GLY A 45 8.41 4.46 -1.68
C GLY A 45 7.35 4.06 -0.68
N VAL A 46 7.23 2.76 -0.43
CA VAL A 46 6.24 2.25 0.51
C VAL A 46 6.82 2.21 1.93
N GLN A 47 5.97 2.48 2.91
CA GLN A 47 6.39 2.48 4.31
C GLN A 47 5.74 1.32 5.07
N THR A 48 6.35 0.92 6.18
CA THR A 48 5.84 -0.17 6.99
C THR A 48 4.71 0.32 7.90
N GLY A 49 3.54 -0.30 7.76
CA GLY A 49 2.40 0.09 8.57
C GLY A 49 1.81 1.42 8.14
N ASP A 50 1.68 1.62 6.84
CA ASP A 50 1.13 2.85 6.29
C ASP A 50 -0.34 2.68 5.93
N ARG A 51 -1.06 3.79 5.90
CA ARG A 51 -2.49 3.77 5.57
C ARG A 51 -2.70 3.96 4.08
N ILE A 52 -3.58 3.15 3.50
CA ILE A 52 -3.88 3.23 2.08
C ILE A 52 -5.22 3.91 1.83
N ILE A 53 -5.20 4.97 1.03
CA ILE A 53 -6.41 5.72 0.71
C ILE A 53 -7.00 5.28 -0.62
N LYS A 54 -6.12 4.90 -1.55
CA LYS A 54 -6.56 4.46 -2.87
C LYS A 54 -5.78 3.22 -3.31
N VAL A 55 -6.46 2.30 -3.99
CA VAL A 55 -5.84 1.09 -4.47
C VAL A 55 -6.05 0.92 -5.97
N ASN A 56 -5.01 1.20 -6.75
CA ASN A 56 -5.08 1.09 -8.20
C ASN A 56 -6.13 2.04 -8.76
N GLY A 57 -6.14 3.27 -8.26
CA GLY A 57 -7.10 4.25 -8.72
C GLY A 57 -8.51 3.95 -8.25
N THR A 58 -8.62 3.30 -7.09
CA THR A 58 -9.92 2.95 -6.53
C THR A 58 -9.98 3.29 -5.04
N LEU A 59 -10.30 4.54 -4.74
CA LEU A 59 -10.39 4.98 -3.35
C LEU A 59 -11.83 4.91 -2.84
N VAL A 60 -12.61 3.99 -3.42
CA VAL A 60 -14.01 3.83 -3.01
C VAL A 60 -14.37 2.36 -2.88
N THR A 61 -15.42 2.08 -2.12
CA THR A 61 -15.88 0.71 -1.92
C THR A 61 -14.80 -0.12 -1.23
N HIS A 62 -14.92 -0.30 0.07
CA HIS A 62 -13.95 -1.08 0.84
C HIS A 62 -14.06 -2.56 0.51
N SER A 63 -12.98 -3.29 0.71
CA SER A 63 -12.96 -4.72 0.44
C SER A 63 -12.14 -5.47 1.48
N ASN A 64 -12.08 -6.79 1.35
CA ASN A 64 -11.33 -7.61 2.29
C ASN A 64 -9.92 -7.88 1.78
N HIS A 65 -9.17 -8.71 2.49
CA HIS A 65 -7.81 -9.05 2.11
C HIS A 65 -7.77 -9.70 0.73
N LEU A 66 -8.69 -10.63 0.50
CA LEU A 66 -8.76 -11.33 -0.78
C LEU A 66 -8.90 -10.35 -1.94
N GLU A 67 -9.75 -9.34 -1.74
CA GLU A 67 -9.96 -8.33 -2.76
C GLU A 67 -8.69 -7.51 -2.97
N VAL A 68 -8.00 -7.21 -1.87
CA VAL A 68 -6.77 -6.45 -1.93
C VAL A 68 -5.69 -7.25 -2.65
N VAL A 69 -5.53 -8.51 -2.28
CA VAL A 69 -4.54 -9.37 -2.90
C VAL A 69 -4.90 -9.62 -4.35
N LYS A 70 -6.19 -9.84 -4.61
CA LYS A 70 -6.66 -10.07 -5.98
C LYS A 70 -6.48 -8.81 -6.82
N LEU A 71 -6.75 -7.66 -6.22
CA LEU A 71 -6.61 -6.39 -6.91
C LEU A 71 -5.14 -6.08 -7.18
N ILE A 72 -4.30 -6.25 -6.16
CA ILE A 72 -2.88 -6.00 -6.31
C ILE A 72 -2.23 -7.03 -7.24
N LYS A 73 -2.72 -8.26 -7.17
CA LYS A 73 -2.19 -9.33 -8.01
C LYS A 73 -2.59 -9.13 -9.48
N SER A 74 -3.76 -8.52 -9.68
CA SER A 74 -4.26 -8.26 -11.02
C SER A 74 -3.38 -7.24 -11.75
N GLY A 75 -2.22 -7.71 -12.24
CA GLY A 75 -1.32 -6.84 -12.94
C GLY A 75 0.07 -6.82 -12.33
N SER A 76 1.09 -6.68 -13.17
CA SER A 76 2.47 -6.66 -12.71
C SER A 76 2.77 -5.36 -11.95
N TYR A 77 2.36 -4.24 -12.54
CA TYR A 77 2.58 -2.94 -11.93
C TYR A 77 1.35 -2.50 -11.13
N VAL A 78 1.54 -2.25 -9.84
CA VAL A 78 0.45 -1.82 -8.97
C VAL A 78 0.73 -0.43 -8.40
N ALA A 79 -0.33 0.37 -8.29
CA ALA A 79 -0.20 1.73 -7.77
C ALA A 79 -1.34 2.05 -6.80
N LEU A 80 -0.99 2.31 -5.55
CA LEU A 80 -1.99 2.63 -4.53
C LEU A 80 -1.54 3.81 -3.68
N THR A 81 -2.45 4.76 -3.46
CA THR A 81 -2.15 5.93 -2.65
C THR A 81 -2.10 5.59 -1.17
N VAL A 82 -0.97 5.90 -0.53
CA VAL A 82 -0.81 5.62 0.90
C VAL A 82 -0.47 6.89 1.67
N GLN A 83 -0.38 6.77 2.99
CA GLN A 83 -0.05 7.91 3.84
C GLN A 83 0.84 7.48 5.01
N GLY A 84 1.87 8.27 5.28
CA GLY A 84 2.78 7.95 6.37
C GLY A 84 3.78 9.06 6.63
N ARG A 85 4.98 8.93 6.06
CA ARG A 85 6.02 9.92 6.24
C ARG A 85 6.41 10.05 7.72
N PRO A 86 7.23 9.10 8.21
CA PRO A 86 7.68 9.10 9.62
C PRO A 86 8.72 10.18 9.89
N PRO A 87 9.05 10.42 11.16
CA PRO A 87 10.04 11.43 11.56
C PRO A 87 11.36 11.26 10.82
N GLY A 88 12.35 12.06 11.21
CA GLY A 88 13.66 11.98 10.57
C GLY A 88 13.80 12.96 9.43
N SER A 89 12.78 13.06 8.60
CA SER A 89 12.81 13.97 7.46
C SER A 89 11.87 15.15 7.68
N GLY A 1 8.20 23.31 8.63
CA GLY A 1 7.13 23.98 9.43
C GLY A 1 6.05 24.59 8.56
N SER A 2 6.42 25.00 7.35
CA SER A 2 5.47 25.61 6.42
C SER A 2 5.01 24.59 5.38
N HIS A 3 4.95 23.32 5.80
CA HIS A 3 4.53 22.26 4.90
C HIS A 3 3.88 21.11 5.68
N MET A 4 2.62 21.32 6.07
CA MET A 4 1.88 20.31 6.83
C MET A 4 0.39 20.40 6.54
N GLY A 5 -0.30 19.27 6.70
CA GLY A 5 -1.73 19.24 6.45
C GLY A 5 -2.12 18.15 5.47
N LEU A 6 -2.19 16.91 5.96
CA LEU A 6 -2.55 15.78 5.13
C LEU A 6 -1.56 15.60 3.99
N VAL A 7 -0.69 14.60 4.12
CA VAL A 7 0.31 14.32 3.09
C VAL A 7 0.26 12.86 2.66
N GLN A 8 0.04 12.65 1.36
CA GLN A 8 -0.04 11.30 0.82
C GLN A 8 1.02 11.10 -0.26
N ARG A 9 1.45 9.85 -0.43
CA ARG A 9 2.46 9.52 -1.44
C ARG A 9 2.03 8.31 -2.27
N CYS A 10 2.11 8.45 -3.59
CA CYS A 10 1.72 7.37 -4.50
C CYS A 10 2.88 6.39 -4.69
N VAL A 11 2.78 5.24 -4.02
CA VAL A 11 3.82 4.22 -4.12
C VAL A 11 3.49 3.20 -5.20
N ILE A 12 4.44 2.95 -6.09
CA ILE A 12 4.25 1.99 -7.17
C ILE A 12 5.03 0.71 -6.92
N ILE A 13 4.32 -0.36 -6.56
CA ILE A 13 4.94 -1.65 -6.29
C ILE A 13 4.85 -2.56 -7.50
N GLN A 14 5.99 -3.13 -7.89
CA GLN A 14 6.05 -4.02 -9.05
C GLN A 14 5.98 -5.48 -8.60
N LYS A 15 5.05 -6.23 -9.18
CA LYS A 15 4.88 -7.64 -8.84
C LYS A 15 6.10 -8.44 -9.26
N ASP A 16 6.58 -9.28 -8.34
CA ASP A 16 7.76 -10.12 -8.61
C ASP A 16 7.34 -11.51 -9.05
N ASP A 17 8.30 -12.42 -9.15
CA ASP A 17 8.04 -13.79 -9.56
C ASP A 17 7.07 -14.47 -8.60
N ASN A 18 7.14 -14.09 -7.32
CA ASN A 18 6.28 -14.67 -6.30
C ASN A 18 5.02 -13.83 -6.11
N GLY A 19 5.18 -12.51 -6.21
CA GLY A 19 4.05 -11.61 -6.05
C GLY A 19 4.45 -10.28 -5.44
N PHE A 20 4.11 -10.09 -4.17
CA PHE A 20 4.44 -8.86 -3.47
C PHE A 20 5.11 -9.14 -2.14
N GLY A 21 6.40 -8.82 -2.04
CA GLY A 21 7.14 -9.05 -0.82
C GLY A 21 6.52 -8.34 0.37
N LEU A 22 5.93 -7.18 0.14
CA LEU A 22 5.30 -6.42 1.20
C LEU A 22 4.07 -7.13 1.73
N THR A 23 3.87 -7.08 3.04
CA THR A 23 2.73 -7.72 3.67
C THR A 23 1.64 -6.70 4.01
N VAL A 24 0.39 -7.06 3.74
CA VAL A 24 -0.74 -6.17 4.02
C VAL A 24 -1.86 -6.93 4.72
N SER A 25 -2.47 -6.29 5.71
CA SER A 25 -3.56 -6.89 6.46
C SER A 25 -4.55 -5.84 6.95
N GLY A 26 -5.84 -6.10 6.74
CA GLY A 26 -6.86 -5.16 7.16
C GLY A 26 -8.25 -5.64 6.83
N ASP A 27 -9.07 -5.85 7.87
CA ASP A 27 -10.43 -6.31 7.68
C ASP A 27 -11.24 -5.33 6.82
N ASN A 28 -11.65 -4.23 7.43
CA ASN A 28 -12.42 -3.21 6.73
C ASN A 28 -11.51 -2.32 5.88
N PRO A 29 -10.55 -1.62 6.52
CA PRO A 29 -9.62 -0.73 5.82
C PRO A 29 -8.51 -1.51 5.11
N VAL A 30 -7.50 -0.80 4.65
CA VAL A 30 -6.37 -1.41 3.96
C VAL A 30 -5.07 -0.68 4.26
N PHE A 31 -4.19 -1.35 5.01
CA PHE A 31 -2.91 -0.76 5.38
C PHE A 31 -1.78 -1.78 5.25
N VAL A 32 -0.56 -1.29 5.04
CA VAL A 32 0.60 -2.16 4.90
C VAL A 32 1.33 -2.29 6.23
N GLN A 33 1.78 -3.50 6.54
CA GLN A 33 2.50 -3.76 7.79
C GLN A 33 3.98 -4.02 7.53
N SER A 34 4.27 -4.69 6.41
CA SER A 34 5.64 -5.01 6.05
C SER A 34 5.92 -4.67 4.59
N VAL A 35 7.18 -4.41 4.27
CA VAL A 35 7.58 -4.08 2.91
C VAL A 35 8.87 -4.80 2.52
N LYS A 36 8.92 -5.29 1.29
CA LYS A 36 10.09 -6.00 0.79
C LYS A 36 11.35 -5.15 0.92
N GLU A 37 12.30 -5.64 1.72
CA GLU A 37 13.56 -4.92 1.94
C GLU A 37 14.43 -4.96 0.69
N ASP A 38 14.85 -3.79 0.23
CA ASP A 38 15.69 -3.69 -0.96
C ASP A 38 15.03 -4.36 -2.15
N GLY A 39 13.70 -4.36 -2.18
CA GLY A 39 12.97 -4.98 -3.26
C GLY A 39 11.98 -4.04 -3.92
N ALA A 40 10.89 -4.59 -4.42
CA ALA A 40 9.86 -3.79 -5.08
C ALA A 40 9.27 -2.76 -4.12
N ALA A 41 9.09 -3.16 -2.86
CA ALA A 41 8.53 -2.28 -1.86
C ALA A 41 9.51 -1.17 -1.48
N MET A 42 10.76 -1.54 -1.23
CA MET A 42 11.78 -0.57 -0.86
C MET A 42 12.01 0.43 -1.98
N ARG A 43 12.09 -0.07 -3.20
CA ARG A 43 12.32 0.78 -4.36
C ARG A 43 11.13 1.72 -4.59
N ALA A 44 9.94 1.25 -4.23
CA ALA A 44 8.73 2.03 -4.39
C ALA A 44 8.62 3.12 -3.33
N GLY A 45 9.42 3.01 -2.27
CA GLY A 45 9.40 3.99 -1.21
C GLY A 45 8.22 3.81 -0.27
N VAL A 46 7.81 2.55 -0.08
CA VAL A 46 6.69 2.24 0.81
C VAL A 46 7.06 2.48 2.28
N GLN A 47 6.04 2.65 3.12
CA GLN A 47 6.26 2.88 4.54
C GLN A 47 5.53 1.83 5.37
N THR A 48 6.29 1.07 6.15
CA THR A 48 5.70 0.03 7.00
C THR A 48 4.66 0.62 7.94
N GLY A 49 3.50 -0.02 7.99
CA GLY A 49 2.42 0.45 8.84
C GLY A 49 1.72 1.68 8.28
N ASP A 50 1.67 1.77 6.96
CA ASP A 50 1.03 2.90 6.29
C ASP A 50 -0.42 2.57 5.95
N ARG A 51 -1.25 3.60 5.88
CA ARG A 51 -2.67 3.42 5.56
C ARG A 51 -2.93 3.67 4.08
N ILE A 52 -3.69 2.78 3.45
CA ILE A 52 -4.01 2.91 2.03
C ILE A 52 -5.41 3.47 1.84
N ILE A 53 -5.51 4.58 1.10
CA ILE A 53 -6.80 5.21 0.84
C ILE A 53 -7.35 4.81 -0.52
N LYS A 54 -6.46 4.70 -1.49
CA LYS A 54 -6.85 4.33 -2.86
C LYS A 54 -5.99 3.18 -3.37
N VAL A 55 -6.57 2.35 -4.23
CA VAL A 55 -5.86 1.22 -4.80
C VAL A 55 -5.79 1.33 -6.32
N ASN A 56 -4.57 1.53 -6.84
CA ASN A 56 -4.38 1.66 -8.28
C ASN A 56 -5.14 2.85 -8.83
N GLY A 57 -5.17 3.94 -8.07
CA GLY A 57 -5.87 5.14 -8.50
C GLY A 57 -7.37 4.94 -8.54
N THR A 58 -7.88 4.03 -7.72
CA THR A 58 -9.30 3.75 -7.67
C THR A 58 -9.80 3.70 -6.23
N LEU A 59 -10.67 4.64 -5.88
CA LEU A 59 -11.22 4.71 -4.53
C LEU A 59 -12.07 3.47 -4.23
N VAL A 60 -12.69 3.46 -3.06
CA VAL A 60 -13.54 2.33 -2.66
C VAL A 60 -12.72 1.06 -2.51
N THR A 61 -13.05 0.26 -1.50
CA THR A 61 -12.34 -0.99 -1.25
C THR A 61 -13.26 -2.01 -0.57
N HIS A 62 -12.99 -3.29 -0.78
CA HIS A 62 -13.78 -4.35 -0.18
C HIS A 62 -13.29 -4.67 1.23
N SER A 63 -14.11 -5.40 1.98
CA SER A 63 -13.77 -5.78 3.35
C SER A 63 -13.18 -7.18 3.40
N ASN A 64 -12.40 -7.53 2.37
CA ASN A 64 -11.78 -8.85 2.30
C ASN A 64 -10.36 -8.76 1.76
N HIS A 65 -9.42 -9.37 2.47
CA HIS A 65 -8.02 -9.36 2.06
C HIS A 65 -7.85 -10.01 0.69
N LEU A 66 -8.59 -11.10 0.46
CA LEU A 66 -8.52 -11.82 -0.80
C LEU A 66 -8.82 -10.89 -1.98
N GLU A 67 -9.84 -10.04 -1.81
CA GLU A 67 -10.21 -9.10 -2.86
C GLU A 67 -9.08 -8.11 -3.11
N VAL A 68 -8.50 -7.61 -2.02
CA VAL A 68 -7.40 -6.66 -2.12
C VAL A 68 -6.21 -7.32 -2.80
N VAL A 69 -5.88 -8.53 -2.36
CA VAL A 69 -4.77 -9.29 -2.94
C VAL A 69 -5.04 -9.55 -4.42
N LYS A 70 -6.26 -9.98 -4.72
CA LYS A 70 -6.65 -10.26 -6.09
C LYS A 70 -6.58 -8.99 -6.93
N LEU A 71 -6.97 -7.87 -6.34
CA LEU A 71 -6.94 -6.59 -7.02
C LEU A 71 -5.50 -6.14 -7.25
N ILE A 72 -4.67 -6.31 -6.24
CA ILE A 72 -3.27 -5.92 -6.33
C ILE A 72 -2.51 -6.84 -7.30
N LYS A 73 -2.89 -8.12 -7.31
CA LYS A 73 -2.25 -9.09 -8.19
C LYS A 73 -2.60 -8.80 -9.65
N SER A 74 -3.79 -8.27 -9.87
CA SER A 74 -4.25 -7.94 -11.22
C SER A 74 -3.41 -6.81 -11.82
N GLY A 75 -2.21 -7.15 -12.27
CA GLY A 75 -1.34 -6.16 -12.87
C GLY A 75 0.07 -6.23 -12.31
N SER A 76 1.06 -5.94 -13.15
CA SER A 76 2.45 -5.97 -12.72
C SER A 76 2.81 -4.71 -11.94
N TYR A 77 2.38 -3.56 -12.46
CA TYR A 77 2.65 -2.28 -11.81
C TYR A 77 1.39 -1.72 -11.17
N VAL A 78 1.40 -1.66 -9.84
CA VAL A 78 0.24 -1.15 -9.10
C VAL A 78 0.65 0.05 -8.24
N ALA A 79 -0.20 1.07 -8.24
CA ALA A 79 0.06 2.29 -7.46
C ALA A 79 -1.10 2.59 -6.53
N LEU A 80 -0.88 2.35 -5.23
CA LEU A 80 -1.91 2.61 -4.23
C LEU A 80 -1.57 3.84 -3.40
N THR A 81 -2.51 4.77 -3.32
CA THR A 81 -2.32 5.99 -2.56
C THR A 81 -2.41 5.73 -1.06
N VAL A 82 -1.28 5.87 -0.37
CA VAL A 82 -1.24 5.65 1.07
C VAL A 82 -0.98 6.94 1.82
N GLN A 83 -1.01 6.87 3.15
CA GLN A 83 -0.77 8.04 3.99
C GLN A 83 0.02 7.66 5.24
N GLY A 84 0.93 8.54 5.64
CA GLY A 84 1.74 8.28 6.81
C GLY A 84 1.41 9.22 7.96
N ARG A 85 0.65 8.72 8.93
CA ARG A 85 0.26 9.53 10.08
C ARG A 85 0.35 8.70 11.37
N PRO A 86 1.57 8.59 11.94
CA PRO A 86 1.80 7.83 13.17
C PRO A 86 0.71 8.06 14.21
N PRO A 87 0.47 9.32 14.63
CA PRO A 87 -0.55 9.64 15.62
C PRO A 87 -1.97 9.40 15.09
N GLY A 88 -2.92 9.23 16.01
CA GLY A 88 -4.28 8.99 15.61
C GLY A 88 -5.05 10.26 15.34
N SER A 89 -4.64 10.99 14.30
CA SER A 89 -5.30 12.24 13.94
C SER A 89 -6.66 11.99 13.30
N GLY A 1 4.03 26.31 6.16
CA GLY A 1 3.65 24.88 6.38
C GLY A 1 4.68 23.91 5.81
N SER A 2 4.66 22.67 6.30
CA SER A 2 5.58 21.66 5.83
C SER A 2 5.18 20.27 6.35
N HIS A 3 4.84 20.21 7.63
CA HIS A 3 4.43 18.95 8.25
C HIS A 3 3.51 19.20 9.44
N MET A 4 2.23 18.93 9.26
CA MET A 4 1.25 19.12 10.31
C MET A 4 0.51 17.82 10.64
N GLY A 5 0.90 16.73 9.98
CA GLY A 5 0.25 15.45 10.21
C GLY A 5 -0.70 15.07 9.11
N LEU A 6 -0.48 15.60 7.92
CA LEU A 6 -1.33 15.31 6.76
C LEU A 6 -0.52 15.30 5.47
N VAL A 7 0.25 14.24 5.27
CA VAL A 7 1.07 14.11 4.07
C VAL A 7 0.94 12.73 3.46
N GLN A 8 0.63 12.68 2.17
CA GLN A 8 0.47 11.42 1.46
C GLN A 8 1.38 11.37 0.24
N ARG A 9 1.82 10.17 -0.12
CA ARG A 9 2.70 9.98 -1.27
C ARG A 9 2.30 8.75 -2.08
N CYS A 10 2.27 8.89 -3.40
CA CYS A 10 1.91 7.79 -4.28
C CYS A 10 3.13 6.91 -4.57
N VAL A 11 2.95 5.60 -4.43
CA VAL A 11 4.03 4.65 -4.68
C VAL A 11 3.54 3.47 -5.51
N ILE A 12 4.08 3.34 -6.71
CA ILE A 12 3.70 2.25 -7.62
C ILE A 12 4.55 1.00 -7.36
N ILE A 13 3.90 -0.08 -6.98
CA ILE A 13 4.59 -1.33 -6.70
C ILE A 13 4.72 -2.18 -7.96
N GLN A 14 5.90 -2.75 -8.19
CA GLN A 14 6.15 -3.58 -9.35
C GLN A 14 6.41 -5.02 -8.95
N LYS A 15 5.57 -5.93 -9.47
CA LYS A 15 5.71 -7.35 -9.15
C LYS A 15 6.93 -7.94 -9.84
N ASP A 16 7.57 -8.89 -9.17
CA ASP A 16 8.76 -9.54 -9.72
C ASP A 16 8.60 -11.06 -9.72
N ASP A 17 9.69 -11.77 -9.96
CA ASP A 17 9.66 -13.23 -9.98
C ASP A 17 9.16 -13.79 -8.66
N ASN A 18 9.43 -13.07 -7.58
CA ASN A 18 9.00 -13.49 -6.25
C ASN A 18 7.59 -13.00 -5.95
N GLY A 19 7.25 -11.83 -6.49
CA GLY A 19 5.93 -11.27 -6.26
C GLY A 19 5.93 -10.17 -5.23
N PHE A 20 4.75 -9.66 -4.90
CA PHE A 20 4.61 -8.59 -3.91
C PHE A 20 5.11 -9.06 -2.54
N GLY A 21 6.30 -8.61 -2.17
CA GLY A 21 6.86 -8.99 -0.89
C GLY A 21 6.13 -8.36 0.28
N LEU A 22 5.72 -7.10 0.10
CA LEU A 22 5.00 -6.39 1.15
C LEU A 22 3.70 -7.11 1.52
N THR A 23 3.47 -7.24 2.82
CA THR A 23 2.27 -7.92 3.30
C THR A 23 1.21 -6.91 3.75
N VAL A 24 0.00 -7.07 3.25
CA VAL A 24 -1.10 -6.18 3.61
C VAL A 24 -2.21 -6.92 4.33
N SER A 25 -2.81 -6.27 5.33
CA SER A 25 -3.89 -6.87 6.09
C SER A 25 -4.86 -5.81 6.59
N GLY A 26 -6.15 -6.05 6.40
CA GLY A 26 -7.16 -5.10 6.83
C GLY A 26 -8.55 -5.48 6.36
N ASP A 27 -9.46 -5.71 7.30
CA ASP A 27 -10.83 -6.07 6.97
C ASP A 27 -11.48 -4.99 6.11
N ASN A 28 -11.85 -3.88 6.74
CA ASN A 28 -12.48 -2.78 6.03
C ASN A 28 -11.44 -1.94 5.28
N PRO A 29 -10.49 -1.33 6.02
CA PRO A 29 -9.45 -0.49 5.41
C PRO A 29 -8.36 -1.33 4.75
N VAL A 30 -7.26 -0.69 4.38
CA VAL A 30 -6.14 -1.37 3.73
C VAL A 30 -4.82 -0.69 4.06
N PHE A 31 -4.09 -1.26 5.01
CA PHE A 31 -2.80 -0.71 5.42
C PHE A 31 -1.69 -1.76 5.27
N VAL A 32 -0.51 -1.30 4.88
CA VAL A 32 0.63 -2.19 4.72
C VAL A 32 1.29 -2.51 6.05
N GLN A 33 1.37 -3.80 6.36
CA GLN A 33 1.98 -4.25 7.61
C GLN A 33 3.49 -4.38 7.48
N SER A 34 3.92 -5.05 6.41
CA SER A 34 5.35 -5.25 6.16
C SER A 34 5.72 -4.87 4.73
N VAL A 35 6.98 -4.53 4.52
CA VAL A 35 7.46 -4.14 3.20
C VAL A 35 8.81 -4.79 2.89
N LYS A 36 8.95 -5.27 1.66
CA LYS A 36 10.19 -5.91 1.24
C LYS A 36 11.35 -4.93 1.28
N GLU A 37 12.30 -5.18 2.18
CA GLU A 37 13.47 -4.33 2.32
C GLU A 37 14.41 -4.48 1.12
N ASP A 38 14.88 -3.35 0.59
CA ASP A 38 15.79 -3.37 -0.55
C ASP A 38 15.14 -4.06 -1.75
N GLY A 39 13.80 -4.00 -1.81
CA GLY A 39 13.08 -4.63 -2.90
C GLY A 39 12.10 -3.68 -3.56
N ALA A 40 11.15 -4.25 -4.30
CA ALA A 40 10.14 -3.44 -4.99
C ALA A 40 9.35 -2.58 -4.01
N ALA A 41 9.17 -3.10 -2.79
CA ALA A 41 8.43 -2.38 -1.76
C ALA A 41 9.24 -1.20 -1.24
N MET A 42 10.51 -1.45 -0.92
CA MET A 42 11.38 -0.40 -0.41
C MET A 42 11.80 0.57 -1.51
N ARG A 43 11.96 0.04 -2.72
CA ARG A 43 12.37 0.85 -3.86
C ARG A 43 11.21 1.74 -4.33
N ALA A 44 9.99 1.24 -4.16
CA ALA A 44 8.80 1.98 -4.56
C ALA A 44 8.52 3.14 -3.60
N GLY A 45 9.13 3.09 -2.42
CA GLY A 45 8.93 4.14 -1.44
C GLY A 45 7.84 3.78 -0.43
N VAL A 46 7.66 2.49 -0.21
CA VAL A 46 6.65 2.02 0.74
C VAL A 46 7.22 1.96 2.16
N GLN A 47 6.35 2.19 3.15
CA GLN A 47 6.77 2.17 4.54
C GLN A 47 5.90 1.21 5.34
N THR A 48 6.49 0.59 6.35
CA THR A 48 5.77 -0.37 7.20
C THR A 48 4.70 0.35 8.03
N GLY A 49 3.49 -0.19 8.00
CA GLY A 49 2.40 0.40 8.75
C GLY A 49 1.84 1.63 8.08
N ASP A 50 1.75 1.60 6.76
CA ASP A 50 1.23 2.73 5.99
C ASP A 50 -0.23 2.51 5.61
N ARG A 51 -1.01 3.58 5.61
CA ARG A 51 -2.42 3.49 5.26
C ARG A 51 -2.63 3.75 3.77
N ILE A 52 -3.38 2.87 3.12
CA ILE A 52 -3.66 3.00 1.70
C ILE A 52 -4.98 3.71 1.46
N ILE A 53 -4.93 4.83 0.73
CA ILE A 53 -6.11 5.62 0.44
C ILE A 53 -6.80 5.12 -0.83
N LYS A 54 -6.02 4.94 -1.90
CA LYS A 54 -6.55 4.47 -3.17
C LYS A 54 -5.66 3.40 -3.78
N VAL A 55 -6.21 2.65 -4.73
CA VAL A 55 -5.47 1.60 -5.41
C VAL A 55 -5.73 1.62 -6.90
N ASN A 56 -4.72 2.02 -7.67
CA ASN A 56 -4.84 2.09 -9.13
C ASN A 56 -5.94 3.08 -9.54
N GLY A 57 -5.88 4.28 -8.95
CA GLY A 57 -6.88 5.29 -9.27
C GLY A 57 -8.28 4.83 -8.96
N THR A 58 -8.42 3.92 -8.02
CA THR A 58 -9.72 3.40 -7.63
C THR A 58 -9.74 3.03 -6.15
N LEU A 59 -10.64 3.67 -5.40
CA LEU A 59 -10.76 3.41 -3.97
C LEU A 59 -11.07 1.93 -3.71
N VAL A 60 -11.76 1.30 -4.66
CA VAL A 60 -12.12 -0.10 -4.53
C VAL A 60 -13.06 -0.32 -3.36
N THR A 61 -13.99 -1.26 -3.51
CA THR A 61 -14.95 -1.57 -2.46
C THR A 61 -14.25 -2.06 -1.20
N HIS A 62 -14.51 -1.38 -0.08
CA HIS A 62 -13.90 -1.75 1.19
C HIS A 62 -14.36 -3.12 1.65
N SER A 63 -13.91 -3.54 2.83
CA SER A 63 -14.28 -4.83 3.38
C SER A 63 -13.79 -5.97 2.48
N ASN A 64 -13.69 -7.16 3.06
CA ASN A 64 -13.24 -8.33 2.32
C ASN A 64 -11.79 -8.17 1.87
N HIS A 65 -10.87 -8.74 2.64
CA HIS A 65 -9.45 -8.66 2.31
C HIS A 65 -9.14 -9.43 1.03
N LEU A 66 -9.85 -10.55 0.83
CA LEU A 66 -9.66 -11.37 -0.35
C LEU A 66 -9.84 -10.54 -1.62
N GLU A 67 -10.87 -9.70 -1.62
CA GLU A 67 -11.14 -8.84 -2.76
C GLU A 67 -9.97 -7.90 -3.01
N VAL A 68 -9.45 -7.32 -1.93
CA VAL A 68 -8.31 -6.42 -2.02
C VAL A 68 -7.09 -7.17 -2.55
N VAL A 69 -6.84 -8.34 -1.98
CA VAL A 69 -5.72 -9.17 -2.40
C VAL A 69 -5.86 -9.55 -3.87
N LYS A 70 -7.06 -9.95 -4.25
CA LYS A 70 -7.34 -10.34 -5.63
C LYS A 70 -7.20 -9.13 -6.55
N LEU A 71 -7.64 -7.97 -6.08
CA LEU A 71 -7.56 -6.74 -6.85
C LEU A 71 -6.11 -6.33 -7.04
N ILE A 72 -5.34 -6.34 -5.94
CA ILE A 72 -3.94 -5.96 -6.00
C ILE A 72 -3.14 -7.00 -6.77
N LYS A 73 -3.51 -8.27 -6.63
CA LYS A 73 -2.83 -9.34 -7.33
C LYS A 73 -3.14 -9.32 -8.82
N SER A 74 -4.32 -8.82 -9.18
CA SER A 74 -4.73 -8.74 -10.56
C SER A 74 -3.84 -7.80 -11.35
N GLY A 75 -2.67 -8.29 -11.75
CA GLY A 75 -1.74 -7.47 -12.51
C GLY A 75 -0.38 -7.36 -11.83
N SER A 76 0.67 -7.26 -12.64
CA SER A 76 2.03 -7.16 -12.11
C SER A 76 2.24 -5.79 -11.46
N TYR A 77 1.97 -4.73 -12.20
CA TYR A 77 2.12 -3.37 -11.70
C TYR A 77 0.81 -2.83 -11.18
N VAL A 78 0.83 -2.30 -9.96
CA VAL A 78 -0.38 -1.75 -9.34
C VAL A 78 -0.04 -0.56 -8.44
N ALA A 79 -0.58 0.61 -8.79
CA ALA A 79 -0.33 1.81 -8.00
C ALA A 79 -1.21 1.84 -6.75
N LEU A 80 -0.66 2.35 -5.66
CA LEU A 80 -1.40 2.43 -4.40
C LEU A 80 -1.04 3.69 -3.64
N THR A 81 -1.97 4.64 -3.60
CA THR A 81 -1.75 5.89 -2.89
C THR A 81 -1.91 5.70 -1.38
N VAL A 82 -0.80 5.83 -0.66
CA VAL A 82 -0.82 5.66 0.79
C VAL A 82 -0.54 6.97 1.52
N GLN A 83 -0.81 6.99 2.82
CA GLN A 83 -0.59 8.18 3.63
C GLN A 83 -0.10 7.80 5.02
N GLY A 84 0.69 8.68 5.62
CA GLY A 84 1.22 8.41 6.95
C GLY A 84 1.92 9.61 7.55
N ARG A 85 2.35 9.47 8.81
CA ARG A 85 3.04 10.55 9.50
C ARG A 85 4.25 10.01 10.27
N PRO A 86 5.48 10.37 9.85
CA PRO A 86 6.70 9.91 10.52
C PRO A 86 6.63 10.05 12.04
N PRO A 87 6.44 8.94 12.76
CA PRO A 87 6.36 8.95 14.22
C PRO A 87 7.73 8.99 14.88
N GLY A 88 7.74 8.96 16.20
CA GLY A 88 8.99 8.99 16.94
C GLY A 88 9.85 10.20 16.59
N SER A 89 9.28 11.39 16.77
CA SER A 89 10.00 12.62 16.47
C SER A 89 9.15 13.84 16.82
N GLY A 1 11.45 19.54 5.34
CA GLY A 1 10.24 20.37 5.10
C GLY A 1 9.06 19.93 5.95
N SER A 2 8.26 20.89 6.38
CA SER A 2 7.10 20.60 7.21
C SER A 2 5.81 20.67 6.39
N HIS A 3 4.68 20.43 7.05
CA HIS A 3 3.38 20.45 6.38
C HIS A 3 2.26 20.77 7.37
N MET A 4 1.03 20.69 6.90
CA MET A 4 -0.13 20.97 7.75
C MET A 4 -0.49 19.76 8.59
N GLY A 5 -0.25 18.57 8.04
CA GLY A 5 -0.55 17.34 8.75
C GLY A 5 -1.01 16.23 7.83
N LEU A 6 -1.62 16.61 6.72
CA LEU A 6 -2.11 15.64 5.74
C LEU A 6 -1.18 15.55 4.53
N VAL A 7 -0.29 14.57 4.55
CA VAL A 7 0.65 14.39 3.45
C VAL A 7 0.41 13.05 2.75
N GLN A 8 0.20 13.11 1.43
CA GLN A 8 -0.04 11.91 0.64
C GLN A 8 1.02 11.76 -0.45
N ARG A 9 1.39 10.52 -0.75
CA ARG A 9 2.38 10.24 -1.76
C ARG A 9 2.02 8.99 -2.56
N CYS A 10 2.11 9.08 -3.88
CA CYS A 10 1.79 7.95 -4.75
C CYS A 10 2.93 6.95 -4.79
N VAL A 11 2.65 5.71 -4.39
CA VAL A 11 3.66 4.66 -4.38
C VAL A 11 3.33 3.57 -5.39
N ILE A 12 4.21 3.37 -6.36
CA ILE A 12 4.01 2.35 -7.38
C ILE A 12 4.93 1.16 -7.16
N ILE A 13 4.36 0.06 -6.69
CA ILE A 13 5.13 -1.15 -6.43
C ILE A 13 5.21 -2.03 -7.68
N GLN A 14 6.42 -2.48 -8.00
CA GLN A 14 6.63 -3.34 -9.17
C GLN A 14 6.77 -4.80 -8.76
N LYS A 15 5.86 -5.64 -9.25
CA LYS A 15 5.89 -7.06 -8.95
C LYS A 15 7.11 -7.73 -9.57
N ASP A 16 7.59 -8.78 -8.92
CA ASP A 16 8.76 -9.51 -9.41
C ASP A 16 8.38 -10.94 -9.79
N ASP A 17 9.39 -11.74 -10.10
CA ASP A 17 9.17 -13.13 -10.50
C ASP A 17 8.47 -13.91 -9.37
N ASN A 18 8.75 -13.52 -8.14
CA ASN A 18 8.15 -14.17 -6.98
C ASN A 18 6.80 -13.55 -6.63
N GLY A 19 6.77 -12.22 -6.56
CA GLY A 19 5.53 -11.53 -6.24
C GLY A 19 5.74 -10.42 -5.23
N PHE A 20 4.66 -9.68 -4.94
CA PHE A 20 4.73 -8.58 -3.99
C PHE A 20 5.04 -9.09 -2.59
N GLY A 21 6.26 -8.84 -2.13
CA GLY A 21 6.67 -9.28 -0.81
C GLY A 21 5.88 -8.61 0.30
N LEU A 22 5.57 -7.33 0.12
CA LEU A 22 4.81 -6.58 1.11
C LEU A 22 3.44 -7.22 1.35
N THR A 23 3.01 -7.20 2.60
CA THR A 23 1.72 -7.79 2.96
C THR A 23 0.78 -6.72 3.52
N VAL A 24 -0.49 -6.82 3.15
CA VAL A 24 -1.50 -5.86 3.62
C VAL A 24 -2.58 -6.55 4.42
N SER A 25 -3.14 -5.83 5.40
CA SER A 25 -4.20 -6.38 6.24
C SER A 25 -5.15 -5.29 6.70
N GLY A 26 -6.44 -5.54 6.57
CA GLY A 26 -7.44 -4.56 6.97
C GLY A 26 -8.82 -4.90 6.45
N ASP A 27 -9.78 -5.04 7.37
CA ASP A 27 -11.15 -5.36 6.99
C ASP A 27 -11.74 -4.28 6.09
N ASN A 28 -12.15 -3.17 6.69
CA ASN A 28 -12.73 -2.06 5.94
C ASN A 28 -11.65 -1.25 5.25
N PRO A 29 -10.71 -0.68 6.01
CA PRO A 29 -9.60 0.12 5.45
C PRO A 29 -8.53 -0.75 4.83
N VAL A 30 -7.39 -0.13 4.49
CA VAL A 30 -6.29 -0.85 3.89
C VAL A 30 -4.96 -0.20 4.24
N PHE A 31 -4.12 -0.93 4.98
CA PHE A 31 -2.82 -0.42 5.38
C PHE A 31 -1.75 -1.49 5.21
N VAL A 32 -0.54 -1.06 4.83
CA VAL A 32 0.57 -1.97 4.63
C VAL A 32 1.17 -2.41 5.95
N GLN A 33 1.16 -3.72 6.20
CA GLN A 33 1.70 -4.27 7.44
C GLN A 33 3.19 -4.59 7.30
N SER A 34 3.55 -5.22 6.19
CA SER A 34 4.95 -5.59 5.93
C SER A 34 5.40 -5.07 4.57
N VAL A 35 6.69 -4.80 4.44
CA VAL A 35 7.26 -4.30 3.19
C VAL A 35 8.57 -5.01 2.86
N LYS A 36 8.66 -5.50 1.63
CA LYS A 36 9.87 -6.21 1.19
C LYS A 36 11.09 -5.31 1.30
N GLU A 37 11.86 -5.50 2.36
CA GLU A 37 13.07 -4.70 2.60
C GLU A 37 14.11 -4.96 1.52
N ASP A 38 14.65 -3.90 0.95
CA ASP A 38 15.66 -4.02 -0.10
C ASP A 38 15.13 -4.82 -1.29
N GLY A 39 13.85 -4.63 -1.59
CA GLY A 39 13.25 -5.34 -2.70
C GLY A 39 12.27 -4.49 -3.48
N ALA A 40 11.20 -5.10 -3.98
CA ALA A 40 10.19 -4.39 -4.74
C ALA A 40 9.54 -3.29 -3.90
N ALA A 41 9.18 -3.63 -2.66
CA ALA A 41 8.56 -2.68 -1.77
C ALA A 41 9.49 -1.51 -1.47
N MET A 42 10.74 -1.82 -1.13
CA MET A 42 11.72 -0.80 -0.83
C MET A 42 11.98 0.09 -2.04
N ARG A 43 11.82 -0.49 -3.23
CA ARG A 43 12.04 0.25 -4.47
C ARG A 43 10.91 1.25 -4.71
N ALA A 44 9.69 0.85 -4.37
CA ALA A 44 8.53 1.70 -4.55
C ALA A 44 8.50 2.82 -3.51
N GLY A 45 9.29 2.67 -2.44
CA GLY A 45 9.32 3.68 -1.40
C GLY A 45 8.23 3.49 -0.37
N VAL A 46 7.79 2.25 -0.19
CA VAL A 46 6.74 1.95 0.78
C VAL A 46 7.33 1.74 2.17
N GLN A 47 6.57 2.12 3.19
CA GLN A 47 7.01 1.98 4.58
C GLN A 47 6.16 0.96 5.31
N THR A 48 6.65 0.51 6.47
CA THR A 48 5.94 -0.47 7.27
C THR A 48 4.83 0.20 8.09
N GLY A 49 3.61 -0.32 7.96
CA GLY A 49 2.49 0.23 8.68
C GLY A 49 1.96 1.51 8.05
N ASP A 50 1.95 1.55 6.73
CA ASP A 50 1.47 2.72 6.01
C ASP A 50 -0.02 2.61 5.73
N ARG A 51 -0.69 3.76 5.60
CA ARG A 51 -2.12 3.79 5.34
C ARG A 51 -2.38 3.97 3.84
N ILE A 52 -3.31 3.18 3.32
CA ILE A 52 -3.64 3.25 1.90
C ILE A 52 -5.01 3.90 1.69
N ILE A 53 -5.02 5.07 1.06
CA ILE A 53 -6.25 5.80 0.80
C ILE A 53 -6.99 5.20 -0.39
N LYS A 54 -6.26 4.97 -1.48
CA LYS A 54 -6.86 4.41 -2.69
C LYS A 54 -5.92 3.40 -3.35
N VAL A 55 -6.50 2.42 -4.04
CA VAL A 55 -5.71 1.40 -4.73
C VAL A 55 -6.21 1.19 -6.14
N ASN A 56 -5.38 1.57 -7.11
CA ASN A 56 -5.73 1.42 -8.52
C ASN A 56 -7.00 2.21 -8.85
N GLY A 57 -7.24 3.29 -8.12
CA GLY A 57 -8.41 4.11 -8.35
C GLY A 57 -9.49 3.90 -7.31
N THR A 58 -9.49 2.71 -6.69
CA THR A 58 -10.48 2.38 -5.67
C THR A 58 -10.23 3.21 -4.40
N LEU A 59 -11.02 4.27 -4.24
CA LEU A 59 -10.89 5.13 -3.07
C LEU A 59 -12.14 5.07 -2.20
N VAL A 60 -12.76 3.89 -2.17
CA VAL A 60 -13.97 3.69 -1.37
C VAL A 60 -13.74 2.62 -0.29
N THR A 61 -14.55 2.67 0.76
CA THR A 61 -14.44 1.71 1.85
C THR A 61 -14.72 0.30 1.38
N HIS A 62 -13.72 -0.34 0.79
CA HIS A 62 -13.87 -1.69 0.28
C HIS A 62 -13.70 -2.71 1.41
N SER A 63 -13.90 -3.98 1.09
CA SER A 63 -13.77 -5.06 2.07
C SER A 63 -13.23 -6.32 1.43
N ASN A 64 -13.19 -7.40 2.21
CA ASN A 64 -12.69 -8.68 1.71
C ASN A 64 -11.21 -8.58 1.34
N HIS A 65 -10.35 -9.15 2.17
CA HIS A 65 -8.91 -9.13 1.92
C HIS A 65 -8.58 -9.84 0.61
N LEU A 66 -9.29 -10.93 0.34
CA LEU A 66 -9.06 -11.70 -0.88
C LEU A 66 -9.20 -10.81 -2.11
N GLU A 67 -10.22 -9.96 -2.11
CA GLU A 67 -10.45 -9.05 -3.22
C GLU A 67 -9.29 -8.09 -3.37
N VAL A 68 -8.83 -7.56 -2.24
CA VAL A 68 -7.71 -6.63 -2.23
C VAL A 68 -6.45 -7.33 -2.74
N VAL A 69 -6.20 -8.53 -2.23
CA VAL A 69 -5.04 -9.31 -2.65
C VAL A 69 -5.14 -9.63 -4.13
N LYS A 70 -6.33 -10.04 -4.57
CA LYS A 70 -6.56 -10.37 -5.96
C LYS A 70 -6.37 -9.13 -6.83
N LEU A 71 -6.82 -8.00 -6.32
CA LEU A 71 -6.70 -6.73 -7.04
C LEU A 71 -5.24 -6.29 -7.09
N ILE A 72 -4.50 -6.54 -6.01
CA ILE A 72 -3.10 -6.17 -5.94
C ILE A 72 -2.25 -7.09 -6.81
N LYS A 73 -2.55 -8.39 -6.77
CA LYS A 73 -1.80 -9.37 -7.54
C LYS A 73 -2.18 -9.28 -9.02
N SER A 74 -3.39 -8.81 -9.29
CA SER A 74 -3.87 -8.68 -10.66
C SER A 74 -3.07 -7.64 -11.43
N GLY A 75 -1.86 -8.01 -11.85
CA GLY A 75 -1.01 -7.10 -12.58
C GLY A 75 0.37 -6.98 -11.98
N SER A 76 1.36 -6.65 -12.81
CA SER A 76 2.73 -6.52 -12.35
C SER A 76 2.94 -5.18 -11.64
N TYR A 77 2.27 -4.14 -12.14
CA TYR A 77 2.38 -2.81 -11.54
C TYR A 77 1.13 -2.47 -10.75
N VAL A 78 1.30 -1.80 -9.61
CA VAL A 78 0.19 -1.40 -8.77
C VAL A 78 0.37 0.02 -8.26
N ALA A 79 -0.63 0.87 -8.49
CA ALA A 79 -0.59 2.25 -8.05
C ALA A 79 -1.66 2.53 -7.01
N LEU A 80 -1.22 2.76 -5.76
CA LEU A 80 -2.15 3.04 -4.67
C LEU A 80 -1.63 4.18 -3.81
N THR A 81 -2.47 5.21 -3.64
CA THR A 81 -2.10 6.36 -2.83
C THR A 81 -2.16 6.03 -1.35
N VAL A 82 -1.04 6.25 -0.66
CA VAL A 82 -0.95 5.98 0.78
C VAL A 82 -0.70 7.25 1.57
N GLN A 83 -0.70 7.12 2.89
CA GLN A 83 -0.47 8.26 3.78
C GLN A 83 0.46 7.88 4.92
N GLY A 84 1.38 8.78 5.25
CA GLY A 84 2.33 8.53 6.33
C GLY A 84 2.64 9.77 7.12
N ARG A 85 2.60 9.66 8.45
CA ARG A 85 2.90 10.79 9.32
C ARG A 85 3.34 10.30 10.71
N PRO A 86 4.33 10.98 11.32
CA PRO A 86 4.84 10.61 12.64
C PRO A 86 3.73 10.52 13.69
N PRO A 87 2.87 11.56 13.79
CA PRO A 87 1.78 11.59 14.76
C PRO A 87 0.63 10.69 14.36
N GLY A 88 -0.25 10.39 15.31
CA GLY A 88 -1.40 9.54 15.03
C GLY A 88 -2.62 9.91 15.85
N SER A 89 -2.42 10.11 17.15
CA SER A 89 -3.50 10.47 18.05
C SER A 89 -3.12 11.65 18.92
N GLY A 1 10.99 9.11 4.96
CA GLY A 1 11.91 10.07 5.64
C GLY A 1 12.21 9.67 7.07
N SER A 2 11.25 9.91 7.96
CA SER A 2 11.41 9.58 9.37
C SER A 2 10.07 9.62 10.09
N HIS A 3 9.47 10.80 10.18
CA HIS A 3 8.19 10.97 10.85
C HIS A 3 7.04 10.61 9.92
N MET A 4 6.84 11.43 8.89
CA MET A 4 5.77 11.20 7.93
C MET A 4 4.41 11.20 8.61
N GLY A 5 3.69 12.31 8.49
CA GLY A 5 2.38 12.42 9.11
C GLY A 5 1.32 12.91 8.13
N LEU A 6 1.31 14.21 7.86
CA LEU A 6 0.35 14.80 6.95
C LEU A 6 0.92 14.86 5.53
N VAL A 7 1.40 13.74 5.04
CA VAL A 7 1.98 13.67 3.70
C VAL A 7 1.44 12.46 2.93
N GLN A 8 0.77 12.72 1.82
CA GLN A 8 0.21 11.65 0.99
C GLN A 8 1.02 11.50 -0.29
N ARG A 9 1.47 10.27 -0.56
CA ARG A 9 2.24 10.00 -1.76
C ARG A 9 1.87 8.63 -2.34
N CYS A 10 1.97 8.51 -3.66
CA CYS A 10 1.65 7.26 -4.34
C CYS A 10 2.81 6.28 -4.23
N VAL A 11 2.51 5.01 -4.43
CA VAL A 11 3.52 3.96 -4.36
C VAL A 11 3.23 2.83 -5.35
N ILE A 12 4.04 2.75 -6.39
CA ILE A 12 3.86 1.72 -7.41
C ILE A 12 4.76 0.52 -7.15
N ILE A 13 4.16 -0.61 -6.79
CA ILE A 13 4.91 -1.83 -6.51
C ILE A 13 5.12 -2.65 -7.77
N GLN A 14 6.28 -3.29 -7.87
CA GLN A 14 6.59 -4.12 -9.03
C GLN A 14 6.59 -5.61 -8.66
N LYS A 15 5.85 -6.40 -9.43
CA LYS A 15 5.76 -7.83 -9.19
C LYS A 15 6.96 -8.57 -9.80
N ASP A 16 7.77 -9.16 -8.92
CA ASP A 16 8.95 -9.90 -9.38
C ASP A 16 8.62 -11.37 -9.63
N ASP A 17 9.65 -12.18 -9.80
CA ASP A 17 9.46 -13.60 -10.05
C ASP A 17 8.66 -14.26 -8.93
N ASN A 18 8.80 -13.72 -7.72
CA ASN A 18 8.10 -14.25 -6.56
C ASN A 18 6.69 -13.66 -6.48
N GLY A 19 6.58 -12.35 -6.63
CA GLY A 19 5.29 -11.70 -6.58
C GLY A 19 5.33 -10.41 -5.77
N PHE A 20 4.56 -10.38 -4.68
CA PHE A 20 4.52 -9.21 -3.82
C PHE A 20 4.86 -9.57 -2.37
N GLY A 21 5.98 -9.06 -1.90
CA GLY A 21 6.41 -9.34 -0.54
C GLY A 21 5.64 -8.54 0.49
N LEU A 22 5.15 -7.36 0.08
CA LEU A 22 4.38 -6.50 0.97
C LEU A 22 3.21 -7.25 1.60
N THR A 23 3.18 -7.28 2.92
CA THR A 23 2.11 -7.96 3.65
C THR A 23 1.09 -6.95 4.17
N VAL A 24 -0.16 -7.13 3.76
CA VAL A 24 -1.22 -6.22 4.18
C VAL A 24 -2.36 -6.98 4.85
N SER A 25 -3.03 -6.31 5.79
CA SER A 25 -4.14 -6.92 6.52
C SER A 25 -5.16 -5.86 6.93
N GLY A 26 -6.43 -6.13 6.66
CA GLY A 26 -7.47 -5.18 7.02
C GLY A 26 -8.81 -5.53 6.40
N ASP A 27 -9.76 -5.92 7.25
CA ASP A 27 -11.09 -6.29 6.78
C ASP A 27 -11.76 -5.12 6.07
N ASN A 28 -12.19 -4.13 6.84
CA ASN A 28 -12.83 -2.95 6.29
C ASN A 28 -11.81 -2.03 5.63
N PRO A 29 -10.83 -1.54 6.41
CA PRO A 29 -9.78 -0.65 5.89
C PRO A 29 -8.74 -1.42 5.08
N VAL A 30 -7.63 -0.75 4.77
CA VAL A 30 -6.56 -1.37 4.01
C VAL A 30 -5.23 -0.62 4.21
N PHE A 31 -4.35 -1.22 5.01
CA PHE A 31 -3.05 -0.62 5.29
C PHE A 31 -1.94 -1.67 5.16
N VAL A 32 -0.73 -1.19 4.88
CA VAL A 32 0.41 -2.08 4.72
C VAL A 32 1.16 -2.24 6.04
N GLN A 33 1.56 -3.48 6.34
CA GLN A 33 2.27 -3.76 7.58
C GLN A 33 3.76 -3.99 7.30
N SER A 34 4.05 -4.88 6.36
CA SER A 34 5.44 -5.18 6.01
C SER A 34 5.69 -4.93 4.53
N VAL A 35 6.92 -4.56 4.20
CA VAL A 35 7.30 -4.29 2.81
C VAL A 35 8.65 -4.91 2.48
N LYS A 36 8.86 -5.22 1.21
CA LYS A 36 10.12 -5.81 0.76
C LYS A 36 11.27 -4.82 0.91
N GLU A 37 11.97 -4.91 2.04
CA GLU A 37 13.10 -4.03 2.30
C GLU A 37 14.23 -4.27 1.31
N ASP A 38 14.85 -3.18 0.85
CA ASP A 38 15.95 -3.27 -0.10
C ASP A 38 15.51 -3.99 -1.38
N GLY A 39 14.23 -3.83 -1.72
CA GLY A 39 13.71 -4.47 -2.92
C GLY A 39 12.75 -3.57 -3.67
N ALA A 40 11.75 -4.18 -4.32
CA ALA A 40 10.76 -3.43 -5.08
C ALA A 40 9.99 -2.47 -4.18
N ALA A 41 9.63 -2.94 -2.99
CA ALA A 41 8.88 -2.13 -2.04
C ALA A 41 9.71 -0.92 -1.59
N MET A 42 10.96 -1.18 -1.22
CA MET A 42 11.85 -0.12 -0.77
C MET A 42 12.17 0.85 -1.91
N ARG A 43 12.26 0.32 -3.12
CA ARG A 43 12.56 1.13 -4.29
C ARG A 43 11.34 1.95 -4.70
N ALA A 44 10.15 1.40 -4.45
CA ALA A 44 8.91 2.08 -4.80
C ALA A 44 8.59 3.19 -3.81
N GLY A 45 9.25 3.17 -2.65
CA GLY A 45 9.01 4.18 -1.64
C GLY A 45 7.80 3.87 -0.77
N VAL A 46 7.78 2.66 -0.21
CA VAL A 46 6.67 2.25 0.65
C VAL A 46 6.97 2.56 2.11
N GLN A 47 5.92 2.61 2.93
CA GLN A 47 6.07 2.89 4.35
C GLN A 47 5.35 1.84 5.19
N THR A 48 6.12 1.07 5.96
CA THR A 48 5.55 0.03 6.80
C THR A 48 4.52 0.61 7.77
N GLY A 49 3.36 -0.03 7.83
CA GLY A 49 2.30 0.43 8.70
C GLY A 49 1.61 1.67 8.18
N ASP A 50 1.54 1.81 6.85
CA ASP A 50 0.90 2.96 6.24
C ASP A 50 -0.53 2.62 5.82
N ARG A 51 -1.37 3.65 5.75
CA ARG A 51 -2.77 3.47 5.37
C ARG A 51 -2.94 3.65 3.86
N ILE A 52 -3.81 2.84 3.26
CA ILE A 52 -4.06 2.92 1.83
C ILE A 52 -5.42 3.54 1.54
N ILE A 53 -5.41 4.70 0.90
CA ILE A 53 -6.64 5.40 0.57
C ILE A 53 -7.29 4.82 -0.68
N LYS A 54 -6.49 4.61 -1.72
CA LYS A 54 -6.98 4.06 -2.98
C LYS A 54 -5.95 3.12 -3.61
N VAL A 55 -6.44 2.06 -4.24
CA VAL A 55 -5.56 1.09 -4.88
C VAL A 55 -5.87 0.96 -6.36
N ASN A 56 -4.93 1.40 -7.20
CA ASN A 56 -5.12 1.34 -8.65
C ASN A 56 -6.34 2.13 -9.09
N GLY A 57 -6.66 3.18 -8.33
CA GLY A 57 -7.80 4.01 -8.65
C GLY A 57 -9.01 3.69 -7.79
N THR A 58 -9.06 2.47 -7.27
CA THR A 58 -10.18 2.05 -6.43
C THR A 58 -10.11 2.71 -5.05
N LEU A 59 -10.66 3.92 -4.96
CA LEU A 59 -10.66 4.66 -3.71
C LEU A 59 -11.81 4.22 -2.81
N VAL A 60 -12.86 3.67 -3.43
CA VAL A 60 -14.03 3.21 -2.68
C VAL A 60 -13.63 2.26 -1.56
N THR A 61 -14.40 2.27 -0.47
CA THR A 61 -14.13 1.40 0.66
C THR A 61 -15.37 0.60 1.05
N HIS A 62 -15.40 -0.66 0.64
CA HIS A 62 -16.54 -1.53 0.93
C HIS A 62 -16.26 -2.96 0.50
N SER A 63 -15.02 -3.40 0.68
CA SER A 63 -14.61 -4.74 0.31
C SER A 63 -13.81 -5.41 1.42
N ASN A 64 -13.21 -6.56 1.11
CA ASN A 64 -12.41 -7.29 2.09
C ASN A 64 -10.97 -7.45 1.61
N HIS A 65 -10.19 -8.22 2.35
CA HIS A 65 -8.79 -8.44 2.01
C HIS A 65 -8.67 -9.10 0.63
N LEU A 66 -9.59 -10.00 0.33
CA LEU A 66 -9.60 -10.69 -0.95
C LEU A 66 -9.62 -9.70 -2.11
N GLU A 67 -10.44 -8.66 -1.98
CA GLU A 67 -10.53 -7.63 -3.01
C GLU A 67 -9.21 -6.92 -3.17
N VAL A 68 -8.58 -6.58 -2.05
CA VAL A 68 -7.29 -5.90 -2.07
C VAL A 68 -6.24 -6.81 -2.70
N VAL A 69 -6.22 -8.07 -2.26
CA VAL A 69 -5.27 -9.05 -2.79
C VAL A 69 -5.49 -9.24 -4.28
N LYS A 70 -6.75 -9.35 -4.68
CA LYS A 70 -7.09 -9.52 -6.09
C LYS A 70 -6.72 -8.26 -6.87
N LEU A 71 -6.93 -7.11 -6.26
CA LEU A 71 -6.61 -5.84 -6.89
C LEU A 71 -5.10 -5.70 -7.08
N ILE A 72 -4.35 -5.99 -6.02
CA ILE A 72 -2.90 -5.90 -6.07
C ILE A 72 -2.33 -6.98 -7.00
N LYS A 73 -2.95 -8.16 -6.99
CA LYS A 73 -2.50 -9.26 -7.82
C LYS A 73 -2.85 -9.01 -9.29
N SER A 74 -3.93 -8.28 -9.52
CA SER A 74 -4.38 -7.97 -10.87
C SER A 74 -3.34 -7.12 -11.60
N GLY A 75 -2.31 -7.77 -12.12
CA GLY A 75 -1.26 -7.06 -12.83
C GLY A 75 0.07 -7.08 -12.11
N SER A 76 1.15 -6.96 -12.87
CA SER A 76 2.49 -6.97 -12.30
C SER A 76 2.73 -5.72 -11.44
N TYR A 77 2.29 -4.58 -11.95
CA TYR A 77 2.45 -3.31 -11.24
C TYR A 77 1.13 -2.85 -10.64
N VAL A 78 1.22 -2.13 -9.52
CA VAL A 78 0.03 -1.62 -8.85
C VAL A 78 0.29 -0.27 -8.21
N ALA A 79 -0.49 0.73 -8.60
CA ALA A 79 -0.35 2.08 -8.07
C ALA A 79 -1.46 2.39 -7.07
N LEU A 80 -1.10 2.47 -5.80
CA LEU A 80 -2.07 2.76 -4.75
C LEU A 80 -1.64 3.97 -3.92
N THR A 81 -2.61 4.81 -3.56
CA THR A 81 -2.32 6.00 -2.77
C THR A 81 -2.44 5.70 -1.28
N VAL A 82 -1.37 5.97 -0.54
CA VAL A 82 -1.35 5.72 0.90
C VAL A 82 -1.14 7.02 1.68
N GLN A 83 -1.25 6.93 2.99
CA GLN A 83 -1.07 8.09 3.86
C GLN A 83 -0.37 7.70 5.16
N GLY A 84 0.59 8.52 5.57
CA GLY A 84 1.32 8.23 6.80
C GLY A 84 0.76 8.99 7.99
N ARG A 85 -0.55 9.21 8.00
CA ARG A 85 -1.20 9.92 9.09
C ARG A 85 -1.80 8.94 10.11
N PRO A 86 -1.20 8.84 11.31
CA PRO A 86 -1.67 7.94 12.36
C PRO A 86 -3.15 8.18 12.69
N PRO A 87 -4.01 7.16 12.50
CA PRO A 87 -5.44 7.28 12.79
C PRO A 87 -5.71 7.78 14.21
N GLY A 88 -5.06 7.15 15.19
CA GLY A 88 -5.24 7.56 16.56
C GLY A 88 -6.51 7.00 17.18
N SER A 89 -7.66 7.51 16.72
CA SER A 89 -8.95 7.06 17.23
C SER A 89 -9.64 6.16 16.22
N GLY A 1 -6.61 13.52 -3.78
CA GLY A 1 -6.99 14.71 -4.60
C GLY A 1 -7.78 15.72 -3.82
N SER A 2 -8.89 15.29 -3.23
CA SER A 2 -9.74 16.19 -2.44
C SER A 2 -9.80 15.73 -0.99
N HIS A 3 -8.71 15.14 -0.50
CA HIS A 3 -8.64 14.65 0.86
C HIS A 3 -7.43 15.23 1.58
N MET A 4 -7.67 15.95 2.67
CA MET A 4 -6.58 16.55 3.45
C MET A 4 -6.12 15.60 4.55
N GLY A 5 -5.05 14.85 4.27
CA GLY A 5 -4.51 13.92 5.24
C GLY A 5 -3.15 14.33 5.74
N LEU A 6 -2.86 15.63 5.69
CA LEU A 6 -1.57 16.15 6.13
C LEU A 6 -0.43 15.64 5.27
N VAL A 7 -0.09 14.36 5.44
CA VAL A 7 0.99 13.76 4.66
C VAL A 7 0.45 12.73 3.66
N GLN A 8 0.56 13.04 2.38
CA GLN A 8 0.09 12.14 1.33
C GLN A 8 1.22 11.77 0.38
N ARG A 9 1.34 10.48 0.07
CA ARG A 9 2.39 10.02 -0.83
C ARG A 9 1.92 8.80 -1.62
N CYS A 10 2.22 8.78 -2.91
CA CYS A 10 1.83 7.68 -3.78
C CYS A 10 3.06 6.87 -4.21
N VAL A 11 2.91 5.56 -4.30
CA VAL A 11 4.00 4.68 -4.70
C VAL A 11 3.50 3.54 -5.58
N ILE A 12 4.22 3.28 -6.67
CA ILE A 12 3.85 2.21 -7.58
C ILE A 12 4.62 0.93 -7.28
N ILE A 13 3.90 -0.12 -6.90
CA ILE A 13 4.52 -1.40 -6.58
C ILE A 13 4.72 -2.24 -7.84
N GLN A 14 5.95 -2.71 -8.03
CA GLN A 14 6.28 -3.54 -9.18
C GLN A 14 6.35 -5.02 -8.80
N LYS A 15 5.67 -5.85 -9.57
CA LYS A 15 5.65 -7.29 -9.30
C LYS A 15 7.01 -7.92 -9.64
N ASP A 16 7.36 -8.98 -8.93
CA ASP A 16 8.61 -9.68 -9.16
C ASP A 16 8.36 -11.15 -9.49
N ASP A 17 9.43 -11.94 -9.48
CA ASP A 17 9.33 -13.36 -9.78
C ASP A 17 8.36 -14.06 -8.84
N ASN A 18 8.27 -13.54 -7.62
CA ASN A 18 7.37 -14.11 -6.62
C ASN A 18 6.08 -13.30 -6.52
N GLY A 19 6.20 -11.98 -6.68
CA GLY A 19 5.04 -11.11 -6.60
C GLY A 19 5.25 -9.94 -5.66
N PHE A 20 4.24 -9.64 -4.86
CA PHE A 20 4.32 -8.53 -3.91
C PHE A 20 4.75 -9.03 -2.54
N GLY A 21 6.03 -8.90 -2.25
CA GLY A 21 6.55 -9.34 -0.96
C GLY A 21 5.90 -8.62 0.20
N LEU A 22 5.45 -7.39 -0.05
CA LEU A 22 4.80 -6.59 0.99
C LEU A 22 3.50 -7.25 1.45
N THR A 23 3.32 -7.32 2.77
CA THR A 23 2.12 -7.92 3.34
C THR A 23 1.15 -6.84 3.83
N VAL A 24 -0.14 -7.05 3.55
CA VAL A 24 -1.16 -6.10 3.97
C VAL A 24 -2.34 -6.81 4.64
N SER A 25 -2.90 -6.18 5.66
CA SER A 25 -4.03 -6.76 6.38
C SER A 25 -4.94 -5.66 6.93
N GLY A 26 -6.25 -5.81 6.70
CA GLY A 26 -7.20 -4.82 7.18
C GLY A 26 -8.63 -5.27 7.01
N ASP A 27 -9.32 -5.51 8.12
CA ASP A 27 -10.71 -5.95 8.07
C ASP A 27 -11.58 -4.92 7.36
N ASN A 28 -11.53 -3.67 7.82
CA ASN A 28 -12.31 -2.60 7.21
C ASN A 28 -11.46 -1.79 6.25
N PRO A 29 -10.41 -1.09 6.75
CA PRO A 29 -9.53 -0.27 5.91
C PRO A 29 -8.49 -1.12 5.18
N VAL A 30 -7.48 -0.45 4.62
CA VAL A 30 -6.41 -1.14 3.90
C VAL A 30 -5.07 -0.46 4.13
N PHE A 31 -4.19 -1.14 4.86
CA PHE A 31 -2.86 -0.60 5.16
C PHE A 31 -1.80 -1.68 5.05
N VAL A 32 -0.57 -1.26 4.78
CA VAL A 32 0.55 -2.20 4.65
C VAL A 32 1.27 -2.38 5.99
N GLN A 33 1.30 -3.62 6.47
CA GLN A 33 1.95 -3.93 7.73
C GLN A 33 3.42 -4.28 7.51
N SER A 34 3.72 -4.85 6.35
CA SER A 34 5.10 -5.22 6.01
C SER A 34 5.39 -4.95 4.55
N VAL A 35 6.64 -4.61 4.25
CA VAL A 35 7.05 -4.34 2.88
C VAL A 35 8.39 -4.99 2.56
N LYS A 36 8.58 -5.38 1.31
CA LYS A 36 9.81 -6.02 0.88
C LYS A 36 11.00 -5.10 1.09
N GLU A 37 11.80 -5.39 2.11
CA GLU A 37 12.98 -4.58 2.42
C GLU A 37 14.10 -4.88 1.44
N ASP A 38 14.74 -3.82 0.96
CA ASP A 38 15.84 -3.96 0.01
C ASP A 38 15.37 -4.59 -1.29
N GLY A 39 14.08 -4.46 -1.59
CA GLY A 39 13.53 -5.04 -2.80
C GLY A 39 12.65 -4.06 -3.55
N ALA A 40 11.66 -4.59 -4.27
CA ALA A 40 10.75 -3.76 -5.04
C ALA A 40 9.99 -2.79 -4.14
N ALA A 41 9.56 -3.27 -2.98
CA ALA A 41 8.83 -2.44 -2.04
C ALA A 41 9.68 -1.26 -1.56
N MET A 42 10.93 -1.56 -1.19
CA MET A 42 11.84 -0.52 -0.72
C MET A 42 12.17 0.46 -1.83
N ARG A 43 12.46 -0.06 -3.02
CA ARG A 43 12.79 0.77 -4.17
C ARG A 43 11.62 1.68 -4.54
N ALA A 44 10.41 1.19 -4.34
CA ALA A 44 9.21 1.95 -4.66
C ALA A 44 9.01 3.10 -3.67
N GLY A 45 9.71 3.05 -2.54
CA GLY A 45 9.58 4.09 -1.54
C GLY A 45 8.42 3.87 -0.59
N VAL A 46 8.13 2.59 -0.33
CA VAL A 46 7.04 2.23 0.56
C VAL A 46 7.48 2.29 2.01
N GLN A 47 6.51 2.45 2.92
CA GLN A 47 6.81 2.52 4.35
C GLN A 47 6.04 1.44 5.12
N THR A 48 6.67 0.93 6.17
CA THR A 48 6.05 -0.11 6.99
C THR A 48 4.96 0.48 7.87
N GLY A 49 3.76 -0.08 7.75
CA GLY A 49 2.63 0.41 8.54
C GLY A 49 1.97 1.64 7.94
N ASP A 50 1.95 1.69 6.61
CA ASP A 50 1.35 2.83 5.92
C ASP A 50 -0.11 2.54 5.56
N ARG A 51 -0.93 3.58 5.56
CA ARG A 51 -2.34 3.42 5.23
C ARG A 51 -2.58 3.62 3.74
N ILE A 52 -3.47 2.80 3.17
CA ILE A 52 -3.79 2.89 1.76
C ILE A 52 -5.15 3.54 1.53
N ILE A 53 -5.18 4.53 0.65
CA ILE A 53 -6.42 5.23 0.34
C ILE A 53 -7.00 4.77 -0.99
N LYS A 54 -6.16 4.74 -2.02
CA LYS A 54 -6.59 4.30 -3.35
C LYS A 54 -5.72 3.17 -3.86
N VAL A 55 -6.34 2.21 -4.55
CA VAL A 55 -5.63 1.07 -5.10
C VAL A 55 -5.65 1.08 -6.63
N ASN A 56 -4.51 1.41 -7.23
CA ASN A 56 -4.41 1.45 -8.68
C ASN A 56 -5.37 2.47 -9.26
N GLY A 57 -5.44 3.64 -8.64
CA GLY A 57 -6.33 4.69 -9.11
C GLY A 57 -7.79 4.36 -8.88
N THR A 58 -8.05 3.55 -7.85
CA THR A 58 -9.42 3.16 -7.52
C THR A 58 -9.67 3.25 -6.03
N LEU A 59 -10.54 4.17 -5.62
CA LEU A 59 -10.87 4.34 -4.21
C LEU A 59 -11.80 3.25 -3.73
N VAL A 60 -11.24 2.08 -3.43
CA VAL A 60 -12.03 0.95 -2.95
C VAL A 60 -11.32 0.23 -1.81
N THR A 61 -12.09 -0.18 -0.81
CA THR A 61 -11.54 -0.89 0.34
C THR A 61 -11.94 -2.35 0.34
N HIS A 62 -13.06 -2.66 -0.31
CA HIS A 62 -13.55 -4.03 -0.39
C HIS A 62 -13.88 -4.56 1.00
N SER A 63 -14.36 -5.81 1.06
CA SER A 63 -14.71 -6.43 2.33
C SER A 63 -13.62 -7.39 2.78
N ASN A 64 -13.56 -8.55 2.14
CA ASN A 64 -12.55 -9.56 2.49
C ASN A 64 -11.18 -9.15 1.98
N HIS A 65 -10.15 -9.52 2.74
CA HIS A 65 -8.77 -9.21 2.38
C HIS A 65 -8.38 -9.90 1.06
N LEU A 66 -8.89 -11.11 0.87
CA LEU A 66 -8.60 -11.88 -0.33
C LEU A 66 -8.96 -11.08 -1.58
N GLU A 67 -10.11 -10.43 -1.55
CA GLU A 67 -10.56 -9.63 -2.67
C GLU A 67 -9.59 -8.49 -2.93
N VAL A 68 -9.16 -7.84 -1.86
CA VAL A 68 -8.20 -6.74 -1.97
C VAL A 68 -6.88 -7.26 -2.53
N VAL A 69 -6.41 -8.37 -1.97
CA VAL A 69 -5.17 -8.98 -2.41
C VAL A 69 -5.26 -9.37 -3.88
N LYS A 70 -6.39 -9.97 -4.25
CA LYS A 70 -6.62 -10.37 -5.64
C LYS A 70 -6.71 -9.14 -6.54
N LEU A 71 -7.34 -8.09 -6.03
CA LEU A 71 -7.49 -6.85 -6.78
C LEU A 71 -6.13 -6.21 -7.02
N ILE A 72 -5.33 -6.12 -5.96
CA ILE A 72 -4.00 -5.54 -6.07
C ILE A 72 -3.09 -6.43 -6.89
N LYS A 73 -3.18 -7.73 -6.65
CA LYS A 73 -2.36 -8.70 -7.38
C LYS A 73 -2.87 -8.89 -8.81
N SER A 74 -4.08 -8.43 -9.08
CA SER A 74 -4.69 -8.56 -10.40
C SER A 74 -3.73 -8.11 -11.49
N GLY A 75 -2.83 -7.18 -11.15
CA GLY A 75 -1.87 -6.69 -12.12
C GLY A 75 -0.47 -6.56 -11.54
N SER A 76 0.54 -6.72 -12.39
CA SER A 76 1.93 -6.63 -11.97
C SER A 76 2.24 -5.21 -11.48
N TYR A 77 1.91 -4.22 -12.29
CA TYR A 77 2.16 -2.82 -11.94
C TYR A 77 0.91 -2.20 -11.32
N VAL A 78 0.98 -1.87 -10.04
CA VAL A 78 -0.14 -1.27 -9.34
C VAL A 78 0.29 -0.03 -8.56
N ALA A 79 -0.43 1.07 -8.76
CA ALA A 79 -0.13 2.32 -8.07
C ALA A 79 -1.21 2.66 -7.06
N LEU A 80 -0.92 2.42 -5.78
CA LEU A 80 -1.87 2.70 -4.71
C LEU A 80 -1.44 3.89 -3.87
N THR A 81 -2.34 4.85 -3.68
CA THR A 81 -2.05 6.03 -2.89
C THR A 81 -2.15 5.74 -1.40
N VAL A 82 -1.06 5.95 -0.68
CA VAL A 82 -1.04 5.70 0.75
C VAL A 82 -0.91 6.99 1.55
N GLN A 83 -1.05 6.90 2.86
CA GLN A 83 -0.94 8.06 3.74
C GLN A 83 -0.21 7.71 5.03
N GLY A 84 0.67 8.60 5.47
CA GLY A 84 1.41 8.37 6.69
C GLY A 84 0.94 9.25 7.83
N ARG A 85 0.20 8.65 8.76
CA ARG A 85 -0.32 9.38 9.91
C ARG A 85 -0.46 8.46 11.13
N PRO A 86 0.59 8.39 11.97
CA PRO A 86 0.58 7.54 13.16
C PRO A 86 -0.64 7.80 14.05
N PRO A 87 -0.97 9.09 14.30
CA PRO A 87 -2.12 9.45 15.15
C PRO A 87 -3.44 9.00 14.55
N GLY A 88 -4.53 9.61 15.00
CA GLY A 88 -5.84 9.26 14.49
C GLY A 88 -6.55 10.44 13.85
N SER A 89 -5.83 11.15 12.99
CA SER A 89 -6.39 12.31 12.31
C SER A 89 -6.86 13.37 13.31
N GLY A 1 1.68 23.39 5.13
CA GLY A 1 1.96 22.01 4.67
C GLY A 1 3.09 21.35 5.45
N SER A 2 2.98 20.04 5.65
CA SER A 2 4.01 19.30 6.38
C SER A 2 4.15 19.82 7.80
N HIS A 3 3.03 20.26 8.38
CA HIS A 3 3.02 20.78 9.74
C HIS A 3 2.06 19.99 10.62
N MET A 4 0.88 19.69 10.08
CA MET A 4 -0.13 18.94 10.82
C MET A 4 0.02 17.44 10.57
N GLY A 5 -0.13 17.03 9.31
CA GLY A 5 -0.01 15.64 8.97
C GLY A 5 -1.00 15.21 7.89
N LEU A 6 -0.83 15.77 6.70
CA LEU A 6 -1.71 15.45 5.57
C LEU A 6 -0.90 15.26 4.29
N VAL A 7 0.17 14.49 4.38
CA VAL A 7 1.02 14.23 3.22
C VAL A 7 0.86 12.80 2.73
N GLN A 8 0.34 12.65 1.51
CA GLN A 8 0.13 11.33 0.93
C GLN A 8 0.88 11.20 -0.39
N ARG A 9 1.65 10.11 -0.53
CA ARG A 9 2.42 9.87 -1.73
C ARG A 9 2.02 8.54 -2.38
N CYS A 10 1.90 8.55 -3.70
CA CYS A 10 1.52 7.35 -4.44
C CYS A 10 2.74 6.46 -4.69
N VAL A 11 2.65 5.21 -4.24
CA VAL A 11 3.74 4.25 -4.41
C VAL A 11 3.36 3.15 -5.39
N ILE A 12 4.19 2.95 -6.41
CA ILE A 12 3.94 1.92 -7.41
C ILE A 12 4.72 0.64 -7.10
N ILE A 13 4.03 -0.36 -6.60
CA ILE A 13 4.66 -1.64 -6.26
C ILE A 13 4.72 -2.56 -7.47
N GLN A 14 5.92 -2.88 -7.92
CA GLN A 14 6.10 -3.76 -9.07
C GLN A 14 6.11 -5.22 -8.63
N LYS A 15 5.41 -6.06 -9.39
CA LYS A 15 5.33 -7.48 -9.08
C LYS A 15 6.70 -8.14 -9.23
N ASP A 16 6.96 -9.14 -8.40
CA ASP A 16 8.22 -9.86 -8.43
C ASP A 16 8.03 -11.30 -8.90
N ASP A 17 9.10 -12.08 -8.85
CA ASP A 17 9.04 -13.47 -9.27
C ASP A 17 8.03 -14.25 -8.43
N ASN A 18 7.89 -13.84 -7.18
CA ASN A 18 6.96 -14.50 -6.26
C ASN A 18 5.60 -13.81 -6.27
N GLY A 19 5.61 -12.48 -6.27
CA GLY A 19 4.38 -11.72 -6.27
C GLY A 19 4.25 -10.81 -5.08
N PHE A 20 5.03 -9.73 -5.08
CA PHE A 20 5.00 -8.76 -3.99
C PHE A 20 5.46 -9.40 -2.68
N GLY A 21 6.16 -8.63 -1.86
CA GLY A 21 6.65 -9.15 -0.59
C GLY A 21 6.00 -8.47 0.60
N LEU A 22 5.56 -7.23 0.41
CA LEU A 22 4.92 -6.47 1.47
C LEU A 22 3.67 -7.18 1.97
N THR A 23 3.48 -7.19 3.29
CA THR A 23 2.32 -7.84 3.89
C THR A 23 1.27 -6.81 4.30
N VAL A 24 0.05 -7.00 3.84
CA VAL A 24 -1.05 -6.09 4.16
C VAL A 24 -2.23 -6.84 4.77
N SER A 25 -2.82 -6.27 5.82
CA SER A 25 -3.96 -6.88 6.48
C SER A 25 -4.88 -5.82 7.08
N GLY A 26 -6.17 -5.96 6.83
CA GLY A 26 -7.13 -5.00 7.34
C GLY A 26 -8.56 -5.38 7.01
N ASP A 27 -9.41 -5.43 8.04
CA ASP A 27 -10.82 -5.78 7.86
C ASP A 27 -11.49 -4.80 6.90
N ASN A 28 -11.83 -3.62 7.40
CA ASN A 28 -12.46 -2.59 6.60
C ASN A 28 -11.42 -1.72 5.90
N PRO A 29 -10.46 -1.17 6.66
CA PRO A 29 -9.40 -0.32 6.11
C PRO A 29 -8.37 -1.14 5.33
N VAL A 30 -7.23 -0.52 5.02
CA VAL A 30 -6.17 -1.19 4.29
C VAL A 30 -4.81 -0.56 4.60
N PHE A 31 -4.10 -1.16 5.55
CA PHE A 31 -2.78 -0.65 5.94
C PHE A 31 -1.70 -1.71 5.71
N VAL A 32 -0.51 -1.26 5.36
CA VAL A 32 0.61 -2.17 5.12
C VAL A 32 1.40 -2.42 6.40
N GLN A 33 1.48 -3.67 6.80
CA GLN A 33 2.21 -4.05 8.01
C GLN A 33 3.71 -4.10 7.74
N SER A 34 4.10 -4.90 6.75
CA SER A 34 5.51 -5.05 6.38
C SER A 34 5.72 -4.77 4.90
N VAL A 35 6.95 -4.42 4.54
CA VAL A 35 7.28 -4.13 3.16
C VAL A 35 8.61 -4.78 2.76
N LYS A 36 8.66 -5.31 1.55
CA LYS A 36 9.87 -5.96 1.05
C LYS A 36 11.05 -4.98 1.04
N GLU A 37 12.00 -5.19 1.93
CA GLU A 37 13.18 -4.34 2.01
C GLU A 37 14.08 -4.54 0.80
N ASP A 38 14.49 -3.42 0.19
CA ASP A 38 15.36 -3.48 -0.98
C ASP A 38 14.70 -4.25 -2.12
N GLY A 39 13.37 -4.16 -2.18
CA GLY A 39 12.64 -4.85 -3.22
C GLY A 39 11.58 -3.97 -3.87
N ALA A 40 10.51 -4.59 -4.35
CA ALA A 40 9.42 -3.86 -4.98
C ALA A 40 8.78 -2.87 -4.02
N ALA A 41 8.65 -3.29 -2.76
CA ALA A 41 8.04 -2.43 -1.74
C ALA A 41 8.93 -1.23 -1.44
N MET A 42 10.23 -1.50 -1.24
CA MET A 42 11.18 -0.44 -0.95
C MET A 42 11.30 0.53 -2.12
N ARG A 43 11.49 -0.02 -3.32
CA ARG A 43 11.62 0.80 -4.52
C ARG A 43 10.38 1.64 -4.74
N ALA A 44 9.22 1.11 -4.33
CA ALA A 44 7.95 1.81 -4.49
C ALA A 44 7.85 2.99 -3.52
N GLY A 45 8.71 3.01 -2.52
CA GLY A 45 8.69 4.09 -1.54
C GLY A 45 7.64 3.88 -0.47
N VAL A 46 7.33 2.62 -0.18
CA VAL A 46 6.33 2.28 0.83
C VAL A 46 6.92 2.39 2.23
N GLN A 47 6.04 2.54 3.22
CA GLN A 47 6.48 2.66 4.61
C GLN A 47 5.80 1.61 5.49
N THR A 48 6.53 1.06 6.44
CA THR A 48 5.99 0.06 7.34
C THR A 48 4.88 0.63 8.21
N GLY A 49 3.73 -0.04 8.21
CA GLY A 49 2.60 0.42 8.99
C GLY A 49 2.02 1.72 8.46
N ASP A 50 1.79 1.77 7.16
CA ASP A 50 1.23 2.96 6.52
C ASP A 50 -0.26 2.79 6.27
N ARG A 51 -0.90 3.86 5.79
CA ARG A 51 -2.33 3.83 5.50
C ARG A 51 -2.59 3.95 3.99
N ILE A 52 -3.45 3.09 3.48
CA ILE A 52 -3.78 3.10 2.05
C ILE A 52 -5.16 3.70 1.82
N ILE A 53 -5.20 4.84 1.14
CA ILE A 53 -6.45 5.52 0.84
C ILE A 53 -6.96 5.14 -0.54
N LYS A 54 -6.04 4.84 -1.46
CA LYS A 54 -6.41 4.47 -2.82
C LYS A 54 -5.58 3.28 -3.29
N VAL A 55 -6.22 2.40 -4.06
CA VAL A 55 -5.56 1.21 -4.57
C VAL A 55 -5.71 1.12 -6.10
N ASN A 56 -4.62 1.37 -6.81
CA ASN A 56 -4.63 1.33 -8.27
C ASN A 56 -5.63 2.33 -8.84
N GLY A 57 -5.80 3.44 -8.15
CA GLY A 57 -6.73 4.46 -8.60
C GLY A 57 -8.17 3.99 -8.59
N THR A 58 -8.47 3.02 -7.73
CA THR A 58 -9.81 2.48 -7.62
C THR A 58 -10.36 2.61 -6.19
N LEU A 59 -9.80 3.56 -5.44
CA LEU A 59 -10.23 3.79 -4.07
C LEU A 59 -10.14 2.51 -3.24
N VAL A 60 -10.37 2.64 -1.93
CA VAL A 60 -10.31 1.49 -1.04
C VAL A 60 -11.67 1.23 -0.39
N THR A 61 -12.65 0.89 -1.20
CA THR A 61 -14.00 0.62 -0.71
C THR A 61 -14.25 -0.88 -0.63
N HIS A 62 -13.19 -1.65 -0.36
CA HIS A 62 -13.30 -3.09 -0.26
C HIS A 62 -13.13 -3.54 1.19
N SER A 63 -13.18 -4.86 1.41
CA SER A 63 -13.03 -5.42 2.73
C SER A 63 -12.32 -6.77 2.69
N ASN A 64 -12.81 -7.65 1.83
CA ASN A 64 -12.22 -8.98 1.69
C ASN A 64 -10.76 -8.89 1.26
N HIS A 65 -9.89 -9.53 2.02
CA HIS A 65 -8.47 -9.52 1.71
C HIS A 65 -8.20 -10.12 0.33
N LEU A 66 -8.90 -11.21 0.02
CA LEU A 66 -8.75 -11.88 -1.26
C LEU A 66 -8.98 -10.89 -2.41
N GLU A 67 -10.01 -10.07 -2.28
CA GLU A 67 -10.33 -9.07 -3.29
C GLU A 67 -9.18 -8.08 -3.43
N VAL A 68 -8.66 -7.64 -2.29
CA VAL A 68 -7.54 -6.70 -2.29
C VAL A 68 -6.32 -7.33 -2.95
N VAL A 69 -6.03 -8.58 -2.56
CA VAL A 69 -4.90 -9.30 -3.12
C VAL A 69 -5.09 -9.49 -4.62
N LYS A 70 -6.29 -9.92 -5.02
CA LYS A 70 -6.60 -10.12 -6.42
C LYS A 70 -6.50 -8.81 -7.18
N LEU A 71 -6.93 -7.73 -6.53
CA LEU A 71 -6.90 -6.40 -7.14
C LEU A 71 -5.44 -5.93 -7.29
N ILE A 72 -4.63 -6.19 -6.27
CA ILE A 72 -3.23 -5.79 -6.29
C ILE A 72 -2.44 -6.65 -7.27
N LYS A 73 -2.81 -7.93 -7.36
CA LYS A 73 -2.14 -8.86 -8.26
C LYS A 73 -2.51 -8.56 -9.71
N SER A 74 -3.69 -7.99 -9.92
CA SER A 74 -4.15 -7.66 -11.26
C SER A 74 -3.26 -6.60 -11.89
N GLY A 75 -2.12 -7.02 -12.42
CA GLY A 75 -1.19 -6.10 -13.05
C GLY A 75 0.19 -6.16 -12.45
N SER A 76 1.21 -5.93 -13.26
CA SER A 76 2.60 -5.97 -12.80
C SER A 76 2.82 -4.93 -11.69
N TYR A 77 2.61 -3.66 -12.04
CA TYR A 77 2.80 -2.58 -11.09
C TYR A 77 1.47 -1.88 -10.80
N VAL A 78 1.15 -1.74 -9.52
CA VAL A 78 -0.10 -1.09 -9.11
C VAL A 78 0.18 0.23 -8.38
N ALA A 79 -0.64 1.24 -8.67
CA ALA A 79 -0.48 2.54 -8.05
C ALA A 79 -1.52 2.76 -6.95
N LEU A 80 -1.10 2.59 -5.70
CA LEU A 80 -1.98 2.77 -4.56
C LEU A 80 -1.57 3.98 -3.72
N THR A 81 -2.52 4.87 -3.49
CA THR A 81 -2.25 6.07 -2.70
C THR A 81 -2.07 5.73 -1.22
N VAL A 82 -0.84 5.91 -0.73
CA VAL A 82 -0.53 5.61 0.66
C VAL A 82 -0.19 6.89 1.43
N GLN A 83 -0.31 6.82 2.76
CA GLN A 83 -0.02 7.96 3.62
C GLN A 83 0.87 7.55 4.78
N GLY A 84 1.76 8.45 5.18
CA GLY A 84 2.66 8.16 6.29
C GLY A 84 2.66 9.26 7.33
N ARG A 85 2.30 8.92 8.56
CA ARG A 85 2.26 9.87 9.65
C ARG A 85 2.76 9.25 10.95
N PRO A 86 3.56 9.99 11.74
CA PRO A 86 4.11 9.49 13.01
C PRO A 86 3.05 9.45 14.11
N PRO A 87 2.63 8.23 14.52
CA PRO A 87 1.62 8.06 15.57
C PRO A 87 2.14 8.52 16.94
N GLY A 88 1.21 8.91 17.81
CA GLY A 88 1.59 9.35 19.14
C GLY A 88 1.48 8.24 20.18
N SER A 89 1.66 7.00 19.74
CA SER A 89 1.58 5.85 20.63
C SER A 89 0.19 5.73 21.23
N GLY A 1 -4.63 23.02 9.58
CA GLY A 1 -4.44 23.15 8.11
C GLY A 1 -2.97 23.21 7.72
N SER A 2 -2.17 22.33 8.32
CA SER A 2 -0.74 22.29 8.03
C SER A 2 -0.33 20.92 7.52
N HIS A 3 0.91 20.80 7.06
CA HIS A 3 1.42 19.54 6.54
C HIS A 3 1.86 18.63 7.68
N MET A 4 2.42 19.22 8.73
CA MET A 4 2.88 18.46 9.88
C MET A 4 1.72 17.75 10.57
N GLY A 5 1.35 16.58 10.04
CA GLY A 5 0.26 15.82 10.60
C GLY A 5 -0.16 14.66 9.72
N LEU A 6 -0.40 14.94 8.45
CA LEU A 6 -0.81 13.91 7.50
C LEU A 6 -0.23 14.17 6.12
N VAL A 7 0.67 13.30 5.68
CA VAL A 7 1.29 13.43 4.38
C VAL A 7 0.93 12.28 3.46
N GLN A 8 0.37 12.59 2.30
CA GLN A 8 -0.02 11.58 1.34
C GLN A 8 1.01 11.44 0.22
N ARG A 9 1.37 10.21 -0.10
CA ARG A 9 2.35 9.96 -1.15
C ARG A 9 2.02 8.67 -1.91
N CYS A 10 2.02 8.77 -3.24
CA CYS A 10 1.71 7.61 -4.08
C CYS A 10 2.92 6.70 -4.23
N VAL A 11 2.67 5.40 -4.28
CA VAL A 11 3.73 4.42 -4.43
C VAL A 11 3.36 3.34 -5.43
N ILE A 12 4.32 2.97 -6.28
CA ILE A 12 4.10 1.94 -7.29
C ILE A 12 5.00 0.73 -7.05
N ILE A 13 4.37 -0.41 -6.79
CA ILE A 13 5.11 -1.65 -6.55
C ILE A 13 5.10 -2.54 -7.79
N GLN A 14 6.21 -3.22 -8.03
CA GLN A 14 6.34 -4.12 -9.17
C GLN A 14 6.45 -5.57 -8.72
N LYS A 15 5.60 -6.43 -9.30
CA LYS A 15 5.61 -7.84 -8.96
C LYS A 15 6.92 -8.50 -9.38
N ASP A 16 7.39 -9.45 -8.57
CA ASP A 16 8.63 -10.16 -8.86
C ASP A 16 8.36 -11.64 -9.13
N ASP A 17 9.44 -12.42 -9.20
CA ASP A 17 9.31 -13.86 -9.45
C ASP A 17 8.49 -14.53 -8.36
N ASN A 18 8.54 -13.98 -7.16
CA ASN A 18 7.79 -14.52 -6.03
C ASN A 18 6.39 -13.94 -5.95
N GLY A 19 6.30 -12.61 -6.02
CA GLY A 19 5.01 -11.94 -5.96
C GLY A 19 5.09 -10.58 -5.29
N PHE A 20 4.24 -10.37 -4.30
CA PHE A 20 4.21 -9.10 -3.58
C PHE A 20 4.55 -9.30 -2.11
N GLY A 21 5.68 -8.75 -1.69
CA GLY A 21 6.10 -8.88 -0.30
C GLY A 21 5.26 -8.04 0.64
N LEU A 22 4.76 -6.92 0.14
CA LEU A 22 3.93 -6.03 0.93
C LEU A 22 2.74 -6.76 1.54
N THR A 23 2.73 -6.88 2.86
CA THR A 23 1.66 -7.56 3.56
C THR A 23 0.68 -6.55 4.18
N VAL A 24 -0.58 -6.65 3.79
CA VAL A 24 -1.61 -5.74 4.30
C VAL A 24 -2.82 -6.51 4.81
N SER A 25 -3.40 -6.04 5.90
CA SER A 25 -4.58 -6.68 6.49
C SER A 25 -5.47 -5.65 7.19
N GLY A 26 -6.77 -5.76 6.97
CA GLY A 26 -7.70 -4.83 7.58
C GLY A 26 -9.14 -5.09 7.16
N ASP A 27 -10.06 -5.00 8.11
CA ASP A 27 -11.48 -5.22 7.82
C ASP A 27 -12.01 -4.15 6.87
N ASN A 28 -12.31 -2.97 7.42
CA ASN A 28 -12.83 -1.88 6.61
C ASN A 28 -11.70 -1.19 5.84
N PRO A 29 -10.72 -0.61 6.56
CA PRO A 29 -9.58 0.07 5.95
C PRO A 29 -8.56 -0.91 5.38
N VAL A 30 -7.39 -0.40 5.02
CA VAL A 30 -6.32 -1.23 4.47
C VAL A 30 -4.96 -0.59 4.66
N PHE A 31 -4.20 -1.11 5.62
CA PHE A 31 -2.86 -0.59 5.91
C PHE A 31 -1.82 -1.69 5.78
N VAL A 32 -0.69 -1.36 5.16
CA VAL A 32 0.39 -2.33 4.99
C VAL A 32 1.25 -2.42 6.23
N GLN A 33 1.32 -3.61 6.81
CA GLN A 33 2.10 -3.83 8.02
C GLN A 33 3.55 -4.17 7.68
N SER A 34 3.75 -4.79 6.52
CA SER A 34 5.10 -5.17 6.09
C SER A 34 5.33 -4.79 4.63
N VAL A 35 6.57 -4.47 4.30
CA VAL A 35 6.93 -4.09 2.94
C VAL A 35 8.24 -4.75 2.51
N LYS A 36 8.40 -4.94 1.21
CA LYS A 36 9.61 -5.57 0.67
C LYS A 36 10.81 -4.65 0.84
N GLU A 37 11.78 -5.09 1.63
CA GLU A 37 12.99 -4.31 1.87
C GLU A 37 13.99 -4.48 0.73
N ASP A 38 14.55 -3.36 0.27
CA ASP A 38 15.53 -3.39 -0.81
C ASP A 38 14.95 -4.07 -2.05
N GLY A 39 13.64 -3.90 -2.25
CA GLY A 39 12.99 -4.50 -3.40
C GLY A 39 12.00 -3.56 -4.05
N ALA A 40 10.91 -4.12 -4.56
CA ALA A 40 9.88 -3.33 -5.22
C ALA A 40 9.29 -2.29 -4.27
N ALA A 41 8.98 -2.72 -3.05
CA ALA A 41 8.41 -1.84 -2.05
C ALA A 41 9.38 -0.73 -1.67
N MET A 42 10.63 -1.10 -1.41
CA MET A 42 11.65 -0.14 -1.04
C MET A 42 11.91 0.84 -2.18
N ARG A 43 11.90 0.33 -3.40
CA ARG A 43 12.13 1.16 -4.58
C ARG A 43 10.95 2.09 -4.84
N ALA A 44 9.76 1.63 -4.46
CA ALA A 44 8.54 2.43 -4.66
C ALA A 44 8.45 3.55 -3.63
N GLY A 45 9.25 3.46 -2.57
CA GLY A 45 9.23 4.48 -1.54
C GLY A 45 8.10 4.28 -0.54
N VAL A 46 7.84 3.04 -0.19
CA VAL A 46 6.78 2.73 0.76
C VAL A 46 7.33 2.55 2.17
N GLN A 47 6.49 2.80 3.17
CA GLN A 47 6.90 2.68 4.56
C GLN A 47 6.05 1.64 5.30
N THR A 48 6.70 0.87 6.17
CA THR A 48 5.99 -0.15 6.93
C THR A 48 4.91 0.47 7.81
N GLY A 49 3.73 -0.12 7.76
CA GLY A 49 2.62 0.39 8.55
C GLY A 49 1.98 1.61 7.92
N ASP A 50 2.02 1.67 6.60
CA ASP A 50 1.44 2.79 5.86
C ASP A 50 -0.05 2.57 5.60
N ARG A 51 -0.81 3.66 5.60
CA ARG A 51 -2.24 3.58 5.36
C ARG A 51 -2.56 3.75 3.88
N ILE A 52 -3.41 2.86 3.36
CA ILE A 52 -3.80 2.91 1.96
C ILE A 52 -5.13 3.63 1.78
N ILE A 53 -5.13 4.67 0.95
CA ILE A 53 -6.34 5.45 0.69
C ILE A 53 -7.09 4.90 -0.51
N LYS A 54 -6.34 4.58 -1.57
CA LYS A 54 -6.94 4.04 -2.78
C LYS A 54 -5.98 3.08 -3.48
N VAL A 55 -6.54 2.02 -4.06
CA VAL A 55 -5.74 1.02 -4.76
C VAL A 55 -5.98 1.06 -6.26
N ASN A 56 -4.92 1.34 -7.01
CA ASN A 56 -5.01 1.42 -8.46
C ASN A 56 -5.99 2.50 -8.90
N GLY A 57 -6.06 3.58 -8.11
CA GLY A 57 -6.96 4.67 -8.41
C GLY A 57 -8.41 4.26 -8.40
N THR A 58 -8.73 3.23 -7.62
CA THR A 58 -10.10 2.73 -7.52
C THR A 58 -10.41 2.28 -6.10
N LEU A 59 -11.17 3.10 -5.38
CA LEU A 59 -11.54 2.78 -4.01
C LEU A 59 -13.03 2.45 -3.91
N VAL A 60 -13.38 1.63 -2.92
CA VAL A 60 -14.77 1.23 -2.71
C VAL A 60 -15.08 1.09 -1.23
N THR A 61 -16.37 0.89 -0.93
CA THR A 61 -16.80 0.73 0.46
C THR A 61 -16.40 -0.65 1.00
N HIS A 62 -16.64 -1.68 0.19
CA HIS A 62 -16.31 -3.04 0.60
C HIS A 62 -15.26 -3.64 -0.34
N SER A 63 -14.16 -4.12 0.23
CA SER A 63 -13.09 -4.71 -0.56
C SER A 63 -12.48 -5.90 0.17
N ASN A 64 -11.97 -5.67 1.37
CA ASN A 64 -11.36 -6.72 2.18
C ASN A 64 -9.99 -7.10 1.62
N HIS A 65 -9.34 -8.08 2.25
CA HIS A 65 -8.02 -8.52 1.82
C HIS A 65 -8.07 -9.18 0.45
N LEU A 66 -9.10 -10.01 0.22
CA LEU A 66 -9.24 -10.70 -1.05
C LEU A 66 -9.26 -9.72 -2.22
N GLU A 67 -9.99 -8.62 -2.05
CA GLU A 67 -10.08 -7.60 -3.08
C GLU A 67 -8.72 -6.94 -3.29
N VAL A 68 -8.00 -6.72 -2.18
CA VAL A 68 -6.68 -6.11 -2.24
C VAL A 68 -5.70 -7.03 -2.95
N VAL A 69 -5.71 -8.31 -2.57
CA VAL A 69 -4.82 -9.28 -3.19
C VAL A 69 -5.19 -9.46 -4.66
N LYS A 70 -6.48 -9.51 -4.95
CA LYS A 70 -6.94 -9.67 -6.33
C LYS A 70 -6.58 -8.44 -7.14
N LEU A 71 -6.73 -7.25 -6.53
CA LEU A 71 -6.42 -6.01 -7.20
C LEU A 71 -4.92 -5.89 -7.45
N ILE A 72 -4.13 -6.17 -6.42
CA ILE A 72 -2.68 -6.10 -6.53
C ILE A 72 -2.16 -7.20 -7.45
N LYS A 73 -2.79 -8.37 -7.38
CA LYS A 73 -2.38 -9.51 -8.22
C LYS A 73 -2.78 -9.28 -9.67
N SER A 74 -3.85 -8.52 -9.88
CA SER A 74 -4.33 -8.24 -11.23
C SER A 74 -3.35 -7.33 -11.97
N GLY A 75 -2.20 -7.90 -12.36
CA GLY A 75 -1.21 -7.12 -13.07
C GLY A 75 0.10 -7.01 -12.29
N SER A 76 1.21 -7.03 -13.01
CA SER A 76 2.53 -6.92 -12.39
C SER A 76 2.76 -5.51 -11.83
N TYR A 77 2.16 -4.52 -12.48
CA TYR A 77 2.29 -3.13 -12.05
C TYR A 77 1.11 -2.72 -11.18
N VAL A 78 1.41 -2.38 -9.93
CA VAL A 78 0.37 -1.96 -8.99
C VAL A 78 0.72 -0.61 -8.36
N ALA A 79 -0.27 0.29 -8.33
CA ALA A 79 -0.07 1.61 -7.76
C ALA A 79 -1.24 2.01 -6.87
N LEU A 80 -0.98 2.13 -5.57
CA LEU A 80 -2.02 2.49 -4.62
C LEU A 80 -1.59 3.70 -3.78
N THR A 81 -2.48 4.67 -3.64
CA THR A 81 -2.19 5.86 -2.86
C THR A 81 -2.25 5.58 -1.37
N VAL A 82 -1.18 5.91 -0.65
CA VAL A 82 -1.12 5.67 0.78
C VAL A 82 -0.74 6.95 1.53
N GLN A 83 -0.74 6.88 2.86
CA GLN A 83 -0.40 8.02 3.69
C GLN A 83 0.57 7.63 4.80
N GLY A 84 1.62 8.41 4.96
CA GLY A 84 2.60 8.12 6.00
C GLY A 84 3.00 9.35 6.79
N ARG A 85 2.50 9.45 8.02
CA ARG A 85 2.81 10.59 8.88
C ARG A 85 2.18 10.40 10.26
N PRO A 86 2.97 9.90 11.23
CA PRO A 86 2.49 9.69 12.60
C PRO A 86 2.15 10.99 13.31
N PRO A 87 1.53 10.90 14.51
CA PRO A 87 1.16 12.10 15.28
C PRO A 87 2.38 12.88 15.77
N GLY A 88 2.14 14.04 16.36
CA GLY A 88 3.22 14.87 16.85
C GLY A 88 3.43 14.73 18.35
N SER A 89 2.90 13.64 18.92
CA SER A 89 3.04 13.41 20.35
C SER A 89 2.47 14.57 21.16
N GLY A 1 -7.53 11.13 16.75
CA GLY A 1 -6.63 12.15 16.16
C GLY A 1 -7.39 13.33 15.56
N SER A 2 -6.84 14.53 15.71
CA SER A 2 -7.48 15.72 15.17
C SER A 2 -6.49 16.53 14.34
N HIS A 3 -5.45 17.04 14.99
CA HIS A 3 -4.44 17.84 14.31
C HIS A 3 -3.33 16.94 13.77
N MET A 4 -2.48 17.52 12.91
CA MET A 4 -1.36 16.78 12.33
C MET A 4 -1.88 15.61 11.49
N GLY A 5 -1.09 15.22 10.49
CA GLY A 5 -1.47 14.12 9.63
C GLY A 5 -2.05 14.58 8.31
N LEU A 6 -1.19 15.17 7.47
CA LEU A 6 -1.62 15.66 6.16
C LEU A 6 -0.54 15.41 5.12
N VAL A 7 0.15 14.28 5.23
CA VAL A 7 1.22 13.93 4.30
C VAL A 7 0.78 12.78 3.41
N GLN A 8 0.62 13.07 2.11
CA GLN A 8 0.21 12.06 1.15
C GLN A 8 1.42 11.50 0.40
N ARG A 9 1.42 10.18 0.20
CA ARG A 9 2.53 9.53 -0.49
C ARG A 9 2.02 8.42 -1.39
N CYS A 10 2.60 8.31 -2.58
CA CYS A 10 2.20 7.29 -3.55
C CYS A 10 3.26 6.19 -3.64
N VAL A 11 2.81 4.94 -3.79
CA VAL A 11 3.72 3.81 -3.89
C VAL A 11 3.41 2.96 -5.11
N ILE A 12 4.46 2.55 -5.82
CA ILE A 12 4.30 1.73 -7.01
C ILE A 12 5.17 0.48 -6.93
N ILE A 13 4.59 -0.61 -6.44
CA ILE A 13 5.31 -1.87 -6.31
C ILE A 13 5.24 -2.67 -7.60
N GLN A 14 6.34 -3.35 -7.93
CA GLN A 14 6.41 -4.17 -9.13
C GLN A 14 6.52 -5.65 -8.79
N LYS A 15 5.77 -6.48 -9.50
CA LYS A 15 5.79 -7.92 -9.26
C LYS A 15 7.09 -8.54 -9.76
N ASP A 16 7.67 -9.42 -8.94
CA ASP A 16 8.92 -10.09 -9.30
C ASP A 16 8.66 -11.53 -9.73
N ASP A 17 9.70 -12.35 -9.74
CA ASP A 17 9.57 -13.75 -10.13
C ASP A 17 9.06 -14.60 -8.98
N ASN A 18 7.91 -14.21 -8.42
CA ASN A 18 7.31 -14.93 -7.31
C ASN A 18 6.06 -14.20 -6.80
N GLY A 19 6.14 -12.88 -6.76
CA GLY A 19 5.02 -12.09 -6.29
C GLY A 19 5.44 -10.94 -5.41
N PHE A 20 4.47 -10.30 -4.75
CA PHE A 20 4.76 -9.17 -3.87
C PHE A 20 5.26 -9.67 -2.52
N GLY A 21 6.37 -9.09 -2.06
CA GLY A 21 6.94 -9.49 -0.79
C GLY A 21 6.28 -8.79 0.39
N LEU A 22 5.86 -7.54 0.16
CA LEU A 22 5.21 -6.76 1.21
C LEU A 22 3.96 -7.47 1.71
N THR A 23 3.65 -7.26 3.00
CA THR A 23 2.46 -7.88 3.59
C THR A 23 1.42 -6.83 3.95
N VAL A 24 0.22 -6.99 3.40
CA VAL A 24 -0.88 -6.05 3.66
C VAL A 24 -2.04 -6.75 4.35
N SER A 25 -2.57 -6.13 5.40
CA SER A 25 -3.69 -6.70 6.13
C SER A 25 -4.56 -5.60 6.73
N GLY A 26 -5.87 -5.72 6.54
CA GLY A 26 -6.80 -4.74 7.07
C GLY A 26 -8.24 -5.20 7.03
N ASP A 27 -8.74 -5.67 8.17
CA ASP A 27 -10.12 -6.14 8.26
C ASP A 27 -11.08 -5.05 7.80
N ASN A 28 -11.19 -4.00 8.59
CA ASN A 28 -12.07 -2.88 8.25
C ASN A 28 -11.36 -1.93 7.28
N PRO A 29 -10.17 -1.44 7.67
CA PRO A 29 -9.38 -0.54 6.84
C PRO A 29 -8.48 -1.28 5.87
N VAL A 30 -7.50 -0.59 5.30
CA VAL A 30 -6.58 -1.20 4.35
C VAL A 30 -5.21 -0.54 4.44
N PHE A 31 -4.30 -1.18 5.18
CA PHE A 31 -2.95 -0.67 5.36
C PHE A 31 -1.92 -1.77 5.16
N VAL A 32 -0.74 -1.39 4.68
CA VAL A 32 0.33 -2.35 4.44
C VAL A 32 1.17 -2.54 5.71
N GLN A 33 1.21 -3.78 6.20
CA GLN A 33 1.97 -4.11 7.39
C GLN A 33 3.45 -3.79 7.21
N SER A 34 4.11 -4.54 6.33
CA SER A 34 5.53 -4.34 6.06
C SER A 34 5.81 -4.35 4.57
N VAL A 35 7.04 -4.00 4.21
CA VAL A 35 7.45 -3.97 2.81
C VAL A 35 8.82 -4.61 2.62
N LYS A 36 9.08 -5.13 1.42
CA LYS A 36 10.36 -5.76 1.13
C LYS A 36 11.47 -4.72 1.00
N GLU A 37 12.51 -4.89 1.82
CA GLU A 37 13.64 -3.98 1.80
C GLU A 37 14.53 -4.23 0.58
N ASP A 38 15.13 -3.16 0.07
CA ASP A 38 15.99 -3.26 -1.11
C ASP A 38 15.27 -3.92 -2.27
N GLY A 39 13.93 -3.85 -2.26
CA GLY A 39 13.16 -4.45 -3.32
C GLY A 39 12.23 -3.44 -4.00
N ALA A 40 11.22 -3.95 -4.69
CA ALA A 40 10.27 -3.10 -5.38
C ALA A 40 9.54 -2.18 -4.42
N ALA A 41 9.17 -2.71 -3.26
CA ALA A 41 8.45 -1.94 -2.25
C ALA A 41 9.35 -0.86 -1.66
N MET A 42 10.57 -1.23 -1.29
CA MET A 42 11.51 -0.28 -0.71
C MET A 42 11.87 0.80 -1.72
N ARG A 43 12.03 0.40 -2.98
CA ARG A 43 12.38 1.33 -4.04
C ARG A 43 11.21 2.26 -4.34
N ALA A 44 10.00 1.76 -4.18
CA ALA A 44 8.80 2.54 -4.44
C ALA A 44 8.60 3.62 -3.37
N GLY A 45 9.30 3.49 -2.26
CA GLY A 45 9.19 4.47 -1.19
C GLY A 45 8.04 4.17 -0.25
N VAL A 46 7.71 2.89 -0.11
CA VAL A 46 6.63 2.47 0.77
C VAL A 46 7.07 2.48 2.22
N GLN A 47 6.13 2.73 3.13
CA GLN A 47 6.42 2.77 4.56
C GLN A 47 5.79 1.57 5.27
N THR A 48 6.27 1.31 6.48
CA THR A 48 5.75 0.20 7.27
C THR A 48 4.49 0.59 8.01
N GLY A 49 3.42 -0.16 7.78
CA GLY A 49 2.15 0.13 8.44
C GLY A 49 1.52 1.41 7.93
N ASP A 50 1.52 1.59 6.61
CA ASP A 50 0.94 2.78 6.00
C ASP A 50 -0.51 2.53 5.60
N ARG A 51 -1.33 3.58 5.70
CA ARG A 51 -2.74 3.46 5.34
C ARG A 51 -2.93 3.66 3.84
N ILE A 52 -3.80 2.84 3.25
CA ILE A 52 -4.07 2.93 1.82
C ILE A 52 -5.38 3.67 1.54
N ILE A 53 -5.26 4.82 0.91
CA ILE A 53 -6.43 5.63 0.59
C ILE A 53 -7.16 5.09 -0.64
N LYS A 54 -6.38 4.69 -1.65
CA LYS A 54 -6.95 4.14 -2.87
C LYS A 54 -5.94 3.26 -3.59
N VAL A 55 -6.42 2.17 -4.18
CA VAL A 55 -5.56 1.24 -4.90
C VAL A 55 -5.79 1.32 -6.40
N ASN A 56 -4.71 1.55 -7.14
CA ASN A 56 -4.79 1.66 -8.60
C ASN A 56 -5.71 2.79 -9.01
N GLY A 57 -5.69 3.90 -8.25
CA GLY A 57 -6.53 5.03 -8.56
C GLY A 57 -8.00 4.69 -8.56
N THR A 58 -8.38 3.68 -7.77
CA THR A 58 -9.76 3.25 -7.68
C THR A 58 -10.09 2.77 -6.26
N LEU A 59 -10.80 3.63 -5.51
CA LEU A 59 -11.18 3.30 -4.15
C LEU A 59 -12.11 2.10 -4.11
N VAL A 60 -12.27 1.50 -2.93
CA VAL A 60 -13.14 0.35 -2.77
C VAL A 60 -13.97 0.46 -1.50
N THR A 61 -15.27 0.69 -1.68
CA THR A 61 -16.19 0.83 -0.55
C THR A 61 -16.92 -0.48 -0.28
N HIS A 62 -17.07 -0.82 0.99
CA HIS A 62 -17.76 -2.04 1.39
C HIS A 62 -17.06 -3.28 0.80
N SER A 63 -15.73 -3.24 0.79
CA SER A 63 -14.94 -4.35 0.26
C SER A 63 -14.19 -5.06 1.38
N ASN A 64 -13.52 -6.16 1.03
CA ASN A 64 -12.76 -6.93 2.00
C ASN A 64 -11.31 -7.11 1.55
N HIS A 65 -10.52 -7.81 2.35
CA HIS A 65 -9.12 -8.05 2.04
C HIS A 65 -8.98 -8.83 0.73
N LEU A 66 -9.89 -9.78 0.53
CA LEU A 66 -9.86 -10.60 -0.68
C LEU A 66 -9.89 -9.73 -1.93
N GLU A 67 -10.74 -8.70 -1.90
CA GLU A 67 -10.84 -7.78 -3.03
C GLU A 67 -9.52 -7.05 -3.23
N VAL A 68 -8.93 -6.59 -2.13
CA VAL A 68 -7.65 -5.89 -2.19
C VAL A 68 -6.58 -6.81 -2.75
N VAL A 69 -6.53 -8.04 -2.24
CA VAL A 69 -5.56 -9.02 -2.70
C VAL A 69 -5.78 -9.33 -4.17
N LYS A 70 -7.04 -9.55 -4.55
CA LYS A 70 -7.39 -9.85 -5.93
C LYS A 70 -7.04 -8.66 -6.83
N LEU A 71 -7.25 -7.46 -6.31
CA LEU A 71 -6.96 -6.24 -7.06
C LEU A 71 -5.46 -6.07 -7.23
N ILE A 72 -4.71 -6.31 -6.15
CA ILE A 72 -3.27 -6.19 -6.18
C ILE A 72 -2.63 -7.29 -7.02
N LYS A 73 -3.22 -8.48 -6.96
CA LYS A 73 -2.72 -9.62 -7.72
C LYS A 73 -3.06 -9.47 -9.20
N SER A 74 -4.19 -8.83 -9.48
CA SER A 74 -4.63 -8.63 -10.86
C SER A 74 -3.70 -7.67 -11.58
N GLY A 75 -2.57 -8.18 -12.05
CA GLY A 75 -1.61 -7.35 -12.76
C GLY A 75 -0.21 -7.48 -12.20
N SER A 76 0.75 -6.87 -12.88
CA SER A 76 2.14 -6.91 -12.45
C SER A 76 2.51 -5.65 -11.67
N TYR A 77 2.08 -4.50 -12.18
CA TYR A 77 2.36 -3.22 -11.54
C TYR A 77 1.17 -2.74 -10.71
N VAL A 78 1.40 -2.57 -9.41
CA VAL A 78 0.34 -2.11 -8.51
C VAL A 78 0.67 -0.74 -7.92
N ALA A 79 -0.20 0.23 -8.17
CA ALA A 79 0.01 1.58 -7.65
C ALA A 79 -1.15 2.01 -6.78
N LEU A 80 -0.92 2.02 -5.46
CA LEU A 80 -1.96 2.41 -4.50
C LEU A 80 -1.50 3.60 -3.68
N THR A 81 -2.37 4.60 -3.54
CA THR A 81 -2.06 5.79 -2.77
C THR A 81 -2.25 5.55 -1.28
N VAL A 82 -1.18 5.76 -0.52
CA VAL A 82 -1.22 5.57 0.92
C VAL A 82 -0.99 6.88 1.66
N GLN A 83 -1.23 6.87 2.97
CA GLN A 83 -1.05 8.06 3.79
C GLN A 83 -0.31 7.73 5.09
N GLY A 84 0.55 8.64 5.52
CA GLY A 84 1.31 8.43 6.74
C GLY A 84 1.52 9.71 7.51
N ARG A 85 1.82 9.57 8.80
CA ARG A 85 2.06 10.73 9.66
C ARG A 85 2.88 10.35 10.89
N PRO A 86 3.68 11.28 11.43
CA PRO A 86 4.52 11.03 12.60
C PRO A 86 3.68 10.90 13.87
N PRO A 87 4.34 10.57 15.01
CA PRO A 87 3.66 10.42 16.29
C PRO A 87 2.85 11.65 16.67
N GLY A 88 2.35 11.68 17.91
CA GLY A 88 1.56 12.80 18.36
C GLY A 88 1.06 12.63 19.77
N SER A 89 0.70 11.39 20.12
CA SER A 89 0.21 11.09 21.46
C SER A 89 0.94 9.89 22.06
N GLY A 1 -15.64 13.76 3.36
CA GLY A 1 -15.69 15.22 3.63
C GLY A 1 -15.16 15.56 5.02
N SER A 2 -13.94 15.13 5.31
CA SER A 2 -13.33 15.39 6.60
C SER A 2 -11.89 15.89 6.43
N HIS A 3 -11.20 16.09 7.55
CA HIS A 3 -9.82 16.57 7.53
C HIS A 3 -8.87 15.47 7.08
N MET A 4 -9.35 14.23 7.05
CA MET A 4 -8.53 13.10 6.65
C MET A 4 -7.88 13.34 5.29
N GLY A 5 -6.58 13.63 5.31
CA GLY A 5 -5.85 13.88 4.07
C GLY A 5 -4.81 14.96 4.23
N LEU A 6 -3.82 14.71 5.10
CA LEU A 6 -2.75 15.65 5.34
C LEU A 6 -1.46 15.21 4.66
N VAL A 7 -1.12 13.93 4.82
CA VAL A 7 0.09 13.39 4.22
C VAL A 7 -0.24 12.25 3.25
N GLN A 8 0.07 12.46 1.98
CA GLN A 8 -0.20 11.45 0.95
C GLN A 8 1.04 11.22 0.08
N ARG A 9 1.36 9.96 -0.16
CA ARG A 9 2.52 9.61 -0.98
C ARG A 9 2.18 8.48 -1.95
N CYS A 10 2.50 8.68 -3.23
CA CYS A 10 2.23 7.68 -4.24
C CYS A 10 3.40 6.70 -4.37
N VAL A 11 3.12 5.42 -4.09
CA VAL A 11 4.15 4.39 -4.18
C VAL A 11 3.67 3.22 -5.04
N ILE A 12 4.25 3.10 -6.22
CA ILE A 12 3.89 2.02 -7.13
C ILE A 12 4.66 0.74 -6.81
N ILE A 13 3.96 -0.37 -6.71
CA ILE A 13 4.58 -1.65 -6.41
C ILE A 13 4.58 -2.56 -7.64
N GLN A 14 5.69 -3.24 -7.86
CA GLN A 14 5.82 -4.15 -9.01
C GLN A 14 5.87 -5.60 -8.54
N LYS A 15 5.10 -6.46 -9.21
CA LYS A 15 5.06 -7.87 -8.88
C LYS A 15 6.39 -8.55 -9.19
N ASP A 16 6.99 -9.18 -8.17
CA ASP A 16 8.27 -9.85 -8.34
C ASP A 16 8.06 -11.30 -8.82
N ASP A 17 9.14 -12.07 -8.81
CA ASP A 17 9.07 -13.46 -9.25
C ASP A 17 8.08 -14.26 -8.39
N ASN A 18 7.95 -13.86 -7.14
CA ASN A 18 7.03 -14.53 -6.22
C ASN A 18 5.84 -13.64 -5.85
N GLY A 19 5.81 -12.43 -6.41
CA GLY A 19 4.73 -11.51 -6.14
C GLY A 19 5.16 -10.36 -5.24
N PHE A 20 4.20 -9.72 -4.60
CA PHE A 20 4.49 -8.60 -3.70
C PHE A 20 4.94 -9.10 -2.34
N GLY A 21 6.21 -8.80 -2.01
CA GLY A 21 6.74 -9.23 -0.73
C GLY A 21 6.09 -8.55 0.44
N LEU A 22 5.63 -7.31 0.22
CA LEU A 22 4.98 -6.53 1.27
C LEU A 22 3.72 -7.25 1.78
N THR A 23 3.54 -7.24 3.09
CA THR A 23 2.39 -7.89 3.71
C THR A 23 1.32 -6.86 4.08
N VAL A 24 0.07 -7.19 3.80
CA VAL A 24 -1.04 -6.30 4.12
C VAL A 24 -2.19 -7.05 4.78
N SER A 25 -2.71 -6.47 5.86
CA SER A 25 -3.81 -7.09 6.59
C SER A 25 -4.70 -6.03 7.23
N GLY A 26 -6.02 -6.24 7.13
CA GLY A 26 -6.95 -5.29 7.70
C GLY A 26 -8.40 -5.68 7.46
N ASP A 27 -9.20 -5.67 8.51
CA ASP A 27 -10.61 -6.03 8.41
C ASP A 27 -11.37 -5.00 7.57
N ASN A 28 -11.57 -3.81 8.14
CA ASN A 28 -12.28 -2.75 7.44
C ASN A 28 -11.34 -2.00 6.50
N PRO A 29 -10.29 -1.36 7.05
CA PRO A 29 -9.32 -0.61 6.25
C PRO A 29 -8.32 -1.53 5.54
N VAL A 30 -7.26 -0.94 4.99
CA VAL A 30 -6.24 -1.71 4.30
C VAL A 30 -4.89 -1.00 4.36
N PHE A 31 -3.99 -1.51 5.19
CA PHE A 31 -2.67 -0.94 5.35
C PHE A 31 -1.59 -2.01 5.25
N VAL A 32 -0.38 -1.61 4.87
CA VAL A 32 0.73 -2.54 4.75
C VAL A 32 1.54 -2.62 6.04
N GLN A 33 1.62 -3.82 6.60
CA GLN A 33 2.35 -4.04 7.85
C GLN A 33 3.83 -4.28 7.57
N SER A 34 4.12 -4.88 6.42
CA SER A 34 5.50 -5.18 6.04
C SER A 34 5.74 -4.81 4.58
N VAL A 35 6.97 -4.40 4.28
CA VAL A 35 7.34 -4.02 2.92
C VAL A 35 8.62 -4.71 2.48
N LYS A 36 8.71 -5.03 1.20
CA LYS A 36 9.89 -5.70 0.65
C LYS A 36 11.13 -4.84 0.84
N GLU A 37 11.98 -5.22 1.78
CA GLU A 37 13.22 -4.48 2.05
C GLU A 37 14.23 -4.70 0.93
N ASP A 38 14.82 -3.61 0.46
CA ASP A 38 15.82 -3.67 -0.60
C ASP A 38 15.21 -4.27 -1.87
N GLY A 39 13.92 -4.04 -2.07
CA GLY A 39 13.25 -4.57 -3.24
C GLY A 39 12.32 -3.55 -3.89
N ALA A 40 11.23 -4.04 -4.48
CA ALA A 40 10.25 -3.17 -5.12
C ALA A 40 9.64 -2.19 -4.12
N ALA A 41 9.36 -2.68 -2.92
CA ALA A 41 8.77 -1.84 -1.88
C ALA A 41 9.73 -0.74 -1.44
N MET A 42 10.99 -1.11 -1.21
CA MET A 42 12.00 -0.15 -0.79
C MET A 42 12.24 0.89 -1.88
N ARG A 43 12.28 0.43 -3.13
CA ARG A 43 12.51 1.32 -4.27
C ARG A 43 11.37 2.32 -4.42
N ALA A 44 10.14 1.85 -4.14
CA ALA A 44 8.96 2.69 -4.25
C ALA A 44 8.92 3.74 -3.14
N GLY A 45 9.73 3.52 -2.09
CA GLY A 45 9.76 4.46 -0.99
C GLY A 45 8.60 4.26 -0.02
N VAL A 46 8.21 3.00 0.19
CA VAL A 46 7.12 2.68 1.09
C VAL A 46 7.62 2.50 2.52
N GLN A 47 6.76 2.83 3.49
CA GLN A 47 7.12 2.71 4.90
C GLN A 47 6.30 1.62 5.57
N THR A 48 6.86 1.04 6.62
CA THR A 48 6.19 -0.01 7.37
C THR A 48 4.99 0.52 8.13
N GLY A 49 3.85 -0.15 7.98
CA GLY A 49 2.64 0.28 8.65
C GLY A 49 1.97 1.45 7.96
N ASP A 50 2.10 1.50 6.63
CA ASP A 50 1.51 2.58 5.85
C ASP A 50 0.05 2.28 5.52
N ARG A 51 -0.80 3.29 5.62
CA ARG A 51 -2.22 3.13 5.34
C ARG A 51 -2.49 3.37 3.85
N ILE A 52 -3.40 2.58 3.29
CA ILE A 52 -3.75 2.71 1.88
C ILE A 52 -5.08 3.42 1.71
N ILE A 53 -5.14 4.33 0.73
CA ILE A 53 -6.36 5.08 0.46
C ILE A 53 -6.94 4.71 -0.90
N LYS A 54 -6.07 4.50 -1.88
CA LYS A 54 -6.49 4.14 -3.22
C LYS A 54 -5.61 3.04 -3.80
N VAL A 55 -6.13 2.31 -4.78
CA VAL A 55 -5.38 1.24 -5.42
C VAL A 55 -5.62 1.23 -6.93
N ASN A 56 -4.62 1.71 -7.67
CA ASN A 56 -4.72 1.75 -9.13
C ASN A 56 -5.92 2.59 -9.57
N GLY A 57 -6.10 3.74 -8.92
CA GLY A 57 -7.20 4.61 -9.26
C GLY A 57 -8.54 4.09 -8.76
N THR A 58 -8.49 3.31 -7.68
CA THR A 58 -9.70 2.74 -7.10
C THR A 58 -9.81 3.11 -5.62
N LEU A 59 -10.53 4.18 -5.33
CA LEU A 59 -10.72 4.63 -3.96
C LEU A 59 -11.39 3.55 -3.12
N VAL A 60 -10.61 2.88 -2.27
CA VAL A 60 -11.13 1.84 -1.41
C VAL A 60 -11.52 2.38 -0.04
N THR A 61 -12.69 1.98 0.44
CA THR A 61 -13.17 2.43 1.74
C THR A 61 -13.63 1.24 2.60
N HIS A 62 -14.44 0.37 1.99
CA HIS A 62 -14.94 -0.80 2.70
C HIS A 62 -14.83 -2.05 1.82
N SER A 63 -13.76 -2.81 2.04
CA SER A 63 -13.53 -4.04 1.27
C SER A 63 -12.87 -5.10 2.13
N ASN A 64 -12.58 -6.25 1.54
CA ASN A 64 -11.95 -7.35 2.24
C ASN A 64 -10.53 -7.58 1.73
N HIS A 65 -9.80 -8.47 2.39
CA HIS A 65 -8.43 -8.79 2.00
C HIS A 65 -8.40 -9.38 0.59
N LEU A 66 -9.35 -10.26 0.30
CA LEU A 66 -9.42 -10.90 -1.00
C LEU A 66 -9.61 -9.87 -2.12
N GLU A 67 -10.42 -8.85 -1.85
CA GLU A 67 -10.68 -7.81 -2.84
C GLU A 67 -9.43 -6.99 -3.10
N VAL A 68 -8.73 -6.62 -2.04
CA VAL A 68 -7.50 -5.86 -2.17
C VAL A 68 -6.42 -6.71 -2.81
N VAL A 69 -6.34 -7.97 -2.40
CA VAL A 69 -5.36 -8.89 -2.96
C VAL A 69 -5.67 -9.14 -4.43
N LYS A 70 -6.94 -9.34 -4.74
CA LYS A 70 -7.38 -9.57 -6.11
C LYS A 70 -7.14 -8.31 -6.95
N LEU A 71 -7.44 -7.15 -6.37
CA LEU A 71 -7.26 -5.88 -7.05
C LEU A 71 -5.78 -5.63 -7.33
N ILE A 72 -4.96 -5.76 -6.28
CA ILE A 72 -3.54 -5.56 -6.40
C ILE A 72 -2.92 -6.62 -7.31
N LYS A 73 -3.44 -7.84 -7.23
CA LYS A 73 -2.95 -8.95 -8.04
C LYS A 73 -3.28 -8.73 -9.52
N SER A 74 -4.34 -7.97 -9.78
CA SER A 74 -4.77 -7.68 -11.15
C SER A 74 -3.70 -6.89 -11.89
N GLY A 75 -2.68 -7.59 -12.37
CA GLY A 75 -1.61 -6.94 -13.10
C GLY A 75 -0.30 -6.93 -12.31
N SER A 76 0.81 -7.07 -13.03
CA SER A 76 2.13 -7.07 -12.40
C SER A 76 2.44 -5.72 -11.78
N TYR A 77 2.12 -4.66 -12.52
CA TYR A 77 2.38 -3.30 -12.06
C TYR A 77 1.09 -2.65 -11.56
N VAL A 78 1.02 -2.39 -10.26
CA VAL A 78 -0.16 -1.76 -9.67
C VAL A 78 0.23 -0.68 -8.67
N ALA A 79 -0.34 0.51 -8.84
CA ALA A 79 -0.05 1.63 -7.95
C ALA A 79 -1.03 1.67 -6.79
N LEU A 80 -0.55 2.15 -5.64
CA LEU A 80 -1.39 2.24 -4.45
C LEU A 80 -1.07 3.50 -3.65
N THR A 81 -2.04 4.39 -3.53
CA THR A 81 -1.88 5.63 -2.79
C THR A 81 -2.02 5.37 -1.29
N VAL A 82 -0.93 5.58 -0.56
CA VAL A 82 -0.94 5.37 0.89
C VAL A 82 -0.70 6.68 1.64
N GLN A 83 -0.88 6.62 2.96
CA GLN A 83 -0.70 7.81 3.81
C GLN A 83 0.17 7.46 5.01
N GLY A 84 1.04 8.39 5.39
CA GLY A 84 1.91 8.16 6.53
C GLY A 84 1.63 9.11 7.67
N ARG A 85 0.55 8.85 8.40
CA ARG A 85 0.16 9.68 9.53
C ARG A 85 0.31 8.92 10.84
N PRO A 86 1.46 9.07 11.52
CA PRO A 86 1.73 8.39 12.80
C PRO A 86 0.85 8.91 13.92
N PRO A 87 0.86 8.24 15.09
CA PRO A 87 0.07 8.66 16.24
C PRO A 87 0.56 9.96 16.87
N GLY A 88 0.05 10.27 18.05
CA GLY A 88 0.46 11.49 18.73
C GLY A 88 1.56 11.25 19.75
N SER A 89 2.48 10.34 19.42
CA SER A 89 3.58 10.01 20.33
C SER A 89 4.63 9.17 19.61
N GLY A 1 0.80 8.55 14.90
CA GLY A 1 -0.46 7.86 15.30
C GLY A 1 -1.29 8.66 16.28
N SER A 2 -1.81 9.79 15.82
CA SER A 2 -2.62 10.66 16.66
C SER A 2 -3.53 11.55 15.81
N HIS A 3 -4.05 10.99 14.73
CA HIS A 3 -4.93 11.74 13.83
C HIS A 3 -4.21 12.94 13.24
N MET A 4 -2.91 12.79 13.00
CA MET A 4 -2.11 13.86 12.43
C MET A 4 -1.21 13.34 11.31
N GLY A 5 -1.37 13.92 10.12
CA GLY A 5 -0.58 13.50 8.98
C GLY A 5 -0.79 14.39 7.77
N LEU A 6 -1.88 14.17 7.05
CA LEU A 6 -2.18 14.94 5.86
C LEU A 6 -1.06 14.85 4.83
N VAL A 7 -0.34 13.74 4.86
CA VAL A 7 0.76 13.53 3.92
C VAL A 7 0.58 12.23 3.14
N GLN A 8 0.33 12.38 1.84
CA GLN A 8 0.13 11.22 0.97
C GLN A 8 1.29 11.06 -0.01
N ARG A 9 1.54 9.83 -0.43
CA ARG A 9 2.61 9.54 -1.38
C ARG A 9 2.25 8.35 -2.26
N CYS A 10 2.71 8.39 -3.51
CA CYS A 10 2.44 7.30 -4.45
C CYS A 10 3.54 6.25 -4.39
N VAL A 11 3.12 4.98 -4.33
CA VAL A 11 4.07 3.87 -4.27
C VAL A 11 3.73 2.80 -5.29
N ILE A 12 4.44 2.81 -6.41
CA ILE A 12 4.22 1.84 -7.48
C ILE A 12 4.98 0.54 -7.21
N ILE A 13 4.25 -0.51 -6.87
CA ILE A 13 4.85 -1.80 -6.60
C ILE A 13 4.82 -2.70 -7.83
N GLN A 14 5.99 -3.18 -8.24
CA GLN A 14 6.09 -4.05 -9.41
C GLN A 14 6.24 -5.50 -8.99
N LYS A 15 5.48 -6.38 -9.63
CA LYS A 15 5.53 -7.81 -9.33
C LYS A 15 6.90 -8.39 -9.67
N ASP A 16 7.48 -9.14 -8.74
CA ASP A 16 8.79 -9.76 -8.95
C ASP A 16 8.64 -11.20 -9.45
N ASP A 17 9.74 -11.92 -9.49
CA ASP A 17 9.74 -13.30 -9.95
C ASP A 17 8.84 -14.16 -9.07
N ASN A 18 8.73 -13.78 -7.80
CA ASN A 18 7.90 -14.53 -6.86
C ASN A 18 6.59 -13.78 -6.59
N GLY A 19 6.66 -12.45 -6.59
CA GLY A 19 5.48 -11.65 -6.36
C GLY A 19 5.74 -10.50 -5.41
N PHE A 20 4.67 -9.95 -4.83
CA PHE A 20 4.79 -8.83 -3.90
C PHE A 20 5.19 -9.31 -2.51
N GLY A 21 6.31 -8.81 -2.02
CA GLY A 21 6.78 -9.20 -0.69
C GLY A 21 6.05 -8.48 0.42
N LEU A 22 5.63 -7.25 0.14
CA LEU A 22 4.93 -6.44 1.14
C LEU A 22 3.64 -7.14 1.57
N THR A 23 3.39 -7.15 2.88
CA THR A 23 2.20 -7.78 3.43
C THR A 23 1.17 -6.73 3.85
N VAL A 24 -0.09 -6.97 3.52
CA VAL A 24 -1.17 -6.05 3.87
C VAL A 24 -2.31 -6.78 4.56
N SER A 25 -2.83 -6.17 5.63
CA SER A 25 -3.93 -6.76 6.38
C SER A 25 -4.82 -5.68 7.00
N GLY A 26 -6.12 -5.82 6.82
CA GLY A 26 -7.05 -4.85 7.37
C GLY A 26 -8.50 -5.24 7.15
N ASP A 27 -9.23 -5.45 8.24
CA ASP A 27 -10.63 -5.84 8.16
C ASP A 27 -11.44 -4.77 7.46
N ASN A 28 -11.70 -3.66 8.16
CA ASN A 28 -12.47 -2.56 7.60
C ASN A 28 -11.59 -1.67 6.72
N PRO A 29 -10.54 -1.05 7.31
CA PRO A 29 -9.63 -0.17 6.58
C PRO A 29 -8.63 -0.95 5.74
N VAL A 30 -7.62 -0.26 5.23
CA VAL A 30 -6.59 -0.89 4.41
C VAL A 30 -5.23 -0.27 4.68
N PHE A 31 -4.33 -1.05 5.29
CA PHE A 31 -2.99 -0.58 5.60
C PHE A 31 -1.95 -1.66 5.33
N VAL A 32 -0.72 -1.24 5.04
CA VAL A 32 0.36 -2.17 4.76
C VAL A 32 1.15 -2.49 6.02
N GLN A 33 1.18 -3.77 6.38
CA GLN A 33 1.90 -4.20 7.58
C GLN A 33 3.41 -4.15 7.36
N SER A 34 3.91 -5.01 6.48
CA SER A 34 5.34 -5.05 6.18
C SER A 34 5.60 -4.74 4.71
N VAL A 35 6.86 -4.42 4.40
CA VAL A 35 7.25 -4.10 3.03
C VAL A 35 8.57 -4.76 2.67
N LYS A 36 8.66 -5.27 1.44
CA LYS A 36 9.86 -5.93 0.97
C LYS A 36 11.06 -4.98 1.03
N GLU A 37 12.07 -5.37 1.79
CA GLU A 37 13.28 -4.56 1.94
C GLU A 37 14.15 -4.67 0.69
N ASP A 38 14.59 -3.52 0.18
CA ASP A 38 15.44 -3.48 -1.02
C ASP A 38 14.75 -4.16 -2.20
N GLY A 39 13.42 -4.09 -2.22
CA GLY A 39 12.66 -4.70 -3.30
C GLY A 39 11.64 -3.76 -3.91
N ALA A 40 10.57 -4.32 -4.45
CA ALA A 40 9.52 -3.52 -5.06
C ALA A 40 8.88 -2.58 -4.05
N ALA A 41 8.70 -3.06 -2.82
CA ALA A 41 8.10 -2.26 -1.76
C ALA A 41 9.02 -1.12 -1.34
N MET A 42 10.28 -1.45 -1.12
CA MET A 42 11.27 -0.45 -0.71
C MET A 42 11.47 0.60 -1.80
N ARG A 43 11.67 0.14 -3.03
CA ARG A 43 11.86 1.04 -4.16
C ARG A 43 10.66 1.96 -4.35
N ALA A 44 9.47 1.43 -4.06
CA ALA A 44 8.25 2.20 -4.20
C ALA A 44 8.13 3.28 -3.11
N GLY A 45 8.94 3.14 -2.07
CA GLY A 45 8.91 4.10 -0.98
C GLY A 45 7.76 3.86 -0.03
N VAL A 46 7.51 2.59 0.28
CA VAL A 46 6.43 2.22 1.19
C VAL A 46 6.92 2.15 2.63
N GLN A 47 6.11 2.63 3.56
CA GLN A 47 6.46 2.63 4.98
C GLN A 47 5.74 1.50 5.71
N THR A 48 6.38 0.97 6.73
CA THR A 48 5.81 -0.12 7.52
C THR A 48 4.61 0.38 8.32
N GLY A 49 3.45 -0.22 8.07
CA GLY A 49 2.24 0.17 8.78
C GLY A 49 1.67 1.47 8.27
N ASP A 50 1.60 1.62 6.94
CA ASP A 50 1.06 2.82 6.33
C ASP A 50 -0.43 2.66 6.03
N ARG A 51 -1.11 3.78 5.83
CA ARG A 51 -2.54 3.77 5.53
C ARG A 51 -2.79 3.89 4.03
N ILE A 52 -3.74 3.10 3.53
CA ILE A 52 -4.09 3.12 2.12
C ILE A 52 -5.29 4.02 1.87
N ILE A 53 -5.22 4.80 0.79
CA ILE A 53 -6.31 5.71 0.43
C ILE A 53 -6.97 5.28 -0.87
N LYS A 54 -6.15 5.03 -1.89
CA LYS A 54 -6.66 4.61 -3.19
C LYS A 54 -5.84 3.45 -3.75
N VAL A 55 -6.51 2.52 -4.41
CA VAL A 55 -5.85 1.36 -4.99
C VAL A 55 -6.18 1.22 -6.47
N ASN A 56 -5.18 1.44 -7.32
CA ASN A 56 -5.37 1.34 -8.76
C ASN A 56 -6.43 2.32 -9.25
N GLY A 57 -6.44 3.51 -8.65
CA GLY A 57 -7.39 4.53 -9.03
C GLY A 57 -8.79 4.25 -8.51
N THR A 58 -8.87 3.49 -7.42
CA THR A 58 -10.15 3.16 -6.81
C THR A 58 -10.14 3.39 -5.30
N LEU A 59 -10.46 4.61 -4.90
CA LEU A 59 -10.49 4.98 -3.49
C LEU A 59 -11.24 3.93 -2.66
N VAL A 60 -11.14 4.05 -1.34
CA VAL A 60 -11.81 3.11 -0.44
C VAL A 60 -13.32 3.14 -0.64
N THR A 61 -13.91 1.96 -0.76
CA THR A 61 -15.36 1.84 -0.95
C THR A 61 -15.93 0.69 -0.15
N HIS A 62 -15.57 -0.53 -0.54
CA HIS A 62 -16.05 -1.73 0.15
C HIS A 62 -15.36 -2.98 -0.40
N SER A 63 -14.22 -3.33 0.18
CA SER A 63 -13.47 -4.50 -0.25
C SER A 63 -12.66 -5.08 0.91
N ASN A 64 -12.51 -6.40 0.91
CA ASN A 64 -11.75 -7.08 1.95
C ASN A 64 -10.32 -7.35 1.51
N HIS A 65 -9.57 -8.06 2.34
CA HIS A 65 -8.18 -8.39 2.02
C HIS A 65 -8.08 -9.12 0.69
N LEU A 66 -8.95 -10.11 0.50
CA LEU A 66 -8.96 -10.90 -0.73
C LEU A 66 -9.10 -9.99 -1.94
N GLU A 67 -9.98 -9.00 -1.85
CA GLU A 67 -10.19 -8.07 -2.93
C GLU A 67 -8.94 -7.23 -3.16
N VAL A 68 -8.30 -6.84 -2.07
CA VAL A 68 -7.08 -6.05 -2.14
C VAL A 68 -5.95 -6.86 -2.80
N VAL A 69 -5.78 -8.10 -2.34
CA VAL A 69 -4.75 -8.95 -2.89
C VAL A 69 -5.06 -9.28 -4.34
N LYS A 70 -6.34 -9.55 -4.63
CA LYS A 70 -6.75 -9.86 -5.99
C LYS A 70 -6.56 -8.64 -6.89
N LEU A 71 -6.85 -7.46 -6.32
CA LEU A 71 -6.70 -6.21 -7.06
C LEU A 71 -5.22 -5.93 -7.31
N ILE A 72 -4.39 -6.14 -6.29
CA ILE A 72 -2.96 -5.91 -6.41
C ILE A 72 -2.32 -6.98 -7.30
N LYS A 73 -2.74 -8.23 -7.11
CA LYS A 73 -2.22 -9.33 -7.89
C LYS A 73 -2.77 -9.31 -9.32
N SER A 74 -3.88 -8.60 -9.52
CA SER A 74 -4.52 -8.50 -10.83
C SER A 74 -3.50 -8.13 -11.91
N GLY A 75 -2.46 -7.41 -11.51
CA GLY A 75 -1.44 -7.01 -12.46
C GLY A 75 -0.08 -6.85 -11.83
N SER A 76 0.96 -6.86 -12.66
CA SER A 76 2.33 -6.72 -12.18
C SER A 76 2.57 -5.32 -11.64
N TYR A 77 2.18 -4.31 -12.40
CA TYR A 77 2.35 -2.93 -12.00
C TYR A 77 1.07 -2.39 -11.35
N VAL A 78 1.16 -2.07 -10.06
CA VAL A 78 0.02 -1.55 -9.32
C VAL A 78 0.36 -0.26 -8.59
N ALA A 79 -0.57 0.69 -8.61
CA ALA A 79 -0.37 1.97 -7.95
C ALA A 79 -1.36 2.15 -6.80
N LEU A 80 -0.83 2.20 -5.58
CA LEU A 80 -1.66 2.36 -4.39
C LEU A 80 -1.31 3.63 -3.64
N THR A 81 -2.29 4.52 -3.51
CA THR A 81 -2.08 5.79 -2.79
C THR A 81 -2.12 5.55 -1.29
N VAL A 82 -0.99 5.75 -0.63
CA VAL A 82 -0.89 5.56 0.81
C VAL A 82 -0.66 6.87 1.54
N GLN A 83 -0.71 6.81 2.87
CA GLN A 83 -0.50 8.00 3.69
C GLN A 83 0.42 7.69 4.86
N GLY A 84 1.34 8.60 5.14
CA GLY A 84 2.28 8.41 6.22
C GLY A 84 3.48 9.32 6.12
N ARG A 85 3.86 9.94 7.24
CA ARG A 85 4.99 10.84 7.27
C ARG A 85 6.27 10.09 7.66
N PRO A 86 7.39 10.37 6.96
CA PRO A 86 8.68 9.72 7.24
C PRO A 86 9.07 9.83 8.72
N PRO A 87 9.67 8.77 9.29
CA PRO A 87 10.10 8.77 10.69
C PRO A 87 11.34 9.62 10.92
N GLY A 88 11.84 9.60 12.15
CA GLY A 88 13.03 10.38 12.48
C GLY A 88 14.30 9.71 11.98
N SER A 89 14.28 8.39 11.89
CA SER A 89 15.44 7.64 11.43
C SER A 89 15.22 7.09 10.03
N GLY A 1 0.78 20.98 -0.69
CA GLY A 1 2.14 20.40 -0.67
C GLY A 1 2.20 19.06 0.04
N SER A 2 3.40 18.64 0.42
CA SER A 2 3.58 17.38 1.12
C SER A 2 4.44 17.57 2.36
N HIS A 3 4.29 18.72 3.01
CA HIS A 3 5.04 19.03 4.22
C HIS A 3 4.32 20.06 5.06
N MET A 4 3.36 19.61 5.87
CA MET A 4 2.59 20.50 6.72
C MET A 4 1.89 19.71 7.82
N GLY A 5 1.22 18.63 7.44
CA GLY A 5 0.51 17.80 8.40
C GLY A 5 0.18 16.43 7.86
N LEU A 6 -0.49 16.39 6.71
CA LEU A 6 -0.87 15.13 6.09
C LEU A 6 -0.14 14.94 4.76
N VAL A 7 0.80 13.99 4.73
CA VAL A 7 1.57 13.71 3.53
C VAL A 7 1.14 12.38 2.91
N GLN A 8 0.94 12.39 1.59
CA GLN A 8 0.53 11.19 0.87
C GLN A 8 1.45 10.92 -0.31
N ARG A 9 1.80 9.65 -0.53
CA ARG A 9 2.66 9.27 -1.63
C ARG A 9 2.13 8.03 -2.35
N CYS A 10 2.41 7.95 -3.64
CA CYS A 10 1.96 6.81 -4.44
C CYS A 10 3.07 5.79 -4.62
N VAL A 11 2.97 4.68 -3.90
CA VAL A 11 3.97 3.63 -3.98
C VAL A 11 3.68 2.66 -5.13
N ILE A 12 4.57 2.64 -6.11
CA ILE A 12 4.41 1.76 -7.27
C ILE A 12 5.01 0.38 -7.01
N ILE A 13 4.15 -0.58 -6.67
CA ILE A 13 4.60 -1.93 -6.40
C ILE A 13 4.68 -2.75 -7.68
N GLN A 14 5.90 -3.11 -8.08
CA GLN A 14 6.11 -3.90 -9.28
C GLN A 14 6.38 -5.36 -8.94
N LYS A 15 5.68 -6.26 -9.62
CA LYS A 15 5.84 -7.69 -9.40
C LYS A 15 7.14 -8.20 -10.00
N ASP A 16 8.01 -8.74 -9.16
CA ASP A 16 9.29 -9.26 -9.62
C ASP A 16 9.23 -10.78 -9.80
N ASP A 17 10.39 -11.39 -9.99
CA ASP A 17 10.47 -12.84 -10.17
C ASP A 17 9.88 -13.57 -8.97
N ASN A 18 9.98 -12.96 -7.79
CA ASN A 18 9.46 -13.55 -6.57
C ASN A 18 8.01 -13.12 -6.34
N GLY A 19 7.71 -11.87 -6.65
CA GLY A 19 6.37 -11.36 -6.47
C GLY A 19 6.28 -10.32 -5.37
N PHE A 20 5.08 -9.78 -5.16
CA PHE A 20 4.87 -8.78 -4.13
C PHE A 20 5.21 -9.33 -2.75
N GLY A 21 6.28 -8.79 -2.15
CA GLY A 21 6.70 -9.24 -0.84
C GLY A 21 5.93 -8.57 0.28
N LEU A 22 5.69 -7.26 0.14
CA LEU A 22 4.96 -6.50 1.14
C LEU A 22 3.65 -7.17 1.51
N THR A 23 3.24 -7.03 2.77
CA THR A 23 2.01 -7.64 3.24
C THR A 23 1.02 -6.57 3.70
N VAL A 24 -0.27 -6.84 3.54
CA VAL A 24 -1.31 -5.90 3.94
C VAL A 24 -2.43 -6.60 4.69
N SER A 25 -2.94 -5.95 5.72
CA SER A 25 -4.01 -6.51 6.53
C SER A 25 -4.90 -5.41 7.10
N GLY A 26 -6.21 -5.57 6.97
CA GLY A 26 -7.13 -4.58 7.48
C GLY A 26 -8.57 -5.06 7.44
N ASP A 27 -9.14 -5.32 8.60
CA ASP A 27 -10.53 -5.78 8.70
C ASP A 27 -11.47 -4.78 8.04
N ASN A 28 -11.62 -3.61 8.66
CA ASN A 28 -12.49 -2.57 8.13
C ASN A 28 -11.73 -1.66 7.15
N PRO A 29 -10.57 -1.13 7.57
CA PRO A 29 -9.75 -0.25 6.75
C PRO A 29 -8.83 -1.02 5.81
N VAL A 30 -7.79 -0.35 5.31
CA VAL A 30 -6.83 -0.98 4.42
C VAL A 30 -5.47 -0.32 4.55
N PHE A 31 -4.59 -0.95 5.34
CA PHE A 31 -3.25 -0.42 5.55
C PHE A 31 -2.20 -1.53 5.43
N VAL A 32 -1.00 -1.14 4.99
CA VAL A 32 0.10 -2.09 4.83
C VAL A 32 0.82 -2.31 6.14
N GLN A 33 0.97 -3.58 6.52
CA GLN A 33 1.64 -3.93 7.76
C GLN A 33 3.13 -4.18 7.54
N SER A 34 3.45 -5.00 6.54
CA SER A 34 4.84 -5.31 6.23
C SER A 34 5.20 -4.86 4.82
N VAL A 35 6.50 -4.67 4.57
CA VAL A 35 6.98 -4.23 3.27
C VAL A 35 8.22 -5.02 2.85
N LYS A 36 8.42 -5.15 1.54
CA LYS A 36 9.56 -5.88 1.01
C LYS A 36 10.81 -5.01 1.01
N GLU A 37 11.78 -5.36 1.85
CA GLU A 37 13.02 -4.62 1.95
C GLU A 37 13.95 -4.95 0.78
N ASP A 38 14.58 -3.93 0.23
CA ASP A 38 15.49 -4.13 -0.89
C ASP A 38 14.78 -4.77 -2.07
N GLY A 39 13.49 -4.49 -2.20
CA GLY A 39 12.71 -5.05 -3.28
C GLY A 39 11.85 -4.02 -3.97
N ALA A 40 10.80 -4.49 -4.66
CA ALA A 40 9.89 -3.59 -5.37
C ALA A 40 9.20 -2.63 -4.40
N ALA A 41 8.96 -3.10 -3.18
CA ALA A 41 8.31 -2.28 -2.17
C ALA A 41 9.24 -1.17 -1.66
N MET A 42 10.47 -1.55 -1.35
CA MET A 42 11.46 -0.60 -0.85
C MET A 42 11.85 0.39 -1.95
N ARG A 43 12.04 -0.12 -3.16
CA ARG A 43 12.41 0.74 -4.29
C ARG A 43 11.32 1.74 -4.59
N ALA A 44 10.06 1.35 -4.36
CA ALA A 44 8.93 2.23 -4.62
C ALA A 44 8.77 3.26 -3.50
N GLY A 45 9.43 3.04 -2.37
CA GLY A 45 9.35 3.97 -1.27
C GLY A 45 8.12 3.72 -0.40
N VAL A 46 7.95 2.49 0.05
CA VAL A 46 6.81 2.13 0.90
C VAL A 46 7.13 2.36 2.37
N GLN A 47 6.09 2.49 3.18
CA GLN A 47 6.26 2.71 4.61
C GLN A 47 5.43 1.70 5.42
N THR A 48 6.12 0.85 6.17
CA THR A 48 5.45 -0.16 6.99
C THR A 48 4.40 0.47 7.88
N GLY A 49 3.20 -0.10 7.87
CA GLY A 49 2.12 0.43 8.69
C GLY A 49 1.49 1.66 8.10
N ASP A 50 1.46 1.73 6.77
CA ASP A 50 0.89 2.87 6.07
C ASP A 50 -0.58 2.62 5.71
N ARG A 51 -1.38 3.67 5.70
CA ARG A 51 -2.80 3.56 5.36
C ARG A 51 -3.00 3.67 3.87
N ILE A 52 -3.95 2.90 3.33
CA ILE A 52 -4.24 2.92 1.90
C ILE A 52 -5.45 3.79 1.61
N ILE A 53 -5.24 4.89 0.88
CA ILE A 53 -6.32 5.80 0.53
C ILE A 53 -7.14 5.25 -0.63
N LYS A 54 -6.45 4.79 -1.67
CA LYS A 54 -7.13 4.22 -2.84
C LYS A 54 -6.21 3.28 -3.60
N VAL A 55 -6.81 2.44 -4.44
CA VAL A 55 -6.05 1.47 -5.23
C VAL A 55 -6.27 1.68 -6.72
N ASN A 56 -5.21 2.07 -7.42
CA ASN A 56 -5.29 2.31 -8.87
C ASN A 56 -6.35 3.34 -9.19
N GLY A 57 -6.24 4.52 -8.58
CA GLY A 57 -7.21 5.58 -8.82
C GLY A 57 -8.62 5.16 -8.46
N THR A 58 -8.75 4.23 -7.52
CA THR A 58 -10.05 3.74 -7.09
C THR A 58 -10.16 3.77 -5.57
N LEU A 59 -11.12 4.56 -5.08
CA LEU A 59 -11.34 4.68 -3.64
C LEU A 59 -12.24 3.57 -3.13
N VAL A 60 -11.85 2.34 -3.36
CA VAL A 60 -12.63 1.18 -2.92
C VAL A 60 -12.26 0.79 -1.50
N THR A 61 -13.27 0.40 -0.71
CA THR A 61 -13.06 0.01 0.67
C THR A 61 -13.33 -1.48 0.86
N HIS A 62 -14.59 -1.88 0.69
CA HIS A 62 -14.98 -3.27 0.84
C HIS A 62 -14.62 -3.80 2.23
N SER A 63 -14.77 -5.09 2.43
CA SER A 63 -14.47 -5.72 3.70
C SER A 63 -13.97 -7.15 3.51
N ASN A 64 -13.04 -7.32 2.58
CA ASN A 64 -12.49 -8.64 2.29
C ASN A 64 -11.03 -8.54 1.85
N HIS A 65 -10.13 -9.10 2.65
CA HIS A 65 -8.71 -9.07 2.34
C HIS A 65 -8.42 -9.76 1.03
N LEU A 66 -9.10 -10.87 0.78
CA LEU A 66 -8.93 -11.63 -0.45
C LEU A 66 -9.16 -10.74 -1.67
N GLU A 67 -10.21 -9.92 -1.62
CA GLU A 67 -10.52 -9.02 -2.71
C GLU A 67 -9.40 -8.02 -2.90
N VAL A 68 -8.91 -7.47 -1.80
CA VAL A 68 -7.82 -6.50 -1.85
C VAL A 68 -6.56 -7.16 -2.43
N VAL A 69 -6.25 -8.34 -1.92
CA VAL A 69 -5.08 -9.08 -2.39
C VAL A 69 -5.23 -9.43 -3.87
N LYS A 70 -6.41 -9.91 -4.25
CA LYS A 70 -6.68 -10.26 -5.63
C LYS A 70 -6.64 -9.03 -6.52
N LEU A 71 -7.16 -7.91 -6.00
CA LEU A 71 -7.18 -6.66 -6.73
C LEU A 71 -5.76 -6.11 -6.91
N ILE A 72 -4.99 -6.14 -5.83
CA ILE A 72 -3.62 -5.65 -5.87
C ILE A 72 -2.74 -6.58 -6.69
N LYS A 73 -3.01 -7.88 -6.59
CA LYS A 73 -2.24 -8.89 -7.31
C LYS A 73 -2.60 -8.89 -8.80
N SER A 74 -3.85 -8.51 -9.10
CA SER A 74 -4.31 -8.47 -10.49
C SER A 74 -3.54 -7.44 -11.29
N GLY A 75 -2.34 -7.81 -11.73
CA GLY A 75 -1.52 -6.91 -12.52
C GLY A 75 -0.10 -6.82 -12.00
N SER A 76 0.85 -6.69 -12.91
CA SER A 76 2.26 -6.60 -12.54
C SER A 76 2.56 -5.25 -11.90
N TYR A 77 2.25 -4.17 -12.61
CA TYR A 77 2.47 -2.82 -12.11
C TYR A 77 1.21 -2.27 -11.46
N VAL A 78 1.28 -2.00 -10.16
CA VAL A 78 0.14 -1.46 -9.43
C VAL A 78 0.54 -0.21 -8.64
N ALA A 79 -0.40 0.72 -8.53
CA ALA A 79 -0.16 1.96 -7.80
C ALA A 79 -1.21 2.18 -6.72
N LEU A 80 -0.78 2.10 -5.46
CA LEU A 80 -1.68 2.28 -4.33
C LEU A 80 -1.35 3.56 -3.56
N THR A 81 -2.29 4.50 -3.55
CA THR A 81 -2.10 5.75 -2.85
C THR A 81 -2.29 5.58 -1.34
N VAL A 82 -1.20 5.70 -0.60
CA VAL A 82 -1.24 5.54 0.85
C VAL A 82 -0.83 6.83 1.57
N GLN A 83 -0.92 6.81 2.88
CA GLN A 83 -0.57 7.98 3.70
C GLN A 83 0.18 7.54 4.95
N GLY A 84 1.32 8.19 5.21
CA GLY A 84 2.11 7.86 6.38
C GLY A 84 1.86 8.80 7.53
N ARG A 85 2.89 9.01 8.35
CA ARG A 85 2.78 9.90 9.51
C ARG A 85 1.77 9.37 10.51
N PRO A 86 2.05 8.22 11.13
CA PRO A 86 1.15 7.60 12.11
C PRO A 86 0.90 8.52 13.30
N PRO A 87 -0.36 8.60 13.78
CA PRO A 87 -0.72 9.45 14.92
C PRO A 87 -0.30 8.84 16.25
N GLY A 88 0.30 9.66 17.11
CA GLY A 88 0.74 9.19 18.41
C GLY A 88 2.14 8.60 18.36
N SER A 89 2.35 7.63 17.47
CA SER A 89 3.64 6.98 17.33
C SER A 89 4.72 8.00 16.98
N GLY A 1 0.04 20.83 11.21
CA GLY A 1 -1.09 20.27 10.45
C GLY A 1 -0.96 20.49 8.95
N SER A 2 -1.88 19.90 8.18
CA SER A 2 -1.86 20.04 6.73
C SER A 2 -0.66 19.32 6.12
N HIS A 3 0.54 19.86 6.37
CA HIS A 3 1.75 19.26 5.84
C HIS A 3 2.41 18.35 6.88
N MET A 4 2.38 18.79 8.15
CA MET A 4 2.97 18.01 9.24
C MET A 4 1.89 17.22 9.98
N GLY A 5 0.87 16.79 9.25
CA GLY A 5 -0.21 16.03 9.86
C GLY A 5 -0.63 14.85 9.02
N LEU A 6 -0.90 15.10 7.74
CA LEU A 6 -1.31 14.05 6.83
C LEU A 6 -0.55 14.13 5.50
N VAL A 7 0.46 13.27 5.35
CA VAL A 7 1.26 13.25 4.14
C VAL A 7 0.85 12.11 3.21
N GLN A 8 0.41 12.46 2.01
CA GLN A 8 -0.02 11.46 1.04
C GLN A 8 1.01 11.29 -0.06
N ARG A 9 1.23 10.05 -0.48
CA ARG A 9 2.20 9.75 -1.53
C ARG A 9 1.77 8.54 -2.35
N CYS A 10 1.94 8.63 -3.66
CA CYS A 10 1.57 7.53 -4.55
C CYS A 10 2.75 6.59 -4.77
N VAL A 11 2.68 5.41 -4.17
CA VAL A 11 3.75 4.42 -4.31
C VAL A 11 3.50 3.50 -5.49
N ILE A 12 4.58 3.11 -6.18
CA ILE A 12 4.47 2.24 -7.32
C ILE A 12 5.31 0.97 -7.13
N ILE A 13 4.65 -0.14 -6.86
CA ILE A 13 5.33 -1.41 -6.65
C ILE A 13 5.17 -2.33 -7.86
N GLN A 14 6.26 -2.99 -8.24
CA GLN A 14 6.24 -3.90 -9.38
C GLN A 14 6.29 -5.36 -8.91
N LYS A 15 5.25 -6.12 -9.25
CA LYS A 15 5.17 -7.52 -8.86
C LYS A 15 6.25 -8.34 -9.57
N ASP A 16 6.76 -9.35 -8.88
CA ASP A 16 7.79 -10.22 -9.45
C ASP A 16 7.27 -11.63 -9.65
N ASP A 17 8.17 -12.55 -9.96
CA ASP A 17 7.80 -13.94 -10.18
C ASP A 17 7.13 -14.54 -8.93
N ASN A 18 7.56 -14.06 -7.77
CA ASN A 18 7.01 -14.54 -6.50
C ASN A 18 5.76 -13.75 -6.11
N GLY A 19 5.83 -12.44 -6.31
CA GLY A 19 4.69 -11.59 -5.97
C GLY A 19 5.10 -10.40 -5.12
N PHE A 20 4.15 -9.87 -4.35
CA PHE A 20 4.41 -8.73 -3.48
C PHE A 20 4.90 -9.19 -2.11
N GLY A 21 6.17 -8.93 -1.82
CA GLY A 21 6.73 -9.32 -0.54
C GLY A 21 6.07 -8.61 0.62
N LEU A 22 5.76 -7.32 0.44
CA LEU A 22 5.12 -6.54 1.49
C LEU A 22 3.84 -7.20 1.98
N THR A 23 3.65 -7.21 3.30
CA THR A 23 2.48 -7.82 3.90
C THR A 23 1.46 -6.76 4.29
N VAL A 24 0.20 -6.99 3.91
CA VAL A 24 -0.87 -6.06 4.21
C VAL A 24 -2.06 -6.79 4.85
N SER A 25 -2.60 -6.21 5.91
CA SER A 25 -3.74 -6.79 6.61
C SER A 25 -4.64 -5.71 7.20
N GLY A 26 -5.94 -5.83 6.97
CA GLY A 26 -6.88 -4.87 7.48
C GLY A 26 -8.33 -5.29 7.27
N ASP A 27 -9.06 -5.44 8.37
CA ASP A 27 -10.46 -5.84 8.29
C ASP A 27 -11.26 -4.87 7.43
N ASN A 28 -11.59 -3.72 7.99
CA ASN A 28 -12.35 -2.70 7.27
C ASN A 28 -11.43 -1.82 6.42
N PRO A 29 -10.33 -1.33 7.00
CA PRO A 29 -9.38 -0.48 6.28
C PRO A 29 -8.34 -1.29 5.49
N VAL A 30 -7.31 -0.62 5.00
CA VAL A 30 -6.26 -1.28 4.24
C VAL A 30 -4.93 -0.58 4.42
N PHE A 31 -4.07 -1.16 5.25
CA PHE A 31 -2.75 -0.59 5.51
C PHE A 31 -1.66 -1.64 5.40
N VAL A 32 -0.45 -1.20 5.06
CA VAL A 32 0.69 -2.10 4.92
C VAL A 32 1.41 -2.29 6.25
N GLN A 33 1.56 -3.55 6.67
CA GLN A 33 2.22 -3.86 7.92
C GLN A 33 3.73 -3.94 7.74
N SER A 34 4.15 -4.44 6.57
CA SER A 34 5.57 -4.57 6.27
C SER A 34 5.83 -4.35 4.79
N VAL A 35 7.07 -4.01 4.45
CA VAL A 35 7.45 -3.77 3.07
C VAL A 35 8.79 -4.44 2.74
N LYS A 36 8.79 -5.26 1.69
CA LYS A 36 10.01 -5.95 1.27
C LYS A 36 11.15 -4.97 1.01
N GLU A 37 12.26 -5.17 1.71
CA GLU A 37 13.43 -4.30 1.57
C GLU A 37 14.20 -4.65 0.30
N ASP A 38 14.87 -3.65 -0.25
CA ASP A 38 15.67 -3.84 -1.47
C ASP A 38 14.80 -4.42 -2.59
N GLY A 39 13.52 -4.10 -2.56
CA GLY A 39 12.62 -4.60 -3.59
C GLY A 39 11.59 -3.56 -4.01
N ALA A 40 10.56 -4.00 -4.72
CA ALA A 40 9.52 -3.10 -5.20
C ALA A 40 8.95 -2.26 -4.06
N ALA A 41 8.68 -2.91 -2.93
CA ALA A 41 8.12 -2.22 -1.77
C ALA A 41 9.06 -1.12 -1.29
N MET A 42 10.35 -1.46 -1.17
CA MET A 42 11.34 -0.49 -0.72
C MET A 42 11.54 0.61 -1.77
N ARG A 43 11.76 0.19 -3.01
CA ARG A 43 11.97 1.14 -4.11
C ARG A 43 10.76 2.05 -4.27
N ALA A 44 9.58 1.52 -3.97
CA ALA A 44 8.35 2.30 -4.09
C ALA A 44 8.26 3.37 -3.01
N GLY A 45 9.09 3.24 -1.97
CA GLY A 45 9.09 4.22 -0.90
C GLY A 45 7.96 3.99 0.09
N VAL A 46 7.63 2.72 0.33
CA VAL A 46 6.56 2.37 1.25
C VAL A 46 7.07 2.33 2.69
N GLN A 47 6.25 2.80 3.62
CA GLN A 47 6.63 2.80 5.03
C GLN A 47 5.88 1.72 5.80
N THR A 48 6.44 1.30 6.93
CA THR A 48 5.82 0.27 7.76
C THR A 48 4.58 0.81 8.46
N GLY A 49 3.44 0.14 8.28
CA GLY A 49 2.21 0.57 8.90
C GLY A 49 1.56 1.73 8.17
N ASP A 50 1.75 1.78 6.86
CA ASP A 50 1.18 2.84 6.04
C ASP A 50 -0.28 2.55 5.72
N ARG A 51 -1.08 3.61 5.65
CA ARG A 51 -2.50 3.47 5.34
C ARG A 51 -2.76 3.64 3.84
N ILE A 52 -3.55 2.74 3.28
CA ILE A 52 -3.87 2.79 1.86
C ILE A 52 -5.26 3.39 1.62
N ILE A 53 -5.34 4.30 0.67
CA ILE A 53 -6.61 4.96 0.35
C ILE A 53 -7.12 4.52 -1.02
N LYS A 54 -6.24 4.54 -2.01
CA LYS A 54 -6.60 4.16 -3.37
C LYS A 54 -5.72 3.00 -3.85
N VAL A 55 -6.23 2.24 -4.83
CA VAL A 55 -5.49 1.12 -5.38
C VAL A 55 -5.54 1.13 -6.90
N ASN A 56 -4.43 1.54 -7.52
CA ASN A 56 -4.34 1.59 -8.98
C ASN A 56 -5.41 2.52 -9.55
N GLY A 57 -5.62 3.66 -8.90
CA GLY A 57 -6.60 4.60 -9.36
C GLY A 57 -8.02 4.11 -9.16
N THR A 58 -8.21 3.24 -8.17
CA THR A 58 -9.54 2.70 -7.89
C THR A 58 -9.78 2.61 -6.39
N LEU A 59 -10.22 3.71 -5.79
CA LEU A 59 -10.49 3.76 -4.36
C LEU A 59 -11.55 2.73 -3.98
N VAL A 60 -11.49 2.27 -2.73
CA VAL A 60 -12.45 1.28 -2.24
C VAL A 60 -12.98 1.69 -0.87
N THR A 61 -14.15 1.15 -0.52
CA THR A 61 -14.77 1.45 0.77
C THR A 61 -14.50 0.35 1.78
N HIS A 62 -14.91 -0.87 1.45
CA HIS A 62 -14.71 -2.01 2.34
C HIS A 62 -15.22 -3.30 1.70
N SER A 63 -14.46 -4.37 1.87
CA SER A 63 -14.83 -5.67 1.31
C SER A 63 -14.12 -6.81 2.04
N ASN A 64 -12.85 -7.02 1.72
CA ASN A 64 -12.06 -8.08 2.35
C ASN A 64 -10.64 -8.09 1.80
N HIS A 65 -9.74 -8.75 2.53
CA HIS A 65 -8.34 -8.84 2.13
C HIS A 65 -8.21 -9.51 0.76
N LEU A 66 -9.04 -10.53 0.53
CA LEU A 66 -9.00 -11.25 -0.74
C LEU A 66 -9.19 -10.29 -1.92
N GLU A 67 -10.12 -9.36 -1.76
CA GLU A 67 -10.39 -8.38 -2.81
C GLU A 67 -9.16 -7.51 -3.04
N VAL A 68 -8.54 -7.07 -1.93
CA VAL A 68 -7.34 -6.25 -2.01
C VAL A 68 -6.22 -7.03 -2.69
N VAL A 69 -6.03 -8.26 -2.25
CA VAL A 69 -4.99 -9.12 -2.82
C VAL A 69 -5.25 -9.36 -4.30
N LYS A 70 -6.50 -9.65 -4.63
CA LYS A 70 -6.89 -9.90 -6.02
C LYS A 70 -6.73 -8.65 -6.86
N LEU A 71 -7.06 -7.50 -6.27
CA LEU A 71 -6.95 -6.23 -6.98
C LEU A 71 -5.49 -5.84 -7.15
N ILE A 72 -4.68 -6.06 -6.12
CA ILE A 72 -3.27 -5.73 -6.18
C ILE A 72 -2.51 -6.72 -7.06
N LYS A 73 -2.91 -7.99 -7.00
CA LYS A 73 -2.25 -9.02 -7.80
C LYS A 73 -2.67 -8.92 -9.26
N SER A 74 -3.80 -8.26 -9.53
CA SER A 74 -4.29 -8.11 -10.89
C SER A 74 -3.37 -7.17 -11.69
N GLY A 75 -2.20 -7.67 -12.03
CA GLY A 75 -1.25 -6.87 -12.79
C GLY A 75 0.11 -6.79 -12.12
N SER A 76 1.16 -6.65 -12.93
CA SER A 76 2.52 -6.57 -12.41
C SER A 76 2.81 -5.18 -11.85
N TYR A 77 2.45 -4.15 -12.63
CA TYR A 77 2.66 -2.77 -12.21
C TYR A 77 1.41 -2.20 -11.55
N VAL A 78 1.51 -1.90 -10.26
CA VAL A 78 0.38 -1.35 -9.51
C VAL A 78 0.81 -0.12 -8.72
N ALA A 79 -0.10 0.85 -8.61
CA ALA A 79 0.17 2.08 -7.87
C ALA A 79 -0.98 2.40 -6.92
N LEU A 80 -0.72 2.29 -5.62
CA LEU A 80 -1.74 2.57 -4.62
C LEU A 80 -1.39 3.82 -3.82
N THR A 81 -2.37 4.69 -3.62
CA THR A 81 -2.17 5.92 -2.87
C THR A 81 -2.28 5.66 -1.37
N VAL A 82 -1.17 5.82 -0.66
CA VAL A 82 -1.13 5.59 0.77
C VAL A 82 -0.91 6.89 1.54
N GLN A 83 -1.08 6.84 2.86
CA GLN A 83 -0.90 8.01 3.71
C GLN A 83 -0.26 7.62 5.04
N GLY A 84 0.83 8.29 5.39
CA GLY A 84 1.51 8.00 6.64
C GLY A 84 1.28 9.04 7.70
N ARG A 85 1.79 8.78 8.91
CA ARG A 85 1.63 9.71 10.02
C ARG A 85 0.15 9.89 10.39
N PRO A 86 -0.41 8.91 11.11
CA PRO A 86 -1.82 8.95 11.53
C PRO A 86 -2.05 9.90 12.69
N PRO A 87 -2.77 11.02 12.46
CA PRO A 87 -3.06 12.01 13.51
C PRO A 87 -3.87 11.42 14.66
N GLY A 88 -4.50 12.28 15.43
CA GLY A 88 -5.29 11.82 16.56
C GLY A 88 -6.09 12.95 17.19
N SER A 89 -5.43 14.08 17.43
CA SER A 89 -6.09 15.23 18.04
C SER A 89 -5.25 16.49 17.87
N GLY A 1 -8.09 25.14 7.23
CA GLY A 1 -8.07 24.44 8.54
C GLY A 1 -7.29 23.14 8.49
N SER A 2 -6.78 22.71 9.64
CA SER A 2 -6.01 21.47 9.73
C SER A 2 -4.92 21.41 8.67
N HIS A 3 -3.75 21.95 8.99
CA HIS A 3 -2.63 21.95 8.06
C HIS A 3 -1.41 21.28 8.68
N MET A 4 -0.62 20.61 7.84
CA MET A 4 0.58 19.92 8.31
C MET A 4 0.22 18.84 9.33
N GLY A 5 -0.25 17.71 8.84
CA GLY A 5 -0.61 16.62 9.73
C GLY A 5 -0.79 15.30 9.00
N LEU A 6 -1.57 15.34 7.91
CA LEU A 6 -1.81 14.14 7.12
C LEU A 6 -1.29 14.30 5.69
N VAL A 7 -0.16 13.66 5.41
CA VAL A 7 0.44 13.74 4.09
C VAL A 7 0.20 12.47 3.29
N GLN A 8 0.08 12.62 1.97
CA GLN A 8 -0.16 11.47 1.10
C GLN A 8 0.83 11.45 -0.05
N ARG A 9 1.25 10.25 -0.44
CA ARG A 9 2.21 10.09 -1.53
C ARG A 9 1.89 8.85 -2.37
N CYS A 10 2.03 8.97 -3.68
CA CYS A 10 1.77 7.86 -4.59
C CYS A 10 2.92 6.87 -4.59
N VAL A 11 2.60 5.60 -4.39
CA VAL A 11 3.62 4.55 -4.39
C VAL A 11 3.26 3.43 -5.37
N ILE A 12 4.08 3.28 -6.40
CA ILE A 12 3.86 2.25 -7.41
C ILE A 12 4.77 1.05 -7.18
N ILE A 13 4.16 -0.08 -6.86
CA ILE A 13 4.91 -1.31 -6.61
C ILE A 13 4.93 -2.20 -7.85
N GLN A 14 6.04 -2.90 -8.05
CA GLN A 14 6.20 -3.78 -9.20
C GLN A 14 6.32 -5.24 -8.75
N LYS A 15 5.47 -6.10 -9.28
CA LYS A 15 5.49 -7.51 -8.94
C LYS A 15 6.78 -8.18 -9.42
N ASP A 16 7.54 -8.73 -8.47
CA ASP A 16 8.79 -9.40 -8.78
C ASP A 16 8.55 -10.87 -9.13
N ASP A 17 9.65 -11.61 -9.30
CA ASP A 17 9.56 -13.03 -9.63
C ASP A 17 8.79 -13.79 -8.56
N ASN A 18 8.86 -13.31 -7.33
CA ASN A 18 8.17 -13.95 -6.22
C ASN A 18 6.80 -13.31 -5.98
N GLY A 19 6.70 -12.02 -6.29
CA GLY A 19 5.45 -11.31 -6.11
C GLY A 19 5.55 -10.19 -5.10
N PHE A 20 4.40 -9.74 -4.59
CA PHE A 20 4.37 -8.66 -3.61
C PHE A 20 4.72 -9.19 -2.22
N GLY A 21 5.99 -9.09 -1.84
CA GLY A 21 6.43 -9.56 -0.54
C GLY A 21 5.75 -8.82 0.60
N LEU A 22 5.43 -7.54 0.37
CA LEU A 22 4.78 -6.73 1.38
C LEU A 22 3.42 -7.33 1.78
N THR A 23 3.20 -7.44 3.09
CA THR A 23 1.95 -7.99 3.59
C THR A 23 1.02 -6.90 4.08
N VAL A 24 -0.24 -6.97 3.67
CA VAL A 24 -1.23 -5.98 4.07
C VAL A 24 -2.34 -6.60 4.90
N SER A 25 -2.83 -5.85 5.88
CA SER A 25 -3.91 -6.34 6.75
C SER A 25 -4.79 -5.20 7.23
N GLY A 26 -6.10 -5.39 7.13
CA GLY A 26 -7.03 -4.35 7.54
C GLY A 26 -8.46 -4.84 7.51
N ASP A 27 -9.20 -4.58 8.59
CA ASP A 27 -10.60 -4.99 8.67
C ASP A 27 -11.41 -4.38 7.53
N ASN A 28 -11.79 -3.11 7.68
CA ASN A 28 -12.56 -2.42 6.65
C ASN A 28 -11.64 -1.83 5.59
N PRO A 29 -10.74 -0.91 5.96
CA PRO A 29 -9.81 -0.29 5.03
C PRO A 29 -8.61 -1.18 4.72
N VAL A 30 -7.59 -0.61 4.09
CA VAL A 30 -6.38 -1.35 3.75
C VAL A 30 -5.16 -0.72 4.40
N PHE A 31 -4.46 -1.52 5.22
CA PHE A 31 -3.27 -1.04 5.91
C PHE A 31 -2.10 -2.00 5.69
N VAL A 32 -0.94 -1.44 5.40
CA VAL A 32 0.26 -2.23 5.16
C VAL A 32 1.08 -2.38 6.45
N GLN A 33 1.31 -3.63 6.85
CA GLN A 33 2.07 -3.91 8.07
C GLN A 33 3.53 -4.20 7.76
N SER A 34 3.77 -5.09 6.81
CA SER A 34 5.13 -5.45 6.42
C SER A 34 5.40 -5.11 4.96
N VAL A 35 6.65 -4.77 4.66
CA VAL A 35 7.05 -4.43 3.30
C VAL A 35 8.38 -5.09 2.93
N LYS A 36 8.52 -5.47 1.66
CA LYS A 36 9.74 -6.11 1.19
C LYS A 36 10.90 -5.13 1.18
N GLU A 37 11.94 -5.47 1.92
CA GLU A 37 13.13 -4.61 2.00
C GLU A 37 14.11 -4.92 0.88
N ASP A 38 14.69 -3.88 0.29
CA ASP A 38 15.64 -4.04 -0.80
C ASP A 38 15.01 -4.77 -1.98
N GLY A 39 13.70 -4.58 -2.14
CA GLY A 39 13.00 -5.22 -3.23
C GLY A 39 11.98 -4.30 -3.89
N ALA A 40 10.91 -4.89 -4.42
CA ALA A 40 9.86 -4.12 -5.07
C ALA A 40 9.24 -3.11 -4.12
N ALA A 41 8.94 -3.55 -2.90
CA ALA A 41 8.34 -2.69 -1.89
C ALA A 41 9.27 -1.53 -1.55
N MET A 42 10.54 -1.84 -1.32
CA MET A 42 11.53 -0.82 -0.98
C MET A 42 11.77 0.11 -2.15
N ARG A 43 11.89 -0.46 -3.35
CA ARG A 43 12.13 0.32 -4.56
C ARG A 43 10.91 1.19 -4.88
N ALA A 44 9.74 0.67 -4.57
CA ALA A 44 8.49 1.39 -4.85
C ALA A 44 8.33 2.58 -3.91
N GLY A 45 9.12 2.61 -2.83
CA GLY A 45 9.04 3.71 -1.89
C GLY A 45 8.00 3.48 -0.81
N VAL A 46 7.73 2.22 -0.51
CA VAL A 46 6.74 1.86 0.51
C VAL A 46 7.34 2.02 1.91
N GLN A 47 6.46 2.17 2.90
CA GLN A 47 6.89 2.32 4.29
C GLN A 47 6.12 1.38 5.21
N THR A 48 6.79 0.88 6.23
CA THR A 48 6.17 -0.03 7.19
C THR A 48 5.06 0.69 7.96
N GLY A 49 3.87 0.12 7.93
CA GLY A 49 2.74 0.72 8.63
C GLY A 49 2.15 1.89 7.88
N ASP A 50 1.93 1.71 6.58
CA ASP A 50 1.36 2.76 5.75
C ASP A 50 -0.10 2.46 5.41
N ARG A 51 -0.93 3.50 5.43
CA ARG A 51 -2.35 3.35 5.12
C ARG A 51 -2.61 3.59 3.64
N ILE A 52 -3.67 2.96 3.13
CA ILE A 52 -4.03 3.10 1.72
C ILE A 52 -5.28 3.96 1.56
N ILE A 53 -5.23 4.92 0.63
CA ILE A 53 -6.36 5.80 0.38
C ILE A 53 -7.03 5.47 -0.94
N LYS A 54 -6.24 5.02 -1.91
CA LYS A 54 -6.76 4.66 -3.22
C LYS A 54 -5.92 3.57 -3.85
N VAL A 55 -6.51 2.84 -4.79
CA VAL A 55 -5.80 1.76 -5.48
C VAL A 55 -6.17 1.73 -6.96
N ASN A 56 -5.21 2.08 -7.81
CA ASN A 56 -5.43 2.09 -9.26
C ASN A 56 -6.55 3.06 -9.63
N GLY A 57 -6.55 4.23 -9.00
CA GLY A 57 -7.56 5.22 -9.28
C GLY A 57 -8.91 4.86 -8.71
N THR A 58 -8.90 4.06 -7.65
CA THR A 58 -10.15 3.64 -7.00
C THR A 58 -10.01 3.65 -5.49
N LEU A 59 -10.79 4.50 -4.84
CA LEU A 59 -10.75 4.61 -3.38
C LEU A 59 -11.15 3.30 -2.71
N VAL A 60 -12.44 3.00 -2.73
CA VAL A 60 -12.95 1.76 -2.14
C VAL A 60 -12.72 1.76 -0.63
N THR A 61 -13.83 1.82 0.12
CA THR A 61 -13.75 1.83 1.58
C THR A 61 -14.51 0.64 2.16
N HIS A 62 -14.53 -0.46 1.43
CA HIS A 62 -15.23 -1.67 1.87
C HIS A 62 -14.87 -2.86 0.98
N SER A 63 -14.07 -3.77 1.51
CA SER A 63 -13.66 -4.95 0.78
C SER A 63 -12.91 -5.93 1.67
N ASN A 64 -12.82 -7.18 1.23
CA ASN A 64 -12.13 -8.22 1.99
C ASN A 64 -10.67 -8.31 1.59
N HIS A 65 -9.88 -9.04 2.38
CA HIS A 65 -8.46 -9.22 2.09
C HIS A 65 -8.25 -9.86 0.73
N LEU A 66 -9.06 -10.86 0.43
CA LEU A 66 -8.97 -11.57 -0.85
C LEU A 66 -9.07 -10.58 -2.02
N GLU A 67 -10.01 -9.64 -1.91
CA GLU A 67 -10.20 -8.64 -2.95
C GLU A 67 -8.98 -7.74 -3.04
N VAL A 68 -8.41 -7.40 -1.89
CA VAL A 68 -7.24 -6.55 -1.85
C VAL A 68 -6.04 -7.26 -2.47
N VAL A 69 -5.84 -8.52 -2.09
CA VAL A 69 -4.73 -9.30 -2.63
C VAL A 69 -4.94 -9.52 -4.11
N LYS A 70 -6.18 -9.82 -4.50
CA LYS A 70 -6.49 -10.03 -5.92
C LYS A 70 -6.31 -8.74 -6.70
N LEU A 71 -6.68 -7.62 -6.08
CA LEU A 71 -6.54 -6.32 -6.71
C LEU A 71 -5.08 -5.95 -6.87
N ILE A 72 -4.31 -6.12 -5.80
CA ILE A 72 -2.89 -5.80 -5.83
C ILE A 72 -2.13 -6.78 -6.72
N LYS A 73 -2.53 -8.05 -6.67
CA LYS A 73 -1.89 -9.07 -7.48
C LYS A 73 -2.30 -8.96 -8.95
N SER A 74 -3.49 -8.39 -9.19
CA SER A 74 -4.00 -8.23 -10.54
C SER A 74 -3.12 -7.27 -11.34
N GLY A 75 -2.01 -7.79 -11.85
CA GLY A 75 -1.10 -6.96 -12.64
C GLY A 75 0.24 -6.76 -11.95
N SER A 76 1.30 -6.71 -12.73
CA SER A 76 2.64 -6.52 -12.19
C SER A 76 2.80 -5.10 -11.64
N TYR A 77 2.42 -4.12 -12.44
CA TYR A 77 2.52 -2.71 -12.03
C TYR A 77 1.20 -2.21 -11.47
N VAL A 78 1.23 -1.77 -10.21
CA VAL A 78 0.03 -1.27 -9.55
C VAL A 78 0.33 0.02 -8.78
N ALA A 79 -0.54 1.01 -8.95
CA ALA A 79 -0.37 2.28 -8.27
C ALA A 79 -1.51 2.53 -7.26
N LEU A 80 -1.16 2.62 -5.99
CA LEU A 80 -2.15 2.85 -4.94
C LEU A 80 -1.72 3.98 -4.02
N THR A 81 -2.60 4.96 -3.83
CA THR A 81 -2.32 6.10 -2.97
C THR A 81 -2.26 5.68 -1.51
N VAL A 82 -1.21 6.09 -0.81
CA VAL A 82 -1.05 5.76 0.60
C VAL A 82 -0.82 7.01 1.44
N GLN A 83 -0.88 6.84 2.75
CA GLN A 83 -0.67 7.96 3.67
C GLN A 83 0.13 7.52 4.89
N GLY A 84 1.21 8.24 5.18
CA GLY A 84 2.04 7.90 6.31
C GLY A 84 2.54 9.13 7.06
N ARG A 85 3.49 8.92 7.98
CA ARG A 85 4.05 10.01 8.77
C ARG A 85 5.46 9.68 9.23
N PRO A 86 6.48 10.07 8.46
CA PRO A 86 7.89 9.81 8.80
C PRO A 86 8.33 10.58 10.04
N PRO A 87 8.58 9.88 11.16
CA PRO A 87 9.02 10.51 12.41
C PRO A 87 10.46 11.00 12.34
N GLY A 88 11.33 10.15 11.80
CA GLY A 88 12.74 10.51 11.69
C GLY A 88 13.18 10.72 10.26
N SER A 89 12.41 11.51 9.52
CA SER A 89 12.71 11.79 8.12
C SER A 89 12.71 10.51 7.29
N GLY A 1 -8.94 13.65 -2.01
CA GLY A 1 -8.90 13.36 -0.55
C GLY A 1 -7.49 13.04 -0.07
N SER A 2 -6.60 14.02 -0.17
CA SER A 2 -5.22 13.85 0.25
C SER A 2 -4.95 14.62 1.54
N HIS A 3 -5.85 14.47 2.51
CA HIS A 3 -5.70 15.16 3.79
C HIS A 3 -6.48 14.43 4.88
N MET A 4 -6.59 13.11 4.75
CA MET A 4 -7.31 12.30 5.72
C MET A 4 -6.60 12.31 7.07
N GLY A 5 -5.28 12.41 7.03
CA GLY A 5 -4.51 12.44 8.26
C GLY A 5 -3.52 13.60 8.30
N LEU A 6 -2.38 13.43 7.64
CA LEU A 6 -1.36 14.47 7.60
C LEU A 6 -0.95 14.77 6.16
N VAL A 7 -0.15 13.88 5.59
CA VAL A 7 0.33 14.04 4.22
C VAL A 7 0.20 12.75 3.43
N GLN A 8 -0.39 12.84 2.24
CA GLN A 8 -0.58 11.67 1.38
C GLN A 8 0.42 11.66 0.23
N ARG A 9 0.96 10.50 -0.06
CA ARG A 9 1.93 10.36 -1.15
C ARG A 9 1.58 9.17 -2.03
N CYS A 10 2.02 9.23 -3.30
CA CYS A 10 1.76 8.17 -4.25
C CYS A 10 2.99 7.29 -4.44
N VAL A 11 2.77 5.99 -4.54
CA VAL A 11 3.87 5.05 -4.72
C VAL A 11 3.54 4.03 -5.82
N ILE A 12 4.55 3.63 -6.58
CA ILE A 12 4.37 2.67 -7.65
C ILE A 12 5.11 1.37 -7.35
N ILE A 13 4.35 0.33 -7.03
CA ILE A 13 4.93 -0.97 -6.72
C ILE A 13 4.70 -1.96 -7.86
N GLN A 14 5.78 -2.57 -8.33
CA GLN A 14 5.71 -3.53 -9.42
C GLN A 14 5.82 -4.96 -8.90
N LYS A 15 5.01 -5.85 -9.45
CA LYS A 15 5.01 -7.25 -9.04
C LYS A 15 6.24 -7.98 -9.59
N ASP A 16 6.96 -8.66 -8.70
CA ASP A 16 8.16 -9.39 -9.10
C ASP A 16 7.88 -10.89 -9.15
N ASP A 17 8.94 -11.67 -9.30
CA ASP A 17 8.82 -13.13 -9.36
C ASP A 17 8.15 -13.67 -8.10
N ASN A 18 8.45 -13.06 -6.96
CA ASN A 18 7.89 -13.48 -5.69
C ASN A 18 6.41 -13.12 -5.61
N GLY A 19 6.08 -11.91 -6.03
CA GLY A 19 4.70 -11.46 -5.99
C GLY A 19 4.39 -10.60 -4.78
N PHE A 20 4.84 -9.34 -4.81
CA PHE A 20 4.61 -8.43 -3.71
C PHE A 20 5.27 -8.94 -2.43
N GLY A 21 6.26 -8.20 -1.93
CA GLY A 21 6.95 -8.59 -0.72
C GLY A 21 6.29 -8.05 0.53
N LEU A 22 5.92 -6.77 0.49
CA LEU A 22 5.27 -6.13 1.63
C LEU A 22 4.02 -6.87 2.05
N THR A 23 3.77 -6.94 3.34
CA THR A 23 2.59 -7.62 3.87
C THR A 23 1.51 -6.62 4.24
N VAL A 24 0.33 -6.77 3.64
CA VAL A 24 -0.80 -5.88 3.91
C VAL A 24 -1.98 -6.65 4.49
N SER A 25 -2.60 -6.08 5.51
CA SER A 25 -3.76 -6.71 6.14
C SER A 25 -4.71 -5.66 6.70
N GLY A 26 -6.00 -5.83 6.40
CA GLY A 26 -6.99 -4.89 6.88
C GLY A 26 -8.41 -5.34 6.57
N ASP A 27 -9.21 -5.49 7.62
CA ASP A 27 -10.60 -5.92 7.46
C ASP A 27 -11.38 -4.94 6.59
N ASN A 28 -11.69 -3.77 7.16
CA ASN A 28 -12.43 -2.74 6.44
C ASN A 28 -11.49 -1.88 5.60
N PRO A 29 -10.44 -1.32 6.22
CA PRO A 29 -9.46 -0.48 5.53
C PRO A 29 -8.38 -1.29 4.83
N VAL A 30 -7.32 -0.61 4.40
CA VAL A 30 -6.21 -1.28 3.72
C VAL A 30 -4.88 -0.61 4.07
N PHE A 31 -4.20 -1.14 5.07
CA PHE A 31 -2.91 -0.60 5.49
C PHE A 31 -1.83 -1.68 5.52
N VAL A 32 -0.62 -1.32 5.10
CA VAL A 32 0.49 -2.27 5.08
C VAL A 32 1.23 -2.25 6.41
N GLN A 33 1.43 -3.44 6.99
CA GLN A 33 2.14 -3.56 8.25
C GLN A 33 3.60 -3.96 8.03
N SER A 34 3.85 -4.69 6.96
CA SER A 34 5.20 -5.13 6.64
C SER A 34 5.61 -4.67 5.25
N VAL A 35 6.90 -4.37 5.08
CA VAL A 35 7.41 -3.91 3.80
C VAL A 35 8.72 -4.62 3.44
N LYS A 36 8.78 -5.17 2.24
CA LYS A 36 9.98 -5.87 1.78
C LYS A 36 11.16 -4.91 1.63
N GLU A 37 12.14 -5.04 2.50
CA GLU A 37 13.33 -4.19 2.47
C GLU A 37 14.43 -4.81 1.62
N ASP A 38 14.04 -5.34 0.47
CA ASP A 38 14.99 -5.96 -0.45
C ASP A 38 14.27 -6.46 -1.70
N GLY A 39 13.26 -5.73 -2.13
CA GLY A 39 12.52 -6.12 -3.32
C GLY A 39 11.68 -4.99 -3.89
N ALA A 40 10.52 -5.33 -4.44
CA ALA A 40 9.63 -4.35 -5.02
C ALA A 40 9.17 -3.32 -3.98
N ALA A 41 8.90 -3.79 -2.77
CA ALA A 41 8.45 -2.91 -1.70
C ALA A 41 9.49 -1.82 -1.42
N MET A 42 10.75 -2.21 -1.31
CA MET A 42 11.83 -1.26 -1.05
C MET A 42 12.12 -0.42 -2.28
N ARG A 43 12.15 -1.08 -3.44
CA ARG A 43 12.42 -0.38 -4.70
C ARG A 43 11.37 0.69 -4.96
N ALA A 44 10.15 0.45 -4.48
CA ALA A 44 9.06 1.40 -4.67
C ALA A 44 9.09 2.50 -3.62
N GLY A 45 9.84 2.27 -2.55
CA GLY A 45 9.94 3.26 -1.49
C GLY A 45 8.71 3.29 -0.59
N VAL A 46 8.39 2.14 -0.01
CA VAL A 46 7.23 2.02 0.87
C VAL A 46 7.65 2.12 2.34
N GLN A 47 6.70 2.47 3.20
CA GLN A 47 6.96 2.61 4.62
C GLN A 47 6.10 1.63 5.42
N THR A 48 6.64 1.17 6.56
CA THR A 48 5.93 0.24 7.42
C THR A 48 4.75 0.92 8.10
N GLY A 49 3.58 0.30 8.00
CA GLY A 49 2.39 0.86 8.62
C GLY A 49 1.77 1.97 7.79
N ASP A 50 1.88 1.84 6.47
CA ASP A 50 1.32 2.85 5.57
C ASP A 50 -0.13 2.54 5.23
N ARG A 51 -0.98 3.56 5.30
CA ARG A 51 -2.40 3.40 5.01
C ARG A 51 -2.69 3.62 3.53
N ILE A 52 -3.44 2.69 2.94
CA ILE A 52 -3.78 2.78 1.53
C ILE A 52 -5.15 3.41 1.33
N ILE A 53 -5.21 4.48 0.55
CA ILE A 53 -6.47 5.16 0.28
C ILE A 53 -7.09 4.70 -1.03
N LYS A 54 -6.25 4.57 -2.06
CA LYS A 54 -6.71 4.14 -3.37
C LYS A 54 -5.73 3.15 -4.00
N VAL A 55 -6.26 2.26 -4.83
CA VAL A 55 -5.43 1.26 -5.50
C VAL A 55 -5.82 1.12 -6.96
N ASN A 56 -4.98 1.65 -7.85
CA ASN A 56 -5.23 1.58 -9.28
C ASN A 56 -6.53 2.30 -9.64
N GLY A 57 -6.73 3.47 -9.05
CA GLY A 57 -7.93 4.24 -9.31
C GLY A 57 -9.16 3.64 -8.68
N THR A 58 -8.97 2.91 -7.58
CA THR A 58 -10.08 2.27 -6.89
C THR A 58 -10.04 2.61 -5.40
N LEU A 59 -10.55 3.80 -5.06
CA LEU A 59 -10.58 4.25 -3.68
C LEU A 59 -11.45 3.34 -2.83
N VAL A 60 -12.46 2.74 -3.45
CA VAL A 60 -13.36 1.83 -2.75
C VAL A 60 -12.65 0.55 -2.34
N THR A 61 -13.11 -0.07 -1.27
CA THR A 61 -12.52 -1.30 -0.78
C THR A 61 -13.60 -2.32 -0.42
N HIS A 62 -13.17 -3.54 -0.12
CA HIS A 62 -14.10 -4.61 0.24
C HIS A 62 -13.82 -5.13 1.64
N SER A 63 -14.63 -6.09 2.09
CA SER A 63 -14.47 -6.67 3.41
C SER A 63 -13.47 -7.82 3.39
N ASN A 64 -13.41 -8.51 2.25
CA ASN A 64 -12.50 -9.64 2.09
C ASN A 64 -11.11 -9.18 1.66
N HIS A 65 -10.10 -9.52 2.45
CA HIS A 65 -8.72 -9.14 2.15
C HIS A 65 -8.24 -9.81 0.87
N LEU A 66 -8.67 -11.06 0.67
CA LEU A 66 -8.27 -11.83 -0.52
C LEU A 66 -8.62 -11.05 -1.79
N GLU A 67 -9.81 -10.46 -1.81
CA GLU A 67 -10.26 -9.69 -2.96
C GLU A 67 -9.34 -8.50 -3.17
N VAL A 68 -8.99 -7.81 -2.09
CA VAL A 68 -8.12 -6.66 -2.16
C VAL A 68 -6.74 -7.08 -2.64
N VAL A 69 -6.22 -8.15 -2.07
CA VAL A 69 -4.92 -8.68 -2.46
C VAL A 69 -4.93 -9.10 -3.92
N LYS A 70 -6.01 -9.78 -4.32
CA LYS A 70 -6.15 -10.23 -5.69
C LYS A 70 -6.28 -9.04 -6.63
N LEU A 71 -7.00 -8.01 -6.18
CA LEU A 71 -7.18 -6.80 -6.97
C LEU A 71 -5.88 -6.04 -7.11
N ILE A 72 -5.12 -5.96 -6.03
CA ILE A 72 -3.84 -5.27 -6.04
C ILE A 72 -2.80 -6.07 -6.83
N LYS A 73 -2.84 -7.38 -6.68
CA LYS A 73 -1.91 -8.26 -7.37
C LYS A 73 -2.26 -8.38 -8.86
N SER A 74 -3.53 -8.19 -9.18
CA SER A 74 -3.99 -8.29 -10.57
C SER A 74 -3.35 -7.20 -11.43
N GLY A 75 -2.11 -7.44 -11.86
CA GLY A 75 -1.41 -6.47 -12.68
C GLY A 75 0.04 -6.30 -12.27
N SER A 76 0.92 -6.09 -13.25
CA SER A 76 2.34 -5.91 -12.99
C SER A 76 2.59 -4.55 -12.33
N TYR A 77 2.12 -3.49 -12.97
CA TYR A 77 2.30 -2.14 -12.45
C TYR A 77 1.08 -1.71 -11.65
N VAL A 78 1.27 -1.43 -10.37
CA VAL A 78 0.18 -1.00 -9.50
C VAL A 78 0.51 0.31 -8.81
N ALA A 79 -0.36 1.30 -8.99
CA ALA A 79 -0.18 2.61 -8.39
C ALA A 79 -1.29 2.91 -7.39
N LEU A 80 -0.99 2.75 -6.10
CA LEU A 80 -1.95 2.99 -5.04
C LEU A 80 -1.55 4.21 -4.20
N THR A 81 -2.53 5.04 -3.88
CA THR A 81 -2.28 6.23 -3.07
C THR A 81 -2.32 5.89 -1.58
N VAL A 82 -1.17 6.02 -0.92
CA VAL A 82 -1.08 5.72 0.51
C VAL A 82 -0.82 6.98 1.32
N GLN A 83 -0.92 6.85 2.64
CA GLN A 83 -0.70 7.98 3.53
C GLN A 83 0.28 7.61 4.64
N GLY A 84 1.11 8.57 5.04
CA GLY A 84 2.08 8.32 6.09
C GLY A 84 3.10 9.43 6.21
N ARG A 85 4.05 9.27 7.13
CA ARG A 85 5.09 10.28 7.34
C ARG A 85 6.45 9.61 7.53
N PRO A 86 7.42 9.92 6.65
CA PRO A 86 8.77 9.34 6.72
C PRO A 86 9.43 9.59 8.09
N PRO A 87 9.34 10.83 8.60
CA PRO A 87 9.94 11.18 9.90
C PRO A 87 9.44 10.29 11.03
N GLY A 88 10.14 10.31 12.15
CA GLY A 88 9.74 9.50 13.29
C GLY A 88 10.17 8.05 13.15
N SER A 89 9.61 7.37 12.15
CA SER A 89 9.94 5.97 11.91
C SER A 89 10.24 5.73 10.43
#